data_5X0Y
#
_entry.id   5X0Y
#
_cell.length_a   1.0
_cell.length_b   1.0
_cell.length_c   1.0
_cell.angle_alpha   90.0
_cell.angle_beta   90.0
_cell.angle_gamma   90.0
#
_symmetry.space_group_name_H-M   'P 1'
#
loop_
_entity.id
_entity.type
_entity.pdbx_description
1 polymer 'Histone H3.2'
2 polymer 'Histone H4'
3 polymer 'Histone H2A'
4 polymer 'Histone H2B 1.1'
5 polymer 'DNA (167-MER)'
6 polymer 'DNA (167-MER)'
7 polymer 'Transcription regulatory protein SNF2'
#
loop_
_entity_poly.entity_id
_entity_poly.type
_entity_poly.pdbx_seq_one_letter_code
_entity_poly.pdbx_strand_id
1 'polypeptide(L)'
;ARTKQTARKSTGGKAPRKQLATKAARKSAPATGGVKKPHRYRPGTVALREIRRYQKSTELLIRKLPFQRLVREIAQDFKT
DLRFQSSAVMALQEASEAYLVGLFEDTNLCAIHAKRVTIMPKDIQLARRIRGERA
;
A,E
2 'polypeptide(L)'
;SGRGKGGKGLGKGGAKRHRKVLRDNIQGITKPAIRRLARRGGVKRISGLIYEETRGVLKVFLENVIRDAVTYTEHAKRKT
VTAMDVVYALKRQGRTLYGFGG
;
B,F
3 'polypeptide(L)'
;SGRGKQGGKTRAKAKTRSSRAGLQFPVGRVHRLLRKGNYAERVGAGAPVYLAAVLEYLTAEILELAGNAARDNKKTRIIP
RHLQLAVRNDEELNKLLGRVTIAQGGVLPNIQSVLLPKKTESSKSAKSK
;
C,G
4 'polypeptide(L)'
;AKSAPAPKKGSKKAVTKTQKKDGKKRRKTRKESYAIYVYKVLKQVHPDTGISSKAMSIMNSFVNDVFERIAGEASRLAHY
NKRSTITSREIQTAVRLLLPGELAKHAVSEGTKAVTKYTSAK
;
D,H
5 'polydeoxyribonucleotide'
;(DA)(DT)(DC)(DG)(DA)(DG)(DA)(DA)(DT)(DC)(DC)(DC)(DG)(DG)(DT)(DG)(DC)(DC)(DG)(DA)
(DG)(DG)(DC)(DC)(DG)(DC)(DT)(DC)(DA)(DA)(DT)(DT)(DG)(DG)(DT)(DC)(DG)(DT)(DA)(DG)
(DA)(DC)(DA)(DG)(DC)(DT)(DC)(DT)(DA)(DG)(DC)(DA)(DC)(DC)(DG)(DC)(DT)(DT)(DA)(DA)
(DA)(DC)(DG)(DC)(DA)(DC)(DG)(DT)(DA)(DC)(DG)(DC)(DG)(DC)(DT)(DG)(DT)(DC)(DC)(DC)
(DC)(DC)(DG)(DC)(DG)(DT)(DT)(DT)(DT)(DA)(DA)(DC)(DC)(DG)(DC)(DC)(DA)(DA)(DG)(DG)
(DG)(DG)(DA)(DT)(DT)(DA)(DC)(DT)(DC)(DC)(DC)(DT)(DA)(DG)(DT)(DC)(DT)(DC)(DC)(DA)
(DG)(DG)(DC)(DA)(DC)(DG)(DT)(DG)(DT)(DC)(DA)(DG)(DA)(DT)(DA)(DT)(DA)(DT)(DA)(DC)
(DA)(DT)(DC)(DC)(DG)(DA)(DT)(DA)(DG)(DC)(DT)(DT)(DG)(DT)(DC)(DG)(DA)(DG)(DA)(DA)
(DG)(DT)(DA)(DC)(DG)(DA)(DT)
;
I
6 'polydeoxyribonucleotide'
;(DA)(DT)(DC)(DG)(DT)(DA)(DC)(DT)(DT)(DC)(DT)(DC)(DG)(DA)(DC)(DA)(DA)(DG)(DC)(DT)
(DA)(DT)(DC)(DG)(DG)(DA)(DT)(DG)(DT)(DA)(DT)(DA)(DT)(DA)(DT)(DC)(DT)(DG)(DA)(DC)
(DA)(DC)(DG)(DT)(DG)(DC)(DC)(DT)(DG)(DG)(DA)(DG)(DA)(DC)(DT)(DA)(DG)(DG)(DG)(DA)
(DG)(DT)(DA)(DA)(DT)(DC)(DC)(DC)(DC)(DT)(DT)(DG)(DG)(DC)(DG)(DG)(DT)(DT)(DA)(DA)
(DA)(DA)(DC)(DG)(DC)(DG)(DG)(DG)(DG)(DG)(DA)(DC)(DA)(DG)(DC)(DG)(DC)(DG)(DT)(DA)
(DC)(DG)(DT)(DG)(DC)(DG)(DT)(DT)(DT)(DA)(DA)(DG)(DC)(DG)(DG)(DT)(DG)(DC)(DT)(DA)
(DG)(DA)(DG)(DC)(DT)(DG)(DT)(DC)(DT)(DA)(DC)(DG)(DA)(DC)(DC)(DA)(DA)(DT)(DT)(DG)
(DA)(DG)(DC)(DG)(DG)(DC)(DC)(DT)(DC)(DG)(DG)(DC)(DA)(DC)(DC)(DG)(DG)(DG)(DA)(DT)
(DT)(DC)(DT)(DC)(DG)(DA)(DT)
;
J
7 'polypeptide(L)'
;AYIKLLDQTKDTRITHLLRQTNAFLDSLTRAVKDQQKYTKEMIDSHIKEASEEVDDLSMVPKMKDEEYDDDDDNSNVDYY
NVAHRIKEDIKKQPSILVGGTLKDYQIKGLQWMVSLFNNHLNGILADEMGLGKTIQTISLLTYLYEMKNIRGPYLVIVPL
STLSNWSSEFAKWAPTLRTISFKGSPNERKAKQAKIRAGEFDVVLTTFEYIIKERALLSKVKWVHMIIDEGHRMKNAQSK
LSLTLNTHYHADYRLILTGTPLQNNLPELWALLNFVLPKIFNSVKSFDEWFNTPFANTGGQDKIELSEEETLLVIRRLHK
VLRPFLLRRLKKDVEKELPDKVEKVVKCKMSALQQIMYQQMLKYRRLFIGDQNNKKMVGLRGFNNQIMQLKKICNHPFVF
EEVEDQINPTRETNDDIWRVAGKFELLDRILPKLKATGHRVLIFFQMTQIMDIMEDFLRYINIKYLRLDGHTKSDERSEL
LRLFNAPDSEYLCFILSTRAGGLGLNLQTADTVIIFDTDWNPHQDLQAQDRAHRIGQKNEVRILRLITTNSVEEVILERA
YKKLDIDGKVIQAGKFDNKSTSEEQEALLRSLLDAEEERRKKRESGVEEEEELKDSEINEILARNDEEMAVLTRMDEDRS
KKEEELGVKSRLLEKSELPDIYSRDIGAELKREESESAAVYNGRGARERKTATYNDNMSEEQWLRQFEVSDDEKNDKQAR
KQRTKKEDKSEAIDG
;
O
#
loop_
_chem_comp.id
_chem_comp.type
_chem_comp.name
_chem_comp.formula
DA DNA linking 2'-DEOXYADENOSINE-5'-MONOPHOSPHATE 'C10 H14 N5 O6 P'
DC DNA linking 2'-DEOXYCYTIDINE-5'-MONOPHOSPHATE 'C9 H14 N3 O7 P'
DG DNA linking 2'-DEOXYGUANOSINE-5'-MONOPHOSPHATE 'C10 H14 N5 O7 P'
DT DNA linking THYMIDINE-5'-MONOPHOSPHATE 'C10 H15 N2 O8 P'
#
# COMPACT_ATOMS: atom_id res chain seq x y z
N LYS A 37 -32.18 8.31 37.39
CA LYS A 37 -30.80 8.75 37.34
C LYS A 37 -30.04 8.07 36.20
N PRO A 38 -29.27 8.86 35.45
CA PRO A 38 -28.46 8.28 34.37
C PRO A 38 -27.47 7.27 34.91
N HIS A 39 -26.95 6.46 34.01
CA HIS A 39 -25.99 5.43 34.36
C HIS A 39 -24.65 5.78 33.73
N ARG A 40 -23.70 6.22 34.57
CA ARG A 40 -22.35 6.52 34.14
C ARG A 40 -21.36 5.82 35.05
N TYR A 41 -20.39 5.12 34.43
CA TYR A 41 -19.38 4.43 35.21
C TYR A 41 -18.33 5.41 35.70
N ARG A 42 -17.67 5.03 36.80
CA ARG A 42 -16.66 5.92 37.35
C ARG A 42 -15.56 6.16 36.32
N PRO A 43 -14.94 7.33 36.36
CA PRO A 43 -13.98 7.70 35.32
C PRO A 43 -12.92 6.65 35.12
N GLY A 44 -12.56 6.43 33.86
CA GLY A 44 -11.50 5.52 33.50
C GLY A 44 -11.90 4.07 33.48
N THR A 45 -12.99 3.70 34.16
CA THR A 45 -13.40 2.31 34.17
C THR A 45 -13.53 1.79 32.76
N VAL A 46 -14.13 2.61 31.90
CA VAL A 46 -14.21 2.29 30.48
C VAL A 46 -12.81 1.97 29.96
N ALA A 47 -11.88 2.89 30.17
CA ALA A 47 -10.54 2.72 29.61
C ALA A 47 -9.97 1.35 29.94
N LEU A 48 -10.02 0.97 31.21
CA LEU A 48 -9.54 -0.34 31.60
C LEU A 48 -10.24 -1.42 30.82
N ARG A 49 -11.58 -1.43 30.89
CA ARG A 49 -12.33 -2.48 30.23
C ARG A 49 -11.90 -2.64 28.79
N GLU A 50 -11.69 -1.52 28.10
CA GLU A 50 -11.09 -1.61 26.77
C GLU A 50 -9.76 -2.33 26.83
N ILE A 51 -8.82 -1.82 27.61
CA ILE A 51 -7.47 -2.39 27.60
C ILE A 51 -7.53 -3.90 27.70
N ARG A 52 -8.43 -4.42 28.53
CA ARG A 52 -8.73 -5.84 28.47
C ARG A 52 -9.11 -6.26 27.06
N ARG A 53 -10.13 -5.60 26.51
CA ARG A 53 -10.59 -5.90 25.16
C ARG A 53 -9.42 -5.96 24.18
N TYR A 54 -8.72 -4.84 24.00
CA TYR A 54 -7.66 -4.78 23.00
C TYR A 54 -6.59 -5.83 23.22
N GLN A 55 -6.04 -5.90 24.43
CA GLN A 55 -5.04 -6.94 24.66
C GLN A 55 -5.59 -8.31 24.29
N LYS A 56 -6.89 -8.47 24.39
CA LYS A 56 -7.53 -9.74 24.11
C LYS A 56 -7.84 -9.93 22.64
N SER A 57 -7.45 -8.99 21.78
CA SER A 57 -7.86 -9.00 20.38
C SER A 57 -6.69 -8.66 19.46
N THR A 58 -6.71 -9.28 18.28
CA THR A 58 -5.54 -9.31 17.40
C THR A 58 -5.40 -8.06 16.53
N GLU A 59 -6.46 -7.69 15.82
CA GLU A 59 -6.37 -7.07 14.51
C GLU A 59 -5.75 -5.66 14.52
N LEU A 60 -5.32 -5.22 13.33
CA LEU A 60 -4.90 -3.83 13.14
C LEU A 60 -6.02 -2.87 13.48
N LEU A 61 -5.68 -1.84 14.22
CA LEU A 61 -6.68 -0.93 14.74
C LEU A 61 -6.80 0.37 13.97
N ILE A 62 -6.04 0.55 12.90
CA ILE A 62 -6.04 1.80 12.17
C ILE A 62 -6.69 1.58 10.81
N ARG A 63 -7.57 2.51 10.44
CA ARG A 63 -8.36 2.38 9.23
C ARG A 63 -7.47 2.25 8.01
N LYS A 64 -7.85 1.36 7.10
CA LYS A 64 -6.97 1.03 5.99
C LYS A 64 -6.66 2.24 5.14
N LEU A 65 -7.69 2.85 4.58
CA LEU A 65 -7.46 3.92 3.62
C LEU A 65 -6.54 5.00 4.16
N PRO A 66 -6.93 5.70 5.23
CA PRO A 66 -6.18 6.90 5.60
C PRO A 66 -4.72 6.59 5.71
N PHE A 67 -4.46 5.44 6.31
CA PHE A 67 -3.11 4.91 6.36
C PHE A 67 -2.53 4.88 4.96
N GLN A 68 -3.25 4.30 4.02
CA GLN A 68 -2.72 4.19 2.67
C GLN A 68 -2.45 5.56 2.07
N ARG A 69 -3.50 6.38 1.97
CA ARG A 69 -3.36 7.70 1.37
C ARG A 69 -2.15 8.41 1.95
N LEU A 70 -1.97 8.27 3.26
CA LEU A 70 -0.74 8.75 3.86
C LEU A 70 0.46 8.12 3.19
N VAL A 71 0.50 6.79 3.11
CA VAL A 71 1.70 6.12 2.64
C VAL A 71 2.08 6.63 1.27
N ARG A 72 1.18 6.45 0.31
CA ARG A 72 1.45 6.92 -1.04
C ARG A 72 1.86 8.38 -1.01
N GLU A 73 1.09 9.18 -0.27
CA GLU A 73 1.41 10.60 -0.14
C GLU A 73 2.87 10.80 0.23
N ILE A 74 3.40 9.93 1.08
CA ILE A 74 4.80 10.05 1.46
C ILE A 74 5.69 9.65 0.29
N ALA A 75 5.46 8.45 -0.24
CA ALA A 75 6.31 7.94 -1.29
C ALA A 75 6.42 8.88 -2.47
N GLN A 76 5.41 9.74 -2.65
CA GLN A 76 5.48 10.77 -3.67
C GLN A 76 6.83 11.46 -3.63
N ASP A 77 7.32 11.69 -2.43
CA ASP A 77 8.43 12.62 -2.26
C ASP A 77 9.75 12.05 -2.74
N PHE A 78 9.80 10.79 -3.11
CA PHE A 78 11.07 10.23 -3.53
C PHE A 78 11.07 9.97 -5.02
N LYS A 79 10.41 8.89 -5.45
CA LYS A 79 10.13 8.69 -6.85
C LYS A 79 8.64 8.58 -7.04
N THR A 80 8.11 9.32 -7.99
CA THR A 80 6.68 9.38 -8.16
C THR A 80 6.13 8.03 -8.61
N ASP A 81 4.83 7.87 -8.44
CA ASP A 81 4.03 6.97 -9.26
C ASP A 81 4.48 5.52 -9.10
N LEU A 82 4.19 4.95 -7.93
CA LEU A 82 4.70 3.63 -7.61
C LEU A 82 3.56 2.73 -7.15
N ARG A 83 3.30 1.69 -7.93
CA ARG A 83 2.30 0.71 -7.56
C ARG A 83 2.70 0.01 -6.29
N PHE A 84 1.71 -0.23 -5.43
CA PHE A 84 1.94 -0.87 -4.14
C PHE A 84 0.94 -2.00 -3.99
N GLN A 85 1.44 -3.23 -3.99
CA GLN A 85 0.58 -4.34 -3.62
C GLN A 85 0.01 -4.09 -2.25
N SER A 86 -1.29 -4.33 -2.12
CA SER A 86 -1.95 -4.17 -0.83
C SER A 86 -1.15 -4.85 0.26
N SER A 87 -0.65 -6.05 -0.02
CA SER A 87 0.11 -6.79 0.96
C SER A 87 1.19 -5.94 1.58
N ALA A 88 2.07 -5.40 0.74
CA ALA A 88 3.17 -4.60 1.24
C ALA A 88 2.68 -3.53 2.21
N VAL A 89 1.67 -2.79 1.80
CA VAL A 89 1.13 -1.76 2.68
C VAL A 89 0.70 -2.38 4.00
N MET A 90 0.00 -3.51 3.92
CA MET A 90 -0.36 -4.22 5.14
C MET A 90 0.85 -4.36 6.05
N ALA A 91 1.96 -4.85 5.47
CA ALA A 91 3.18 -4.96 6.26
C ALA A 91 3.49 -3.67 6.95
N LEU A 92 3.56 -2.58 6.19
CA LEU A 92 3.89 -1.33 6.85
C LEU A 92 2.96 -1.06 8.01
N GLN A 93 1.68 -1.36 7.85
CA GLN A 93 0.77 -1.06 8.94
C GLN A 93 1.08 -1.93 10.14
N GLU A 94 1.52 -3.15 9.91
CA GLU A 94 2.08 -3.92 11.00
C GLU A 94 3.18 -3.15 11.68
N ALA A 95 4.29 -2.97 10.96
CA ALA A 95 5.49 -2.40 11.55
C ALA A 95 5.15 -1.17 12.35
N SER A 96 4.37 -0.28 11.76
CA SER A 96 3.93 0.90 12.48
C SER A 96 3.20 0.49 13.74
N GLU A 97 2.00 -0.08 13.61
CA GLU A 97 1.17 -0.24 14.80
C GLU A 97 1.95 -0.90 15.93
N ALA A 98 2.63 -2.00 15.63
CA ALA A 98 3.47 -2.63 16.64
C ALA A 98 4.42 -1.61 17.25
N TYR A 99 5.19 -0.95 16.38
CA TYR A 99 6.16 0.02 16.82
C TYR A 99 5.55 0.99 17.81
N LEU A 100 4.40 1.55 17.47
CA LEU A 100 3.72 2.41 18.42
C LEU A 100 3.50 1.71 19.74
N VAL A 101 2.86 0.54 19.69
CA VAL A 101 2.53 -0.15 20.92
C VAL A 101 3.72 -0.17 21.85
N GLY A 102 4.88 -0.55 21.32
CA GLY A 102 6.09 -0.46 22.11
C GLY A 102 6.25 0.93 22.68
N LEU A 103 6.26 1.93 21.79
CA LEU A 103 6.61 3.25 22.22
C LEU A 103 5.70 3.74 23.34
N PHE A 104 4.41 3.48 23.21
CA PHE A 104 3.51 3.74 24.33
C PHE A 104 4.06 3.08 25.56
N GLU A 105 4.00 1.76 25.59
CA GLU A 105 4.21 1.06 26.85
C GLU A 105 5.40 1.62 27.58
N ASP A 106 6.46 1.93 26.84
CA ASP A 106 7.61 2.55 27.48
C ASP A 106 7.25 3.92 28.02
N THR A 107 6.74 4.80 27.16
CA THR A 107 6.44 6.15 27.64
C THR A 107 5.53 6.09 28.85
N ASN A 108 4.59 5.16 28.83
CA ASN A 108 3.82 4.82 30.01
C ASN A 108 4.72 4.65 31.22
N LEU A 109 5.69 3.75 31.12
CA LEU A 109 6.62 3.61 32.23
C LEU A 109 7.20 4.95 32.64
N CYS A 110 7.65 5.73 31.67
CA CYS A 110 8.29 7.00 31.99
C CYS A 110 7.41 7.83 32.90
N ALA A 111 6.17 8.09 32.47
CA ALA A 111 5.29 8.90 33.29
C ALA A 111 5.06 8.27 34.64
N ILE A 112 4.89 6.96 34.67
CA ILE A 112 4.75 6.27 35.95
C ILE A 112 5.91 6.66 36.84
N HIS A 113 7.12 6.56 36.30
CA HIS A 113 8.30 6.86 37.07
C HIS A 113 8.32 8.31 37.47
N ALA A 114 7.59 9.15 36.76
CA ALA A 114 7.36 10.51 37.22
C ALA A 114 6.19 10.59 38.18
N LYS A 115 5.58 9.46 38.52
CA LYS A 115 4.48 9.41 39.47
C LYS A 115 3.27 10.16 38.93
N ARG A 116 3.11 10.14 37.63
CA ARG A 116 1.97 10.75 36.97
C ARG A 116 1.29 9.69 36.13
N VAL A 117 -0.03 9.59 36.25
CA VAL A 117 -0.74 8.50 35.62
C VAL A 117 -1.17 8.82 34.21
N THR A 118 -0.79 9.98 33.69
CA THR A 118 -1.14 10.35 32.33
C THR A 118 0.11 10.81 31.60
N ILE A 119 0.32 10.23 30.41
CA ILE A 119 1.50 10.53 29.63
C ILE A 119 1.48 11.99 29.18
N MET A 120 2.67 12.50 28.88
CA MET A 120 2.83 13.87 28.41
C MET A 120 3.98 13.88 27.43
N PRO A 121 3.97 14.79 26.47
CA PRO A 121 4.96 14.71 25.39
C PRO A 121 6.39 14.58 25.88
N LYS A 122 6.74 15.34 26.91
CA LYS A 122 8.08 15.21 27.48
C LYS A 122 8.39 13.75 27.74
N ASP A 123 7.39 12.98 28.14
CA ASP A 123 7.65 11.57 28.40
C ASP A 123 7.99 10.83 27.12
N ILE A 124 7.26 11.10 26.06
CA ILE A 124 7.58 10.47 24.80
C ILE A 124 9.01 10.81 24.43
N GLN A 125 9.24 12.07 24.11
CA GLN A 125 10.53 12.49 23.61
C GLN A 125 11.65 12.03 24.52
N LEU A 126 11.34 11.88 25.80
CA LEU A 126 12.25 11.18 26.68
C LEU A 126 12.48 9.76 26.20
N ALA A 127 11.42 9.00 26.02
CA ALA A 127 11.57 7.59 25.67
C ALA A 127 12.35 7.43 24.38
N ARG A 128 11.92 8.13 23.32
CA ARG A 128 12.70 8.07 22.09
C ARG A 128 14.12 8.51 22.34
N ARG A 129 14.30 9.54 23.17
CA ARG A 129 15.63 10.02 23.50
C ARG A 129 16.50 8.92 24.06
N ILE A 130 15.91 7.98 24.80
CA ILE A 130 16.72 6.86 25.28
C ILE A 130 16.93 5.84 24.20
N ARG A 131 15.90 5.51 23.43
CA ARG A 131 16.22 4.61 22.33
C ARG A 131 17.10 5.25 21.29
N GLY A 132 17.42 6.52 21.42
CA GLY A 132 18.44 7.12 20.60
C GLY A 132 17.96 7.68 19.29
N GLU A 133 16.68 7.51 18.96
CA GLU A 133 16.13 8.16 17.77
C GLU A 133 16.40 9.65 17.78
N ARG A 134 16.41 10.26 18.96
CA ARG A 134 16.72 11.68 19.09
C ARG A 134 18.21 11.91 18.97
N ALA B 15 -12.78 30.40 -4.63
CA ALA B 15 -13.91 29.81 -3.95
C ALA B 15 -13.92 28.29 -4.09
N LYS B 16 -14.94 27.76 -4.76
CA LYS B 16 -15.06 26.32 -4.90
C LYS B 16 -14.00 25.78 -5.85
N ARG B 17 -13.95 26.32 -7.06
CA ARG B 17 -13.07 25.76 -8.09
C ARG B 17 -11.63 25.68 -7.60
N HIS B 18 -11.25 26.57 -6.71
CA HIS B 18 -9.95 26.50 -6.07
C HIS B 18 -10.14 25.70 -4.79
N ARG B 19 -9.63 24.48 -4.79
CA ARG B 19 -9.77 23.63 -3.63
C ARG B 19 -8.54 23.67 -2.73
N LYS B 20 -7.55 24.51 -3.04
CA LYS B 20 -6.24 24.44 -2.41
C LYS B 20 -6.32 24.41 -0.88
N VAL B 21 -7.42 24.87 -0.30
CA VAL B 21 -7.64 24.72 1.13
C VAL B 21 -8.23 23.34 1.38
N LEU B 22 -7.50 22.50 2.11
CA LEU B 22 -7.93 21.12 2.32
C LEU B 22 -7.27 20.57 3.57
N ARG B 23 -7.80 19.45 4.05
CA ARG B 23 -7.19 18.72 5.16
C ARG B 23 -5.77 18.31 4.81
N ASP B 24 -4.83 18.62 5.70
CA ASP B 24 -3.57 17.93 5.63
C ASP B 24 -3.81 16.47 6.01
N ASN B 25 -2.89 15.61 5.59
CA ASN B 25 -3.02 14.22 5.96
C ASN B 25 -2.52 14.08 7.39
N ILE B 26 -2.33 12.85 7.86
CA ILE B 26 -1.84 12.47 9.19
C ILE B 26 -2.85 13.00 10.20
N GLN B 27 -3.73 13.88 9.74
CA GLN B 27 -5.04 13.94 10.33
C GLN B 27 -5.79 12.66 10.00
N GLY B 28 -5.50 12.08 8.84
CA GLY B 28 -6.07 10.79 8.48
C GLY B 28 -5.83 9.74 9.54
N ILE B 29 -4.74 9.85 10.29
CA ILE B 29 -4.61 9.07 11.51
C ILE B 29 -5.53 9.68 12.55
N THR B 30 -6.48 8.89 13.01
CA THR B 30 -7.60 9.45 13.72
C THR B 30 -7.29 9.48 15.20
N LYS B 31 -7.61 10.61 15.82
CA LYS B 31 -7.58 10.70 17.28
C LYS B 31 -8.12 9.46 17.97
N PRO B 32 -9.29 8.93 17.62
CA PRO B 32 -9.74 7.72 18.31
C PRO B 32 -8.86 6.53 18.06
N ALA B 33 -8.35 6.35 16.85
CA ALA B 33 -7.44 5.25 16.61
C ALA B 33 -6.27 5.32 17.57
N ILE B 34 -5.50 6.41 17.48
CA ILE B 34 -4.32 6.62 18.29
C ILE B 34 -4.66 6.25 19.70
N ARG B 35 -5.78 6.79 20.18
CA ARG B 35 -6.23 6.44 21.51
C ARG B 35 -6.33 4.94 21.67
N ARG B 36 -6.96 4.26 20.71
CA ARG B 36 -7.15 2.83 20.84
C ARG B 36 -5.83 2.11 20.99
N LEU B 37 -4.82 2.54 20.24
CA LEU B 37 -3.53 1.87 20.32
C LEU B 37 -2.87 2.12 21.65
N ALA B 38 -2.84 3.38 22.09
CA ALA B 38 -2.37 3.64 23.44
C ALA B 38 -3.03 2.70 24.43
N ARG B 39 -4.31 2.41 24.19
CA ARG B 39 -5.02 1.52 25.10
C ARG B 39 -4.51 0.10 24.98
N ARG B 40 -4.34 -0.42 23.77
CA ARG B 40 -3.85 -1.79 23.67
C ARG B 40 -2.47 -1.90 24.28
N GLY B 41 -1.65 -0.85 24.13
CA GLY B 41 -0.41 -0.78 24.86
C GLY B 41 -0.61 -0.54 26.34
N GLY B 42 -1.73 0.05 26.71
CA GLY B 42 -2.12 0.13 28.10
C GLY B 42 -2.05 1.46 28.79
N VAL B 43 -1.80 2.56 28.10
CA VAL B 43 -1.98 3.84 28.78
C VAL B 43 -3.46 4.03 29.05
N LYS B 44 -3.77 4.40 30.29
CA LYS B 44 -5.16 4.51 30.72
C LYS B 44 -5.71 5.91 30.50
N ARG B 45 -5.12 6.91 31.13
CA ARG B 45 -5.54 8.26 30.88
C ARG B 45 -4.53 8.98 29.99
N ILE B 46 -5.02 9.62 28.94
CA ILE B 46 -4.19 10.23 27.91
C ILE B 46 -4.32 11.73 27.99
N SER B 47 -3.19 12.43 27.96
CA SER B 47 -3.26 13.87 27.79
C SER B 47 -3.40 14.20 26.33
N GLY B 48 -4.07 15.32 26.07
CA GLY B 48 -4.39 15.67 24.72
C GLY B 48 -3.17 15.75 23.83
N LEU B 49 -2.21 16.59 24.20
CA LEU B 49 -1.16 16.97 23.27
C LEU B 49 -0.48 15.76 22.65
N ILE B 50 -0.49 14.64 23.35
CA ILE B 50 0.18 13.44 22.87
C ILE B 50 -0.23 13.13 21.45
N TYR B 51 -1.54 13.21 21.17
CA TYR B 51 -2.03 13.01 19.82
C TYR B 51 -1.12 13.71 18.82
N GLU B 52 -1.04 15.03 18.97
CA GLU B 52 -0.14 15.84 18.18
C GLU B 52 1.20 15.17 18.03
N GLU B 53 1.93 15.09 19.14
CA GLU B 53 3.28 14.57 19.07
C GLU B 53 3.29 13.19 18.47
N THR B 54 2.28 12.38 18.82
CA THR B 54 2.26 11.01 18.33
C THR B 54 2.42 11.01 16.84
N ARG B 55 1.62 11.83 16.18
CA ARG B 55 1.70 11.92 14.73
C ARG B 55 3.15 12.10 14.30
N GLY B 56 3.79 13.14 14.83
CA GLY B 56 5.16 13.41 14.44
C GLY B 56 6.02 12.18 14.50
N VAL B 57 5.95 11.46 15.61
CA VAL B 57 6.78 10.27 15.77
C VAL B 57 6.53 9.32 14.63
N LEU B 58 5.28 8.89 14.47
CA LEU B 58 4.97 7.94 13.42
C LEU B 58 5.61 8.37 12.12
N LYS B 59 5.49 9.65 11.82
CA LYS B 59 6.06 10.21 10.61
C LYS B 59 7.47 9.73 10.41
N VAL B 60 8.37 10.14 11.30
CA VAL B 60 9.78 9.82 11.15
C VAL B 60 9.95 8.37 10.81
N PHE B 61 9.22 7.52 11.53
CA PHE B 61 9.29 6.10 11.32
C PHE B 61 9.17 5.80 9.84
N LEU B 62 7.99 6.05 9.28
CA LEU B 62 7.81 5.80 7.86
C LEU B 62 8.92 6.45 7.06
N GLU B 63 9.22 7.71 7.38
CA GLU B 63 10.18 8.46 6.59
C GLU B 63 11.49 7.73 6.48
N ASN B 64 11.96 7.12 7.55
CA ASN B 64 13.19 6.36 7.42
C ASN B 64 12.93 5.10 6.63
N VAL B 65 11.91 4.36 6.99
CA VAL B 65 11.73 3.03 6.44
C VAL B 65 11.48 3.10 4.95
N ILE B 66 10.44 3.83 4.57
CA ILE B 66 9.92 3.73 3.22
C ILE B 66 10.98 4.07 2.20
N ARG B 67 11.75 5.12 2.46
CA ARG B 67 12.91 5.44 1.64
C ARG B 67 13.70 4.20 1.33
N ASP B 68 14.27 3.61 2.38
CA ASP B 68 15.06 2.41 2.20
C ASP B 68 14.26 1.35 1.48
N ALA B 69 12.98 1.23 1.81
CA ALA B 69 12.15 0.29 1.07
C ALA B 69 12.20 0.60 -0.42
N VAL B 70 11.85 1.83 -0.77
CA VAL B 70 11.99 2.28 -2.15
C VAL B 70 13.38 1.94 -2.66
N THR B 71 14.37 2.11 -1.79
CA THR B 71 15.75 1.86 -2.17
C THR B 71 15.89 0.54 -2.89
N TYR B 72 15.33 -0.52 -2.32
CA TYR B 72 15.45 -1.81 -2.99
C TYR B 72 14.67 -1.79 -4.28
N THR B 73 13.42 -1.34 -4.23
CA THR B 73 12.70 -1.11 -5.49
C THR B 73 13.50 -0.19 -6.38
N GLU B 74 14.24 0.74 -5.80
CA GLU B 74 15.20 1.51 -6.55
C GLU B 74 16.02 0.58 -7.42
N HIS B 75 16.88 -0.25 -6.82
CA HIS B 75 17.70 -1.07 -7.69
C HIS B 75 16.89 -2.12 -8.41
N ALA B 76 15.71 -2.42 -7.93
CA ALA B 76 14.85 -3.35 -8.66
C ALA B 76 14.62 -2.89 -10.09
N LYS B 77 14.65 -1.58 -10.31
CA LYS B 77 14.30 -1.00 -11.60
C LYS B 77 12.93 -1.47 -12.05
N ARG B 78 12.02 -1.63 -11.11
CA ARG B 78 10.68 -2.09 -11.41
C ARG B 78 9.73 -1.23 -10.60
N LYS B 79 8.77 -0.61 -11.28
CA LYS B 79 8.04 0.48 -10.65
C LYS B 79 7.31 0.08 -9.38
N THR B 80 7.16 -1.21 -9.11
CA THR B 80 6.35 -1.66 -8.00
C THR B 80 7.21 -2.04 -6.81
N VAL B 81 6.68 -1.79 -5.62
CA VAL B 81 7.34 -2.13 -4.37
C VAL B 81 6.51 -3.22 -3.73
N THR B 82 7.02 -4.46 -3.72
CA THR B 82 6.26 -5.53 -3.09
C THR B 82 6.62 -5.60 -1.61
N ALA B 83 5.94 -6.51 -0.91
CA ALA B 83 6.15 -6.66 0.51
C ALA B 83 7.62 -6.91 0.85
N MET B 84 8.42 -7.33 -0.12
CA MET B 84 9.82 -7.54 0.14
C MET B 84 10.46 -6.29 0.70
N ASP B 85 10.56 -5.24 -0.10
CA ASP B 85 11.33 -4.09 0.34
C ASP B 85 10.92 -3.64 1.72
N VAL B 86 9.66 -3.81 2.06
CA VAL B 86 9.26 -3.71 3.45
C VAL B 86 10.14 -4.65 4.25
N VAL B 87 9.95 -5.95 4.03
CA VAL B 87 10.59 -6.97 4.84
C VAL B 87 12.05 -6.62 5.04
N TYR B 88 12.80 -6.61 3.95
CA TYR B 88 14.20 -6.25 4.00
C TYR B 88 14.39 -4.98 4.78
N ALA B 89 13.96 -3.85 4.22
CA ALA B 89 14.34 -2.56 4.80
C ALA B 89 14.18 -2.57 6.30
N LEU B 90 13.03 -3.06 6.78
CA LEU B 90 12.86 -3.27 8.20
C LEU B 90 14.03 -4.04 8.77
N LYS B 91 14.39 -5.15 8.12
CA LYS B 91 15.53 -5.92 8.58
C LYS B 91 16.76 -5.05 8.67
N ARG B 92 17.00 -4.24 7.65
CA ARG B 92 18.13 -3.36 7.75
C ARG B 92 17.95 -2.34 8.85
N GLN B 93 16.79 -2.28 9.49
CA GLN B 93 16.77 -1.59 10.77
C GLN B 93 16.91 -2.50 11.97
N GLY B 94 17.07 -3.80 11.77
CA GLY B 94 17.00 -4.67 12.93
C GLY B 94 15.59 -4.88 13.43
N ARG B 95 14.60 -4.43 12.67
CA ARG B 95 13.20 -4.62 12.99
C ARG B 95 12.61 -5.84 12.34
N THR B 96 13.46 -6.75 11.84
CA THR B 96 13.05 -7.79 10.91
C THR B 96 11.74 -8.43 11.36
N LEU B 97 10.90 -8.72 10.37
CA LEU B 97 9.50 -9.02 10.56
C LEU B 97 9.20 -10.43 10.08
N TYR B 98 8.08 -10.97 10.49
CA TYR B 98 7.73 -12.32 10.11
C TYR B 98 6.43 -12.37 9.35
N GLY B 99 6.19 -13.54 8.76
CA GLY B 99 4.91 -13.95 8.28
C GLY B 99 4.73 -13.83 6.79
N PHE B 100 5.51 -12.99 6.13
CA PHE B 100 5.30 -12.75 4.73
C PHE B 100 6.24 -13.53 3.83
N GLY B 101 7.18 -14.26 4.39
CA GLY B 101 8.08 -15.04 3.56
C GLY B 101 9.54 -14.84 3.92
N ALA C 12 55.16 -4.65 -22.66
CA ALA C 12 54.02 -4.04 -22.01
C ALA C 12 54.46 -3.19 -20.83
N LYS C 13 53.70 -2.13 -20.54
CA LYS C 13 53.97 -1.27 -19.41
C LYS C 13 52.80 -1.34 -18.43
N ALA C 14 53.06 -1.88 -17.25
CA ALA C 14 52.05 -1.94 -16.21
C ALA C 14 51.95 -0.61 -15.46
N LYS C 15 50.78 -0.36 -14.89
CA LYS C 15 50.61 0.70 -13.91
C LYS C 15 49.35 0.39 -13.10
N THR C 16 49.27 0.97 -11.92
CA THR C 16 48.20 0.64 -11.00
C THR C 16 46.91 1.35 -11.37
N ARG C 17 45.81 0.64 -11.22
CA ARG C 17 44.51 1.23 -11.51
C ARG C 17 44.27 2.42 -10.62
N SER C 18 44.64 2.32 -9.35
CA SER C 18 44.44 3.44 -8.44
C SER C 18 45.14 4.69 -8.96
N SER C 19 46.36 4.52 -9.47
CA SER C 19 47.00 5.62 -10.18
C SER C 19 46.15 6.07 -11.35
N ARG C 20 45.68 5.10 -12.12
CA ARG C 20 44.82 5.39 -13.26
C ARG C 20 43.49 5.99 -12.83
N ALA C 21 43.08 5.76 -11.58
CA ALA C 21 41.98 6.50 -11.00
C ALA C 21 42.45 7.76 -10.31
N GLY C 22 43.76 7.96 -10.18
CA GLY C 22 44.28 9.10 -9.47
C GLY C 22 43.83 9.11 -8.02
N LEU C 23 43.76 7.93 -7.41
CA LEU C 23 43.24 7.80 -6.06
C LEU C 23 44.23 7.00 -5.23
N GLN C 24 44.03 7.06 -3.91
CA GLN C 24 45.04 6.61 -2.98
C GLN C 24 44.82 5.18 -2.51
N PHE C 25 43.77 4.52 -2.95
CA PHE C 25 43.52 3.19 -2.42
C PHE C 25 43.75 2.11 -3.46
N PRO C 26 44.56 1.15 -3.13
CA PRO C 26 44.99 0.16 -4.12
C PRO C 26 43.86 -0.76 -4.53
N VAL C 27 43.11 -0.29 -5.53
CA VAL C 27 41.98 -1.04 -6.03
C VAL C 27 42.34 -2.50 -6.24
N GLY C 28 43.59 -2.78 -6.57
CA GLY C 28 44.03 -4.15 -6.60
C GLY C 28 43.78 -4.83 -5.27
N ARG C 29 44.35 -4.27 -4.21
CA ARG C 29 44.17 -4.87 -2.90
C ARG C 29 42.70 -4.97 -2.58
N VAL C 30 41.97 -3.88 -2.82
CA VAL C 30 40.55 -3.85 -2.50
C VAL C 30 39.86 -5.04 -3.14
N HIS C 31 39.93 -5.09 -4.47
CA HIS C 31 39.35 -6.16 -5.25
C HIS C 31 39.70 -7.52 -4.67
N ARG C 32 40.99 -7.71 -4.41
CA ARG C 32 41.43 -8.96 -3.82
C ARG C 32 40.62 -9.28 -2.58
N LEU C 33 40.59 -8.34 -1.64
CA LEU C 33 39.78 -8.53 -0.45
C LEU C 33 38.37 -8.91 -0.80
N LEU C 34 37.82 -8.26 -1.82
CA LEU C 34 36.44 -8.54 -2.19
C LEU C 34 36.27 -10.00 -2.52
N ARG C 35 37.08 -10.51 -3.43
CA ARG C 35 36.92 -11.91 -3.82
C ARG C 35 37.08 -12.83 -2.63
N LYS C 36 38.11 -12.60 -1.82
CA LYS C 36 38.26 -13.48 -0.67
C LYS C 36 37.07 -13.37 0.25
N GLY C 37 36.39 -12.23 0.23
CA GLY C 37 35.27 -12.01 1.11
C GLY C 37 34.05 -12.86 0.82
N ASN C 38 34.07 -13.66 -0.24
CA ASN C 38 33.00 -14.60 -0.50
C ASN C 38 31.68 -13.90 -0.79
N TYR C 39 31.76 -12.67 -1.29
CA TYR C 39 30.57 -11.84 -1.37
C TYR C 39 29.66 -12.25 -2.51
N ALA C 40 30.13 -12.12 -3.72
CA ALA C 40 29.52 -12.77 -4.86
C ALA C 40 30.55 -13.68 -5.48
N GLU C 41 30.07 -14.65 -6.25
CA GLU C 41 31.05 -15.50 -6.93
C GLU C 41 31.86 -14.70 -7.94
N ARG C 42 31.42 -13.51 -8.32
CA ARG C 42 32.12 -12.74 -9.32
C ARG C 42 32.05 -11.25 -9.01
N VAL C 43 32.97 -10.50 -9.61
CA VAL C 43 33.15 -9.09 -9.29
C VAL C 43 33.32 -8.30 -10.56
N GLY C 44 32.49 -7.27 -10.73
CA GLY C 44 32.65 -6.36 -11.85
C GLY C 44 33.69 -5.29 -11.53
N ALA C 45 34.45 -4.92 -12.54
CA ALA C 45 35.64 -4.11 -12.30
C ALA C 45 35.32 -2.72 -11.80
N GLY C 46 34.08 -2.26 -11.97
CA GLY C 46 33.77 -0.91 -11.52
C GLY C 46 33.66 -0.81 -10.02
N ALA C 47 33.05 -1.81 -9.39
CA ALA C 47 32.82 -1.83 -7.95
C ALA C 47 34.07 -1.44 -7.18
N PRO C 48 35.19 -2.13 -7.33
CA PRO C 48 36.32 -1.85 -6.43
C PRO C 48 36.75 -0.40 -6.49
N VAL C 49 36.91 0.13 -7.70
CA VAL C 49 37.20 1.56 -7.84
C VAL C 49 36.20 2.37 -7.04
N TYR C 50 34.93 2.28 -7.45
CA TYR C 50 33.89 3.12 -6.87
C TYR C 50 33.98 3.13 -5.36
N LEU C 51 34.04 1.93 -4.78
CA LEU C 51 34.15 1.80 -3.34
C LEU C 51 35.39 2.50 -2.81
N ALA C 52 36.55 2.14 -3.33
CA ALA C 52 37.79 2.69 -2.83
C ALA C 52 37.69 4.19 -2.74
N ALA C 53 37.25 4.82 -3.83
CA ALA C 53 37.01 6.25 -3.79
C ALA C 53 36.14 6.61 -2.59
N VAL C 54 35.02 5.91 -2.43
CA VAL C 54 34.11 6.24 -1.33
C VAL C 54 34.89 6.33 -0.03
N LEU C 55 35.62 5.26 0.27
CA LEU C 55 36.44 5.27 1.47
C LEU C 55 37.28 6.52 1.54
N GLU C 56 37.97 6.82 0.45
CA GLU C 56 38.89 7.94 0.44
C GLU C 56 38.18 9.23 0.84
N TYR C 57 37.02 9.46 0.25
CA TYR C 57 36.19 10.59 0.65
C TYR C 57 35.91 10.59 2.15
N LEU C 58 35.45 9.46 2.67
CA LEU C 58 35.11 9.39 4.08
C LEU C 58 36.28 9.82 4.93
N THR C 59 37.41 9.15 4.72
CA THR C 59 38.61 9.47 5.46
C THR C 59 38.90 10.95 5.39
N ALA C 60 38.83 11.51 4.20
CA ALA C 60 39.07 12.94 4.05
C ALA C 60 38.20 13.73 5.01
N GLU C 61 36.90 13.44 5.00
CA GLU C 61 35.97 14.09 5.91
C GLU C 61 36.48 14.05 7.34
N ILE C 62 36.48 12.84 7.90
CA ILE C 62 36.78 12.69 9.32
C ILE C 62 38.11 13.36 9.65
N LEU C 63 39.12 13.12 8.82
CA LEU C 63 40.43 13.71 9.05
C LEU C 63 40.33 15.21 9.18
N GLU C 64 39.80 15.86 8.15
CA GLU C 64 39.73 17.31 8.18
C GLU C 64 39.10 17.79 9.46
N LEU C 65 37.95 17.22 9.80
CA LEU C 65 37.23 17.69 10.98
C LEU C 65 38.08 17.55 12.22
N ALA C 66 38.61 16.36 12.46
CA ALA C 66 39.44 16.13 13.63
C ALA C 66 40.59 17.12 13.65
N GLY C 67 41.43 17.08 12.62
CA GLY C 67 42.61 17.94 12.60
C GLY C 67 42.29 19.37 12.94
N ASN C 68 41.18 19.87 12.43
CA ASN C 68 40.67 21.15 12.91
C ASN C 68 40.57 21.12 14.43
N ALA C 69 39.90 20.10 14.96
CA ALA C 69 39.74 20.04 16.40
C ALA C 69 41.09 20.02 17.12
N ALA C 70 42.12 19.47 16.48
CA ALA C 70 43.45 19.54 17.07
C ALA C 70 43.93 20.98 17.09
N ARG C 71 43.78 21.67 15.98
CA ARG C 71 44.12 23.08 15.93
C ARG C 71 43.40 23.85 17.01
N ASP C 72 42.26 23.36 17.48
CA ASP C 72 41.57 24.03 18.57
C ASP C 72 42.48 24.20 19.77
N ASN C 73 43.25 23.17 20.09
CA ASN C 73 44.32 23.30 21.04
C ASN C 73 45.64 23.55 20.35
N LYS C 74 45.64 23.62 19.02
CA LYS C 74 46.85 23.84 18.26
C LYS C 74 47.87 22.75 18.57
N LYS C 75 47.44 21.51 18.40
CA LYS C 75 48.29 20.35 18.61
C LYS C 75 48.63 19.74 17.26
N THR C 76 49.90 19.89 16.86
CA THR C 76 50.29 19.48 15.51
C THR C 76 49.92 18.04 15.24
N ARG C 77 49.82 17.24 16.28
CA ARG C 77 49.50 15.85 16.14
C ARG C 77 48.07 15.63 16.61
N ILE C 78 47.41 14.65 16.01
CA ILE C 78 46.02 14.36 16.32
C ILE C 78 45.95 13.22 17.32
N ILE C 79 45.07 13.36 18.30
CA ILE C 79 44.90 12.33 19.31
C ILE C 79 43.47 11.81 19.28
N PRO C 80 43.24 10.58 19.71
CA PRO C 80 41.88 10.05 19.72
C PRO C 80 40.87 10.97 20.34
N ARG C 81 41.22 11.66 21.43
CA ARG C 81 40.32 12.63 22.02
C ARG C 81 39.73 13.51 20.93
N HIS C 82 40.59 14.09 20.11
CA HIS C 82 40.12 14.87 18.98
C HIS C 82 39.08 14.10 18.19
N LEU C 83 39.39 12.86 17.86
CA LEU C 83 38.49 12.07 17.04
C LEU C 83 37.11 12.01 17.67
N GLN C 84 37.05 11.54 18.92
CA GLN C 84 35.80 11.51 19.64
C GLN C 84 35.07 12.83 19.51
N LEU C 85 35.80 13.92 19.73
CA LEU C 85 35.16 15.23 19.72
C LEU C 85 34.56 15.54 18.36
N ALA C 86 35.38 15.56 17.33
CA ALA C 86 34.90 15.91 16.01
C ALA C 86 33.73 15.02 15.60
N VAL C 87 33.90 13.71 15.74
CA VAL C 87 32.87 12.79 15.29
C VAL C 87 31.57 13.02 16.02
N ARG C 88 31.63 13.04 17.34
CA ARG C 88 30.42 13.27 18.11
C ARG C 88 29.81 14.64 17.82
N ASN C 89 30.60 15.60 17.36
CA ASN C 89 30.05 16.91 17.07
C ASN C 89 29.15 16.88 15.85
N ASP C 90 29.66 16.36 14.74
CA ASP C 90 28.87 16.31 13.52
C ASP C 90 27.58 15.55 13.73
N GLU C 91 26.52 15.98 13.06
CA GLU C 91 25.28 15.24 13.11
C GLU C 91 25.36 13.94 12.31
N GLU C 92 25.72 14.05 11.03
CA GLU C 92 25.72 12.87 10.16
C GLU C 92 26.61 11.78 10.72
N LEU C 93 27.89 12.08 10.91
CA LEU C 93 28.81 11.05 11.36
C LEU C 93 28.38 10.45 12.68
N ASN C 94 28.20 11.31 13.68
CA ASN C 94 27.84 10.77 14.98
C ASN C 94 26.60 9.92 14.88
N LYS C 95 25.71 10.26 13.95
CA LYS C 95 24.66 9.33 13.60
C LYS C 95 25.23 8.02 13.12
N LEU C 96 26.24 8.08 12.26
CA LEU C 96 26.80 6.86 11.72
C LEU C 96 27.44 6.03 12.82
N LEU C 97 28.27 6.65 13.63
CA LEU C 97 29.13 5.91 14.54
C LEU C 97 28.55 5.76 15.93
N GLY C 98 27.33 6.24 16.17
CA GLY C 98 26.78 6.22 17.51
C GLY C 98 26.79 4.85 18.14
N ARG C 99 26.78 3.80 17.34
CA ARG C 99 26.80 2.46 17.91
C ARG C 99 28.20 1.94 18.12
N VAL C 100 29.21 2.78 17.92
CA VAL C 100 30.59 2.36 18.11
C VAL C 100 31.29 3.37 19.02
N THR C 101 32.17 2.86 19.84
CA THR C 101 32.98 3.68 20.73
C THR C 101 34.32 3.99 20.08
N ILE C 102 34.82 5.15 20.35
CA ILE C 102 36.21 5.44 20.04
C ILE C 102 37.06 5.15 21.25
N ALA C 103 38.22 4.56 21.03
CA ALA C 103 39.17 4.34 22.10
C ALA C 103 39.69 5.67 22.63
N GLN C 104 39.98 5.69 23.93
CA GLN C 104 40.42 6.91 24.60
C GLN C 104 39.45 8.03 24.36
N GLY C 105 38.17 7.70 24.43
CA GLY C 105 37.16 8.59 23.93
C GLY C 105 37.01 9.88 24.69
N GLY C 106 36.74 9.78 25.98
CA GLY C 106 36.21 10.93 26.69
C GLY C 106 34.81 11.20 26.16
N VAL C 107 34.20 12.26 26.69
CA VAL C 107 32.88 12.64 26.24
C VAL C 107 32.85 14.13 26.02
N LEU C 108 32.01 14.57 25.10
CA LEU C 108 31.84 15.98 24.76
C LEU C 108 31.55 16.74 26.03
N PRO C 109 31.96 18.00 26.14
CA PRO C 109 31.52 18.79 27.29
C PRO C 109 30.02 18.84 27.30
N ASN C 110 29.44 18.44 28.43
CA ASN C 110 28.00 18.28 28.48
C ASN C 110 27.53 18.63 29.87
N ILE C 111 26.47 19.42 29.95
CA ILE C 111 25.86 19.80 31.21
C ILE C 111 24.35 19.89 31.03
N GLN C 112 23.61 19.36 31.99
CA GLN C 112 22.17 19.55 32.05
C GLN C 112 21.87 20.89 32.69
N SER C 113 20.98 21.66 32.05
CA SER C 113 20.71 23.02 32.49
C SER C 113 20.35 23.07 33.96
N VAL C 114 19.41 22.21 34.37
CA VAL C 114 18.85 22.27 35.71
C VAL C 114 19.93 22.28 36.78
N LEU C 115 21.08 21.67 36.50
CA LEU C 115 22.11 21.59 37.54
C LEU C 115 22.99 22.82 37.58
N LEU C 116 22.83 23.77 36.68
CA LEU C 116 23.67 24.95 36.79
C LEU C 116 23.13 25.89 37.86
N PRO C 117 24.00 26.44 38.69
CA PRO C 117 23.56 27.39 39.72
C PRO C 117 23.10 28.71 39.10
N LYS C 118 22.42 29.51 39.91
CA LYS C 118 22.01 30.84 39.51
C LYS C 118 23.21 31.73 39.21
N THR D 29 57.33 -10.90 9.82
CA THR D 29 56.22 -11.03 8.87
C THR D 29 55.40 -9.76 8.85
N ARG D 30 55.04 -9.30 7.66
CA ARG D 30 54.26 -8.09 7.53
C ARG D 30 52.79 -8.35 7.84
N LYS D 31 52.11 -7.28 8.22
CA LYS D 31 50.65 -7.30 8.39
C LYS D 31 50.16 -6.02 7.72
N GLU D 32 49.38 -6.14 6.64
CA GLU D 32 49.13 -4.95 5.85
C GLU D 32 48.05 -4.10 6.47
N SER D 33 48.10 -2.81 6.16
CA SER D 33 47.11 -1.86 6.62
C SER D 33 46.97 -0.76 5.58
N TYR D 34 46.15 0.22 5.92
CA TYR D 34 45.91 1.37 5.06
C TYR D 34 46.73 2.57 5.46
N ALA D 35 47.54 2.42 6.50
CA ALA D 35 48.06 3.56 7.24
C ALA D 35 48.66 4.59 6.31
N ILE D 36 49.65 4.19 5.51
CA ILE D 36 50.35 5.13 4.67
C ILE D 36 49.38 5.92 3.82
N TYR D 37 48.34 5.25 3.34
CA TYR D 37 47.35 5.94 2.54
C TYR D 37 46.67 7.00 3.35
N VAL D 38 46.18 6.63 4.53
CA VAL D 38 45.59 7.58 5.44
C VAL D 38 46.49 8.79 5.57
N TYR D 39 47.76 8.52 5.84
CA TYR D 39 48.74 9.56 6.06
C TYR D 39 48.77 10.51 4.88
N LYS D 40 48.89 9.96 3.67
CA LYS D 40 48.95 10.79 2.49
C LYS D 40 47.68 11.61 2.33
N VAL D 41 46.54 11.04 2.70
CA VAL D 41 45.29 11.79 2.64
C VAL D 41 45.37 13.00 3.54
N LEU D 42 45.86 12.80 4.76
CA LEU D 42 46.11 13.95 5.63
C LEU D 42 46.98 14.96 4.91
N LYS D 43 48.03 14.50 4.23
CA LYS D 43 48.83 15.40 3.44
C LYS D 43 48.03 16.06 2.34
N GLN D 44 46.87 15.51 1.99
CA GLN D 44 45.96 16.20 1.09
C GLN D 44 44.89 16.97 1.83
N VAL D 45 44.95 17.02 3.16
CA VAL D 45 43.91 17.74 3.90
C VAL D 45 44.54 18.79 4.79
N HIS D 46 45.18 18.34 5.87
CA HIS D 46 45.90 19.23 6.78
C HIS D 46 47.36 18.80 6.69
N PRO D 47 48.02 19.12 5.58
CA PRO D 47 49.30 18.49 5.28
C PRO D 47 50.35 18.73 6.34
N ASP D 48 50.13 19.68 7.25
CA ASP D 48 51.12 20.06 8.23
C ASP D 48 50.92 19.35 9.56
N THR D 49 49.98 18.43 9.62
CA THR D 49 49.51 17.86 10.88
C THR D 49 50.15 16.51 11.14
N GLY D 50 50.47 16.24 12.40
CA GLY D 50 50.96 14.94 12.78
C GLY D 50 49.85 14.02 13.23
N ILE D 51 50.20 12.75 13.39
CA ILE D 51 49.24 11.74 13.82
C ILE D 51 49.93 10.79 14.77
N SER D 52 49.29 10.51 15.90
CA SER D 52 49.79 9.49 16.78
C SER D 52 49.52 8.13 16.18
N SER D 53 50.38 7.18 16.50
CA SER D 53 50.14 5.80 16.11
C SER D 53 48.73 5.39 16.45
N LYS D 54 48.39 5.42 17.74
CA LYS D 54 47.09 4.93 18.19
C LYS D 54 45.98 5.48 17.31
N ALA D 55 46.03 6.77 17.05
CA ALA D 55 45.07 7.36 16.12
C ALA D 55 45.05 6.56 14.82
N MET D 56 46.22 6.40 14.21
CA MET D 56 46.30 5.66 12.97
C MET D 56 45.59 4.32 13.08
N SER D 57 45.89 3.58 14.15
CA SER D 57 45.21 2.32 14.36
C SER D 57 43.71 2.49 14.29
N ILE D 58 43.19 3.43 15.08
CA ILE D 58 41.75 3.68 15.07
C ILE D 58 41.26 3.83 13.64
N MET D 59 41.93 4.69 12.88
CA MET D 59 41.54 4.89 11.50
C MET D 59 41.44 3.56 10.78
N ASN D 60 42.44 2.71 10.95
CA ASN D 60 42.41 1.43 10.25
C ASN D 60 41.14 0.67 10.62
N SER D 61 40.94 0.43 11.91
CA SER D 61 39.77 -0.31 12.34
C SER D 61 38.51 0.31 11.76
N PHE D 62 38.40 1.62 11.85
CA PHE D 62 37.29 2.34 11.25
C PHE D 62 37.06 1.91 9.82
N VAL D 63 38.11 2.02 9.01
CA VAL D 63 37.98 1.74 7.59
C VAL D 63 37.47 0.34 7.39
N ASN D 64 38.20 -0.64 7.91
CA ASN D 64 37.81 -2.01 7.62
C ASN D 64 36.41 -2.29 8.12
N ASP D 65 36.00 -1.62 9.18
CA ASP D 65 34.60 -1.65 9.59
C ASP D 65 33.71 -1.26 8.42
N VAL D 66 33.79 0.00 8.05
CA VAL D 66 32.92 0.53 6.99
C VAL D 66 32.90 -0.43 5.83
N PHE D 67 34.09 -0.84 5.42
CA PHE D 67 34.23 -1.82 4.36
C PHE D 67 33.34 -3.02 4.63
N GLU D 68 33.42 -3.56 5.85
CA GLU D 68 32.57 -4.70 6.17
C GLU D 68 31.13 -4.38 5.85
N ARG D 69 30.61 -3.31 6.44
CA ARG D 69 29.20 -3.01 6.23
C ARG D 69 28.87 -3.01 4.76
N ILE D 70 29.62 -2.23 4.00
CA ILE D 70 29.35 -2.08 2.57
C ILE D 70 29.29 -3.45 1.91
N ALA D 71 30.40 -4.17 1.95
CA ALA D 71 30.45 -5.47 1.28
C ALA D 71 29.26 -6.31 1.66
N GLY D 72 28.90 -6.31 2.94
CA GLY D 72 27.75 -7.07 3.36
C GLY D 72 26.55 -6.66 2.56
N GLU D 73 26.24 -5.37 2.56
CA GLU D 73 25.02 -4.90 1.93
C GLU D 73 25.01 -5.27 0.45
N ALA D 74 26.04 -4.86 -0.27
CA ALA D 74 26.10 -5.20 -1.68
C ALA D 74 25.84 -6.68 -1.88
N SER D 75 26.57 -7.50 -1.13
CA SER D 75 26.37 -8.94 -1.23
C SER D 75 24.90 -9.27 -1.10
N ARG D 76 24.26 -8.69 -0.10
CA ARG D 76 22.84 -8.90 0.11
C ARG D 76 22.06 -8.65 -1.18
N LEU D 77 22.25 -7.47 -1.77
CA LEU D 77 21.54 -7.15 -2.99
C LEU D 77 21.77 -8.21 -4.05
N ALA D 78 23.04 -8.51 -4.32
CA ALA D 78 23.36 -9.52 -5.30
C ALA D 78 22.55 -10.76 -5.06
N HIS D 79 22.39 -11.13 -3.79
CA HIS D 79 21.58 -12.29 -3.48
C HIS D 79 20.13 -12.08 -3.87
N TYR D 80 19.58 -10.91 -3.56
CA TYR D 80 18.14 -10.75 -3.66
C TYR D 80 17.72 -10.67 -5.10
N ASN D 81 18.39 -9.82 -5.85
CA ASN D 81 18.15 -9.73 -7.27
C ASN D 81 18.85 -10.83 -8.02
N LYS D 82 19.56 -11.69 -7.30
CA LYS D 82 19.98 -12.99 -7.81
C LYS D 82 20.90 -12.83 -9.01
N ARG D 83 21.93 -12.02 -8.83
CA ARG D 83 23.02 -11.91 -9.78
C ARG D 83 24.27 -12.55 -9.20
N SER D 84 25.08 -13.09 -10.08
CA SER D 84 26.28 -13.79 -9.66
C SER D 84 27.49 -12.87 -9.53
N THR D 85 27.30 -11.57 -9.69
CA THR D 85 28.44 -10.67 -9.76
C THR D 85 28.06 -9.35 -9.09
N ILE D 86 29.08 -8.63 -8.64
CA ILE D 86 28.92 -7.33 -8.02
C ILE D 86 29.60 -6.29 -8.91
N THR D 87 28.88 -5.23 -9.24
CA THR D 87 29.44 -4.13 -10.01
C THR D 87 29.48 -2.89 -9.15
N SER D 88 29.86 -1.78 -9.74
CA SER D 88 29.74 -0.52 -9.04
C SER D 88 28.29 -0.25 -8.66
N ARG D 89 27.34 -0.68 -9.49
CA ARG D 89 25.96 -0.26 -9.30
C ARG D 89 25.45 -0.65 -7.93
N GLU D 90 25.50 -1.94 -7.63
CA GLU D 90 25.07 -2.43 -6.34
C GLU D 90 25.73 -1.61 -5.24
N ILE D 91 27.04 -1.42 -5.37
CA ILE D 91 27.77 -0.64 -4.38
C ILE D 91 27.05 0.65 -4.12
N GLN D 92 26.85 1.42 -5.19
CA GLN D 92 26.16 2.68 -5.08
C GLN D 92 24.86 2.54 -4.32
N THR D 93 24.05 1.55 -4.70
CA THR D 93 22.80 1.35 -3.98
C THR D 93 23.05 1.28 -2.48
N ALA D 94 23.95 0.39 -2.08
CA ALA D 94 24.22 0.23 -0.66
C ALA D 94 24.66 1.54 -0.05
N VAL D 95 25.48 2.30 -0.76
CA VAL D 95 25.93 3.58 -0.25
C VAL D 95 24.72 4.45 0.06
N ARG D 96 23.80 4.52 -0.89
CA ARG D 96 22.59 5.28 -0.66
C ARG D 96 21.88 4.80 0.58
N LEU D 97 21.94 3.51 0.85
CA LEU D 97 21.42 3.05 2.13
C LEU D 97 22.15 3.69 3.29
N LEU D 98 23.42 3.34 3.49
CA LEU D 98 24.07 3.64 4.75
C LEU D 98 24.16 5.14 5.02
N LEU D 99 24.80 5.88 4.14
CA LEU D 99 25.37 7.16 4.51
C LEU D 99 24.38 8.28 4.24
N PRO D 100 23.75 8.85 5.26
CA PRO D 100 22.63 9.76 5.02
C PRO D 100 23.08 11.14 4.56
N GLY D 101 22.16 11.82 3.90
CA GLY D 101 22.34 13.24 3.62
C GLY D 101 23.59 13.52 2.81
N GLU D 102 24.30 14.57 3.24
CA GLU D 102 25.48 15.02 2.53
C GLU D 102 26.41 13.87 2.23
N LEU D 103 26.47 12.91 3.13
CA LEU D 103 27.28 11.73 2.89
C LEU D 103 26.88 11.08 1.59
N ALA D 104 25.61 10.70 1.49
CA ALA D 104 25.12 10.15 0.23
C ALA D 104 25.47 11.08 -0.91
N LYS D 105 25.07 12.34 -0.79
CA LYS D 105 25.18 13.27 -1.90
C LYS D 105 26.61 13.41 -2.39
N HIS D 106 27.44 14.09 -1.62
CA HIS D 106 28.83 14.29 -2.00
C HIS D 106 29.47 12.95 -2.30
N ALA D 107 29.29 11.99 -1.42
CA ALA D 107 29.95 10.70 -1.55
C ALA D 107 29.68 10.06 -2.89
N VAL D 108 28.43 9.61 -3.07
CA VAL D 108 28.05 8.94 -4.31
C VAL D 108 28.50 9.77 -5.49
N SER D 109 28.36 11.09 -5.39
CA SER D 109 28.91 11.96 -6.42
C SER D 109 30.35 11.57 -6.70
N GLU D 110 31.15 11.45 -5.64
CA GLU D 110 32.58 11.21 -5.84
C GLU D 110 32.82 9.84 -6.42
N GLY D 111 32.15 8.83 -5.88
CA GLY D 111 32.32 7.50 -6.44
C GLY D 111 32.04 7.49 -7.92
N THR D 112 30.87 8.00 -8.29
CA THR D 112 30.50 8.03 -9.70
C THR D 112 31.56 8.74 -10.50
N LYS D 113 31.89 9.95 -10.11
CA LYS D 113 32.80 10.78 -10.89
C LYS D 113 34.14 10.10 -11.07
N ALA D 114 34.64 9.48 -10.00
CA ALA D 114 35.88 8.73 -10.11
C ALA D 114 35.74 7.61 -11.13
N VAL D 115 34.67 6.83 -11.01
CA VAL D 115 34.41 5.77 -11.98
C VAL D 115 34.53 6.31 -13.38
N THR D 116 33.84 7.41 -13.64
CA THR D 116 33.91 8.08 -14.91
C THR D 116 35.35 8.29 -15.31
N LYS D 117 36.02 9.22 -14.62
CA LYS D 117 37.34 9.66 -15.05
C LYS D 117 38.26 8.48 -15.31
N TYR D 118 38.35 7.58 -14.35
CA TYR D 118 39.19 6.41 -14.55
C TYR D 118 38.75 5.64 -15.78
N THR D 119 37.49 5.25 -15.83
CA THR D 119 36.98 4.44 -16.92
C THR D 119 37.12 5.11 -18.27
N SER D 120 37.44 6.41 -18.31
CA SER D 120 37.90 6.98 -19.56
C SER D 120 39.12 6.23 -20.09
N ALA D 121 39.85 5.59 -19.20
CA ALA D 121 41.02 4.82 -19.59
C ALA D 121 41.16 3.59 -18.70
N ARG E 40 35.49 26.05 53.33
CA ARG E 40 34.72 24.98 52.70
C ARG E 40 33.85 25.57 51.61
N TYR E 41 33.89 24.95 50.43
CA TYR E 41 33.08 25.42 49.32
C TYR E 41 31.64 24.94 49.47
N ARG E 42 30.72 25.68 48.88
CA ARG E 42 29.33 25.31 48.99
C ARG E 42 29.12 23.91 48.43
N PRO E 43 28.15 23.17 48.96
CA PRO E 43 27.97 21.77 48.59
C PRO E 43 27.87 21.60 47.08
N GLY E 44 28.49 20.53 46.59
CA GLY E 44 28.43 20.17 45.20
C GLY E 44 29.37 20.93 44.31
N THR E 45 29.84 22.10 44.74
CA THR E 45 30.73 22.89 43.91
C THR E 45 31.91 22.04 43.47
N VAL E 46 32.44 21.28 44.40
CA VAL E 46 33.48 20.32 44.09
C VAL E 46 33.03 19.43 42.94
N ALA E 47 31.88 18.79 43.10
CA ALA E 47 31.41 17.83 42.11
C ALA E 47 31.47 18.43 40.71
N LEU E 48 30.90 19.62 40.54
CA LEU E 48 30.94 20.28 39.24
C LEU E 48 32.37 20.42 38.77
N ARG E 49 33.21 21.05 39.58
CA ARG E 49 34.58 21.31 39.17
C ARG E 49 35.24 20.04 38.66
N GLU E 50 35.01 18.93 39.36
CA GLU E 50 35.45 17.65 38.82
C GLU E 50 34.86 17.41 37.44
N ILE E 51 33.54 17.41 37.32
CA ILE E 51 32.92 17.06 36.05
C ILE E 51 33.58 17.80 34.90
N ARG E 52 33.92 19.07 35.11
CA ARG E 52 34.79 19.76 34.18
C ARG E 52 36.08 18.98 33.98
N ARG E 53 36.78 18.72 35.08
CA ARG E 53 38.02 17.97 35.01
C ARG E 53 37.89 16.70 34.16
N TYR E 54 37.02 15.78 34.60
CA TYR E 54 36.90 14.49 33.93
C TYR E 54 36.54 14.65 32.46
N GLN E 55 35.48 15.40 32.16
CA GLN E 55 35.16 15.58 30.74
C GLN E 55 36.36 16.10 29.99
N LYS E 56 37.24 16.82 30.67
CA LYS E 56 38.39 17.42 30.04
C LYS E 56 39.57 16.46 29.96
N SER E 57 39.40 15.21 30.39
CA SER E 57 40.51 14.29 30.51
C SER E 57 40.15 12.90 29.99
N THR E 58 41.16 12.23 29.43
CA THR E 58 40.93 11.03 28.62
C THR E 58 40.80 9.75 29.43
N GLU E 59 41.74 9.50 30.33
CA GLU E 59 42.20 8.15 30.66
C GLU E 59 41.15 7.31 31.37
N LEU E 60 41.37 5.98 31.37
CA LEU E 60 40.59 5.05 32.18
C LEU E 60 40.69 5.42 33.65
N LEU E 61 39.55 5.41 34.32
CA LEU E 61 39.48 5.88 35.68
C LEU E 61 39.44 4.77 36.72
N ILE E 62 39.50 3.52 36.30
CA ILE E 62 39.38 2.40 37.22
C ILE E 62 40.72 1.70 37.34
N ARG E 63 41.10 1.40 38.58
CA ARG E 63 42.41 0.84 38.88
C ARG E 63 42.61 -0.46 38.12
N LYS E 64 43.82 -0.65 37.60
CA LYS E 64 44.06 -1.77 36.70
C LYS E 64 43.81 -3.09 37.40
N LEU E 65 44.55 -3.35 38.46
CA LEU E 65 44.49 -4.66 39.09
C LEU E 65 43.08 -5.08 39.41
N PRO E 66 42.36 -4.37 40.28
CA PRO E 66 41.10 -4.91 40.79
C PRO E 66 40.23 -5.32 39.65
N PHE E 67 40.21 -4.47 38.65
CA PHE E 67 39.54 -4.81 37.41
C PHE E 67 40.00 -6.15 36.90
N GLN E 68 41.32 -6.34 36.83
CA GLN E 68 41.82 -7.60 36.31
C GLN E 68 41.40 -8.77 37.17
N ARG E 69 41.77 -8.74 38.45
CA ARG E 69 41.44 -9.83 39.35
C ARG E 69 39.98 -10.20 39.21
N LEU E 70 39.13 -9.18 39.10
CA LEU E 70 37.74 -9.44 38.76
C LEU E 70 37.65 -10.24 37.47
N VAL E 71 38.26 -9.75 36.40
CA VAL E 71 38.07 -10.36 35.10
C VAL E 71 38.42 -11.84 35.16
N ARG E 72 39.67 -12.13 35.50
CA ARG E 72 40.08 -13.52 35.59
C ARG E 72 39.14 -14.29 36.49
N GLU E 73 38.83 -13.71 37.65
CA GLU E 73 37.90 -14.34 38.57
C GLU E 73 36.63 -14.78 37.86
N ILE E 74 36.16 -13.97 36.92
CA ILE E 74 34.96 -14.32 36.19
C ILE E 74 35.25 -15.46 35.24
N ALA E 75 36.27 -15.28 34.40
CA ALA E 75 36.58 -16.28 33.38
C ALA E 75 36.80 -17.65 33.97
N GLN E 76 37.16 -17.72 35.25
CA GLN E 76 37.28 -19.00 35.92
C GLN E 76 36.05 -19.84 35.64
N ASP E 77 34.89 -19.21 35.62
CA ASP E 77 33.65 -19.94 35.68
C ASP E 77 33.33 -20.66 34.39
N PHE E 78 34.10 -20.44 33.33
CA PHE E 78 33.75 -21.10 32.08
C PHE E 78 34.78 -22.17 31.75
N LYS E 79 35.95 -21.78 31.28
CA LYS E 79 37.07 -22.68 31.19
C LYS E 79 38.22 -22.12 31.99
N THR E 80 38.81 -22.96 32.83
CA THR E 80 39.82 -22.50 33.74
C THR E 80 41.06 -22.06 32.98
N ASP E 81 41.89 -21.27 33.67
CA ASP E 81 43.31 -21.20 33.40
C ASP E 81 43.58 -20.65 31.98
N LEU E 82 43.32 -19.37 31.81
CA LEU E 82 43.40 -18.76 30.49
C LEU E 82 44.28 -17.53 30.51
N ARG E 83 45.38 -17.60 29.79
CA ARG E 83 46.27 -16.45 29.68
C ARG E 83 45.56 -15.32 28.97
N PHE E 84 45.78 -14.10 29.46
CA PHE E 84 45.16 -12.90 28.93
C PHE E 84 46.24 -11.88 28.66
N GLN E 85 46.47 -11.58 27.39
CA GLN E 85 47.32 -10.45 27.08
C GLN E 85 46.75 -9.21 27.74
N SER E 86 47.63 -8.44 28.36
CA SER E 86 47.21 -7.19 28.99
C SER E 86 46.34 -6.38 28.05
N SER E 87 46.73 -6.32 26.78
CA SER E 87 45.98 -5.55 25.81
C SER E 87 44.50 -5.90 25.86
N ALA E 88 44.18 -7.18 25.68
CA ALA E 88 42.79 -7.59 25.67
C ALA E 88 42.06 -7.05 26.89
N VAL E 89 42.64 -7.26 28.06
CA VAL E 89 41.98 -6.76 29.27
C VAL E 89 41.76 -5.27 29.15
N MET E 90 42.77 -4.54 28.69
CA MET E 90 42.60 -3.12 28.45
C MET E 90 41.32 -2.86 27.66
N ALA E 91 41.16 -3.60 26.57
CA ALA E 91 39.95 -3.46 25.78
C ALA E 91 38.73 -3.60 26.67
N LEU E 92 38.65 -4.68 27.42
CA LEU E 92 37.47 -4.83 28.26
C LEU E 92 37.26 -3.62 29.12
N GLN E 93 38.34 -3.07 29.67
CA GLN E 93 38.14 -1.93 30.53
C GLN E 93 37.61 -0.74 29.76
N GLU E 94 38.00 -0.61 28.51
CA GLU E 94 37.34 0.36 27.66
C GLU E 94 35.85 0.08 27.64
N ALA E 95 35.48 -1.06 27.04
CA ALA E 95 34.07 -1.34 26.80
C ALA E 95 33.25 -1.08 28.04
N SER E 96 33.72 -1.58 29.17
CA SER E 96 33.05 -1.32 30.41
C SER E 96 32.95 0.18 30.64
N GLU E 97 34.07 0.84 30.93
CA GLU E 97 33.98 2.21 31.40
C GLU E 97 33.08 3.04 30.50
N ALA E 98 33.32 2.98 29.20
CA ALA E 98 32.44 3.68 28.27
C ALA E 98 30.99 3.31 28.53
N TYR E 99 30.72 2.02 28.50
CA TYR E 99 29.36 1.52 28.70
C TYR E 99 28.72 2.18 29.91
N LEU E 100 29.43 2.16 31.04
CA LEU E 100 28.91 2.84 32.21
C LEU E 100 28.59 4.29 31.89
N VAL E 101 29.57 5.02 31.37
CA VAL E 101 29.36 6.44 31.12
C VAL E 101 28.02 6.67 30.45
N GLY E 102 27.75 5.90 29.40
CA GLY E 102 26.43 5.95 28.78
C GLY E 102 25.36 5.75 29.83
N LEU E 103 25.44 4.63 30.54
CA LEU E 103 24.34 4.25 31.39
C LEU E 103 24.05 5.33 32.43
N PHE E 104 25.10 5.92 33.01
CA PHE E 104 24.90 7.07 33.85
C PHE E 104 24.10 8.08 33.10
N GLU E 105 24.71 8.71 32.09
CA GLU E 105 24.14 9.91 31.51
C GLU E 105 22.65 9.72 31.28
N ASP E 106 22.27 8.55 30.81
CA ASP E 106 20.85 8.30 30.65
C ASP E 106 20.13 8.30 31.99
N THR E 107 20.58 7.48 32.93
CA THR E 107 19.89 7.42 34.21
C THR E 107 19.78 8.80 34.81
N ASN E 108 20.84 9.58 34.66
CA ASN E 108 20.78 10.99 34.97
C ASN E 108 19.55 11.64 34.37
N LEU E 109 19.37 11.51 33.06
CA LEU E 109 18.16 12.05 32.47
C LEU E 109 16.92 11.56 33.19
N CYS E 110 16.86 10.26 33.45
CA CYS E 110 15.67 9.71 34.08
C CYS E 110 15.32 10.45 35.35
N ALA E 111 16.27 10.54 36.28
CA ALA E 111 16.00 11.24 37.52
C ALA E 111 15.61 12.68 37.28
N ILE E 112 16.31 13.34 36.35
CA ILE E 112 15.93 14.70 36.00
C ILE E 112 14.47 14.74 35.66
N HIS E 113 14.04 13.83 34.80
CA HIS E 113 12.67 13.79 34.37
C HIS E 113 11.75 13.48 35.52
N ALA E 114 12.27 12.89 36.58
CA ALA E 114 11.54 12.78 37.82
C ALA E 114 11.69 14.03 38.68
N LYS E 115 12.39 15.03 38.19
CA LYS E 115 12.57 16.29 38.92
C LYS E 115 13.34 16.07 40.20
N ARG E 116 14.26 15.11 40.18
CA ARG E 116 15.12 14.83 41.32
C ARG E 116 16.55 14.91 40.84
N VAL E 117 17.39 15.62 41.57
CA VAL E 117 18.73 15.90 41.09
C VAL E 117 19.72 14.83 41.50
N THR E 118 19.25 13.76 42.14
CA THR E 118 20.14 12.67 42.54
C THR E 118 19.55 11.35 42.07
N ILE E 119 20.39 10.56 41.40
CA ILE E 119 19.95 9.30 40.84
C ILE E 119 19.58 8.33 41.96
N MET E 120 18.74 7.36 41.62
CA MET E 120 18.30 6.34 42.55
C MET E 120 18.12 5.06 41.77
N PRO E 121 18.29 3.91 42.41
CA PRO E 121 18.33 2.64 41.65
C PRO E 121 17.16 2.47 40.72
N LYS E 122 15.95 2.81 41.17
CA LYS E 122 14.80 2.74 40.29
C LYS E 122 15.10 3.42 38.98
N ASP E 123 15.86 4.50 39.02
CA ASP E 123 16.18 5.19 37.79
C ASP E 123 17.05 4.35 36.90
N ILE E 124 18.05 3.71 37.47
CA ILE E 124 18.89 2.83 36.68
C ILE E 124 18.01 1.78 36.03
N GLN E 125 17.49 0.89 36.86
CA GLN E 125 16.75 -0.26 36.34
C GLN E 125 15.67 0.17 35.38
N LEU E 126 15.18 1.39 35.54
CA LEU E 126 14.37 1.99 34.51
C LEU E 126 15.14 2.11 33.21
N ALA E 127 16.30 2.75 33.25
CA ALA E 127 17.05 3.00 32.03
C ALA E 127 17.38 1.69 31.33
N ARG E 128 17.98 0.76 32.05
CA ARG E 128 18.24 -0.54 31.43
C ARG E 128 16.95 -1.15 30.92
N ARG E 129 15.87 -1.00 31.69
CA ARG E 129 14.59 -1.53 31.27
C ARG E 129 14.18 -0.99 29.91
N ILE E 130 14.54 0.25 29.60
CA ILE E 130 14.23 0.74 28.27
C ILE E 130 15.20 0.23 27.25
N ARG E 131 16.50 0.21 27.55
CA ARG E 131 17.35 -0.42 26.57
C ARG E 131 17.11 -1.91 26.44
N GLY E 132 16.24 -2.48 27.26
CA GLY E 132 15.80 -3.83 27.03
C GLY E 132 16.66 -4.90 27.67
N GLU E 133 17.76 -4.53 28.30
CA GLU E 133 18.55 -5.51 29.04
C GLU E 133 17.69 -6.25 30.05
N ARG E 134 16.70 -5.58 30.62
CA ARG E 134 15.76 -6.20 31.55
C ARG E 134 14.76 -7.05 30.79
N ARG F 17 53.02 -22.65 40.79
CA ARG F 17 52.16 -23.33 41.74
C ARG F 17 51.07 -22.39 42.22
N HIS F 18 50.31 -21.81 41.29
CA HIS F 18 49.29 -20.85 41.64
C HIS F 18 47.99 -21.09 40.88
N ARG F 19 46.93 -21.40 41.61
CA ARG F 19 45.57 -21.07 41.21
C ARG F 19 44.87 -20.54 42.47
N LYS F 20 44.51 -19.26 42.46
CA LYS F 20 43.92 -18.60 43.62
C LYS F 20 42.55 -18.05 43.25
N VAL F 21 41.49 -18.66 43.78
CA VAL F 21 40.14 -18.21 43.47
C VAL F 21 39.91 -16.86 44.12
N LEU F 22 39.58 -15.86 43.31
CA LEU F 22 39.49 -14.49 43.80
C LEU F 22 38.15 -14.23 44.47
N ARG F 23 38.14 -13.25 45.37
CA ARG F 23 36.95 -12.95 46.17
C ARG F 23 36.59 -11.49 45.99
N ASP F 24 35.46 -11.24 45.33
CA ASP F 24 34.77 -9.96 45.42
C ASP F 24 35.65 -8.80 45.00
N ASN F 25 36.35 -8.96 43.89
CA ASN F 25 36.88 -7.77 43.25
C ASN F 25 35.74 -6.87 42.78
N ILE F 26 34.52 -7.42 42.67
CA ILE F 26 33.36 -6.57 42.56
C ILE F 26 33.27 -5.65 43.77
N GLN F 27 33.47 -6.20 44.95
CA GLN F 27 33.67 -5.36 46.11
C GLN F 27 35.01 -4.66 46.02
N GLY F 28 35.94 -5.26 45.30
CA GLY F 28 37.13 -4.54 44.88
C GLY F 28 36.81 -3.27 44.11
N ILE F 29 35.69 -3.26 43.38
CA ILE F 29 35.33 -2.04 42.67
C ILE F 29 34.98 -0.98 43.70
N THR F 30 35.70 0.13 43.67
CA THR F 30 35.64 1.07 44.76
C THR F 30 34.53 2.06 44.53
N LYS F 31 33.85 2.38 45.60
CA LYS F 31 32.91 3.48 45.61
C LYS F 31 33.50 4.71 44.92
N PRO F 32 34.65 5.23 45.35
CA PRO F 32 35.16 6.46 44.71
C PRO F 32 35.26 6.36 43.21
N ALA F 33 35.65 5.19 42.71
CA ALA F 33 35.75 5.02 41.27
C ALA F 33 34.41 5.29 40.61
N ILE F 34 33.39 4.52 40.98
CA ILE F 34 32.07 4.71 40.41
C ILE F 34 31.69 6.17 40.46
N ARG F 35 31.95 6.80 41.59
CA ARG F 35 31.70 8.23 41.71
C ARG F 35 32.34 8.98 40.57
N ARG F 36 33.64 8.79 40.41
CA ARG F 36 34.36 9.44 39.32
C ARG F 36 33.62 9.22 38.00
N LEU F 37 33.20 7.98 37.77
CA LEU F 37 32.50 7.66 36.53
C LEU F 37 31.29 8.54 36.35
N ALA F 38 30.37 8.49 37.29
CA ALA F 38 29.17 9.31 37.17
C ALA F 38 29.53 10.77 36.96
N ARG F 39 30.60 11.23 37.60
CA ARG F 39 31.03 12.60 37.39
C ARG F 39 31.29 12.85 35.92
N ARG F 40 32.14 12.03 35.30
CA ARG F 40 32.26 12.14 33.85
C ARG F 40 30.91 11.97 33.20
N GLY F 41 30.08 11.08 33.74
CA GLY F 41 28.73 10.94 33.23
C GLY F 41 27.85 12.15 33.49
N GLY F 42 28.30 13.08 34.31
CA GLY F 42 27.62 14.34 34.52
C GLY F 42 26.78 14.41 35.78
N VAL F 43 26.42 13.26 36.37
CA VAL F 43 25.57 13.28 37.54
C VAL F 43 26.22 14.08 38.65
N LYS F 44 25.39 14.77 39.44
CA LYS F 44 25.91 15.73 40.41
C LYS F 44 25.95 15.15 41.81
N ARG F 45 24.81 14.74 42.35
CA ARG F 45 24.74 14.12 43.67
C ARG F 45 24.21 12.70 43.55
N ILE F 46 24.60 11.84 44.49
CA ILE F 46 24.47 10.41 44.32
C ILE F 46 23.84 9.76 45.54
N SER F 47 22.94 8.81 45.31
CA SER F 47 22.38 8.00 46.36
C SER F 47 23.32 6.88 46.78
N GLY F 48 23.11 6.42 48.00
CA GLY F 48 23.92 5.33 48.51
C GLY F 48 23.64 4.03 47.80
N LEU F 49 22.38 3.63 47.72
CA LEU F 49 22.02 2.32 47.20
C LEU F 49 22.62 2.06 45.85
N ILE F 50 22.90 3.12 45.10
CA ILE F 50 23.36 2.99 43.73
C ILE F 50 24.51 2.01 43.62
N TYR F 51 25.46 2.09 44.55
CA TYR F 51 26.72 1.36 44.41
C TYR F 51 26.50 -0.11 44.17
N GLU F 52 25.71 -0.75 45.04
CA GLU F 52 25.44 -2.16 44.89
C GLU F 52 24.87 -2.47 43.52
N GLU F 53 23.76 -1.81 43.18
CA GLU F 53 23.09 -2.03 41.92
C GLU F 53 24.07 -1.94 40.76
N THR F 54 24.72 -0.79 40.66
CA THR F 54 25.64 -0.53 39.57
C THR F 54 26.66 -1.65 39.46
N ARG F 55 27.30 -1.98 40.58
CA ARG F 55 28.23 -3.10 40.57
C ARG F 55 27.61 -4.33 39.93
N GLY F 56 26.40 -4.69 40.37
CA GLY F 56 25.78 -5.89 39.85
C GLY F 56 25.60 -5.84 38.34
N VAL F 57 25.05 -4.75 37.84
CA VAL F 57 24.85 -4.62 36.40
C VAL F 57 26.16 -4.77 35.68
N LEU F 58 27.15 -3.99 36.10
CA LEU F 58 28.47 -4.10 35.50
C LEU F 58 28.88 -5.55 35.39
N LYS F 59 28.73 -6.29 36.48
CA LYS F 59 28.97 -7.71 36.43
C LYS F 59 28.26 -8.35 35.25
N VAL F 60 26.93 -8.42 35.29
CA VAL F 60 26.22 -9.25 34.31
C VAL F 60 26.64 -8.87 32.90
N PHE F 61 26.78 -7.57 32.64
CA PHE F 61 27.33 -7.12 31.38
C PHE F 61 28.60 -7.86 31.05
N LEU F 62 29.58 -7.77 31.95
CA LEU F 62 30.82 -8.48 31.73
C LEU F 62 30.57 -9.93 31.39
N GLU F 63 29.76 -10.60 32.21
CA GLU F 63 29.47 -12.01 31.94
C GLU F 63 29.10 -12.22 30.50
N ASN F 64 28.17 -11.42 30.00
CA ASN F 64 27.73 -11.63 28.63
C ASN F 64 28.87 -11.42 27.66
N VAL F 65 29.81 -10.53 27.96
CA VAL F 65 30.92 -10.37 27.03
C VAL F 65 31.86 -11.57 27.10
N ILE F 66 32.39 -11.81 28.30
CA ILE F 66 33.44 -12.78 28.48
C ILE F 66 33.00 -14.13 27.96
N ARG F 67 31.77 -14.54 28.29
CA ARG F 67 31.29 -15.83 27.85
C ARG F 67 31.56 -16.03 26.36
N ASP F 68 31.31 -15.01 25.57
CA ASP F 68 31.48 -15.25 24.16
C ASP F 68 32.93 -15.13 23.73
N ALA F 69 33.65 -14.11 24.19
CA ALA F 69 35.05 -14.04 23.76
C ALA F 69 35.76 -15.34 24.10
N VAL F 70 35.50 -15.85 25.30
CA VAL F 70 35.90 -17.19 25.63
C VAL F 70 35.48 -18.14 24.53
N THR F 71 34.19 -18.16 24.22
CA THR F 71 33.70 -19.12 23.24
C THR F 71 34.58 -19.13 22.00
N TYR F 72 34.96 -17.94 21.54
CA TYR F 72 35.92 -17.86 20.46
C TYR F 72 37.19 -18.60 20.79
N THR F 73 37.87 -18.21 21.87
CA THR F 73 39.13 -18.86 22.16
C THR F 73 38.95 -20.37 22.31
N GLU F 74 37.82 -20.79 22.83
CA GLU F 74 37.42 -22.18 22.89
C GLU F 74 37.64 -22.77 21.53
N HIS F 75 36.87 -22.33 20.55
CA HIS F 75 37.03 -22.97 19.26
C HIS F 75 38.42 -22.71 18.68
N ALA F 76 39.02 -21.57 19.01
CA ALA F 76 40.40 -21.36 18.62
C ALA F 76 41.32 -22.39 19.22
N LYS F 77 40.87 -23.06 20.27
CA LYS F 77 41.63 -24.14 20.89
C LYS F 77 43.00 -23.65 21.32
N ARG F 78 43.01 -22.55 22.06
CA ARG F 78 44.27 -21.97 22.49
C ARG F 78 44.14 -21.57 23.94
N LYS F 79 45.27 -21.53 24.63
CA LYS F 79 45.25 -21.23 26.04
C LYS F 79 44.89 -19.79 26.33
N THR F 80 45.04 -18.91 25.35
CA THR F 80 45.11 -17.49 25.59
C THR F 80 43.98 -16.79 24.86
N VAL F 81 43.57 -15.63 25.36
CA VAL F 81 42.46 -14.87 24.78
C VAL F 81 43.00 -13.56 24.24
N THR F 82 42.99 -13.43 22.93
CA THR F 82 43.48 -12.25 22.26
C THR F 82 42.59 -11.06 22.55
N ALA F 83 43.12 -9.88 22.29
CA ALA F 83 42.25 -8.74 22.11
C ALA F 83 41.18 -9.02 21.06
N MET F 84 41.53 -9.80 20.04
CA MET F 84 40.58 -10.04 18.96
C MET F 84 39.30 -10.65 19.50
N ASP F 85 39.42 -11.81 20.14
CA ASP F 85 38.21 -12.49 20.58
C ASP F 85 37.34 -11.57 21.41
N VAL F 86 37.96 -10.71 22.21
CA VAL F 86 37.20 -9.65 22.85
C VAL F 86 36.43 -8.88 21.81
N VAL F 87 37.12 -8.34 20.81
CA VAL F 87 36.48 -7.46 19.86
C VAL F 87 35.31 -8.17 19.20
N TYR F 88 35.61 -9.27 18.52
CA TYR F 88 34.56 -10.05 17.88
C TYR F 88 33.40 -10.26 18.81
N ALA F 89 33.67 -10.55 20.06
CA ALA F 89 32.56 -10.78 20.97
C ALA F 89 31.71 -9.53 21.09
N LEU F 90 32.37 -8.38 21.24
CA LEU F 90 31.62 -7.16 21.44
C LEU F 90 30.74 -6.87 20.25
N LYS F 91 31.36 -6.69 19.08
CA LYS F 91 30.58 -6.45 17.87
C LYS F 91 29.49 -7.49 17.74
N ARG F 92 29.89 -8.73 17.96
CA ARG F 92 28.97 -9.84 17.96
C ARG F 92 27.79 -9.62 18.87
N GLN F 93 27.90 -8.76 19.87
CA GLN F 93 26.67 -8.33 20.52
C GLN F 93 26.09 -7.05 19.96
N GLY F 94 26.80 -6.35 19.08
CA GLY F 94 26.37 -5.05 18.65
C GLY F 94 27.05 -3.87 19.30
N ARG F 95 28.20 -4.09 19.92
CA ARG F 95 28.99 -3.03 20.51
C ARG F 95 30.37 -3.10 19.89
N THR F 96 30.81 -2.01 19.31
CA THR F 96 32.09 -2.08 18.64
C THR F 96 33.01 -0.99 19.13
N LEU F 97 34.29 -1.35 19.27
CA LEU F 97 35.37 -0.44 19.57
C LEU F 97 36.38 -0.49 18.44
N TYR F 98 37.18 0.57 18.33
CA TYR F 98 38.20 0.67 17.31
C TYR F 98 39.57 0.81 17.94
N GLY F 99 40.58 0.65 17.08
CA GLY F 99 41.96 0.89 17.42
C GLY F 99 42.72 -0.35 17.80
N PHE F 100 42.03 -1.40 18.21
CA PHE F 100 42.69 -2.63 18.64
C PHE F 100 42.76 -3.66 17.54
N GLY F 101 42.39 -3.30 16.34
CA GLY F 101 42.35 -4.27 15.27
C GLY F 101 40.94 -4.72 15.00
N GLY F 102 40.66 -5.04 13.75
CA GLY F 102 39.34 -5.48 13.35
C GLY F 102 38.30 -4.39 13.42
N ALA G 12 23.26 -49.75 -7.72
CA ALA G 12 23.35 -48.97 -6.48
C ALA G 12 21.96 -48.61 -6.00
N LYS G 13 21.81 -48.49 -4.68
CA LYS G 13 20.55 -48.07 -4.07
C LYS G 13 20.75 -46.74 -3.36
N ALA G 14 20.10 -45.69 -3.86
CA ALA G 14 20.15 -44.40 -3.21
C ALA G 14 19.17 -44.32 -2.05
N LYS G 15 19.47 -43.44 -1.10
CA LYS G 15 18.52 -43.04 -0.07
C LYS G 15 18.98 -41.71 0.49
N THR G 16 18.05 -40.98 1.09
CA THR G 16 18.34 -39.63 1.54
C THR G 16 19.08 -39.63 2.86
N ARG G 17 20.04 -38.72 2.97
CA ARG G 17 20.80 -38.62 4.20
C ARG G 17 19.89 -38.30 5.36
N SER G 18 18.91 -37.42 5.15
CA SER G 18 17.99 -37.09 6.22
C SER G 18 17.29 -38.33 6.75
N SER G 19 16.88 -39.22 5.85
CA SER G 19 16.41 -40.53 6.27
C SER G 19 17.48 -41.25 7.06
N ARG G 20 18.69 -41.24 6.53
CA ARG G 20 19.82 -41.87 7.19
C ARG G 20 20.16 -41.18 8.50
N ALA G 21 19.77 -39.93 8.65
CA ALA G 21 19.80 -39.26 9.95
C ALA G 21 18.51 -39.48 10.73
N GLY G 22 17.50 -40.05 10.08
CA GLY G 22 16.21 -40.19 10.73
C GLY G 22 15.62 -38.85 11.12
N LEU G 23 15.81 -37.84 10.27
CA LEU G 23 15.39 -36.49 10.57
C LEU G 23 14.58 -35.94 9.41
N GLN G 24 13.88 -34.85 9.67
CA GLN G 24 12.86 -34.38 8.77
C GLN G 24 13.35 -33.31 7.80
N PHE G 25 14.60 -32.90 7.88
CA PHE G 25 15.02 -31.82 7.01
C PHE G 25 15.99 -32.30 5.95
N PRO G 26 15.68 -32.00 4.71
CA PRO G 26 16.45 -32.55 3.60
C PRO G 26 17.84 -31.99 3.53
N VAL G 27 18.73 -32.63 4.27
CA VAL G 27 20.12 -32.21 4.34
C VAL G 27 20.66 -31.92 2.95
N GLY G 28 20.17 -32.64 1.94
CA GLY G 28 20.51 -32.29 0.59
C GLY G 28 20.16 -30.84 0.30
N ARG G 29 18.89 -30.49 0.47
CA ARG G 29 18.47 -29.13 0.21
C ARG G 29 19.27 -28.16 1.05
N VAL G 30 19.42 -28.48 2.32
CA VAL G 30 20.14 -27.60 3.23
C VAL G 30 21.52 -27.30 2.67
N HIS G 31 22.30 -28.35 2.48
CA HIS G 31 23.64 -28.25 1.94
C HIS G 31 23.65 -27.39 0.69
N ARG G 32 22.74 -27.69 -0.23
CA ARG G 32 22.64 -26.91 -1.45
C ARG G 32 22.55 -25.42 -1.11
N LEU G 33 21.59 -25.07 -0.28
CA LEU G 33 21.47 -23.68 0.14
C LEU G 33 22.78 -23.16 0.67
N LEU G 34 23.47 -23.98 1.45
CA LEU G 34 24.72 -23.54 2.03
C LEU G 34 25.68 -23.10 0.95
N ARG G 35 25.94 -23.97 -0.01
CA ARG G 35 26.90 -23.63 -1.05
C ARG G 35 26.47 -22.38 -1.79
N LYS G 36 25.21 -22.30 -2.18
CA LYS G 36 24.80 -21.10 -2.88
C LYS G 36 24.97 -19.87 -2.00
N GLY G 37 24.92 -20.07 -0.70
CA GLY G 37 25.03 -18.96 0.22
C GLY G 37 26.37 -18.28 0.28
N ASN G 38 27.36 -18.79 -0.45
CA ASN G 38 28.64 -18.12 -0.57
C ASN G 38 29.36 -18.05 0.77
N TYR G 39 29.08 -18.98 1.66
CA TYR G 39 29.53 -18.86 3.04
C TYR G 39 31.01 -19.17 3.17
N ALA G 40 31.38 -20.39 2.90
CA ALA G 40 32.77 -20.73 2.67
C ALA G 40 32.88 -21.31 1.29
N GLU G 41 34.09 -21.30 0.74
CA GLU G 41 34.24 -21.92 -0.56
C GLU G 41 33.97 -23.41 -0.50
N ARG G 42 33.96 -24.01 0.69
CA ARG G 42 33.78 -25.45 0.79
C ARG G 42 32.96 -25.78 2.03
N VAL G 43 32.41 -27.00 2.03
CA VAL G 43 31.46 -27.41 3.06
C VAL G 43 31.78 -28.82 3.50
N GLY G 44 31.97 -29.01 4.81
CA GLY G 44 32.14 -30.35 5.35
C GLY G 44 30.80 -31.01 5.59
N ALA G 45 30.75 -32.31 5.35
CA ALA G 45 29.46 -32.98 5.28
C ALA G 45 28.76 -33.03 6.62
N GLY G 46 29.46 -32.79 7.73
CA GLY G 46 28.79 -32.86 9.01
C GLY G 46 27.90 -31.67 9.26
N ALA G 47 28.36 -30.49 8.90
CA ALA G 47 27.64 -29.25 9.12
C ALA G 47 26.17 -29.36 8.73
N PRO G 48 25.84 -29.71 7.49
CA PRO G 48 24.43 -29.62 7.10
C PRO G 48 23.54 -30.47 7.96
N VAL G 49 23.94 -31.72 8.22
CA VAL G 49 23.20 -32.54 9.16
C VAL G 49 23.01 -31.80 10.47
N TYR G 50 24.12 -31.51 11.13
CA TYR G 50 24.08 -30.95 12.48
C TYR G 50 23.09 -29.80 12.53
N LEU G 51 23.22 -28.87 11.59
CA LEU G 51 22.33 -27.73 11.52
C LEU G 51 20.89 -28.16 11.38
N ALA G 52 20.61 -28.95 10.34
CA ALA G 52 19.25 -29.35 10.06
C ALA G 52 18.58 -29.86 11.33
N ALA G 53 19.26 -30.78 12.00
CA ALA G 53 18.76 -31.23 13.29
C ALA G 53 18.45 -30.05 14.19
N VAL G 54 19.38 -29.12 14.32
CA VAL G 54 19.16 -27.98 15.21
C VAL G 54 17.82 -27.35 14.90
N LEU G 55 17.62 -26.99 13.64
CA LEU G 55 16.35 -26.42 13.23
C LEU G 55 15.21 -27.27 13.73
N GLU G 56 15.29 -28.57 13.47
CA GLU G 56 14.19 -29.46 13.79
C GLU G 56 13.84 -29.37 15.27
N TYR G 57 14.86 -29.38 16.12
CA TYR G 57 14.65 -29.18 17.54
C TYR G 57 13.92 -27.88 17.81
N LEU G 58 14.41 -26.78 17.25
CA LEU G 58 13.79 -25.48 17.49
C LEU G 58 12.32 -25.52 17.19
N THR G 59 12.00 -25.92 15.97
CA THR G 59 10.62 -26.01 15.55
C THR G 59 9.82 -26.82 16.53
N ALA G 60 10.34 -27.97 16.93
CA ALA G 60 9.64 -28.79 17.91
C ALA G 60 9.27 -27.97 19.14
N GLU G 61 10.26 -27.27 19.69
CA GLU G 61 10.03 -26.39 20.83
C GLU G 61 8.83 -25.48 20.60
N ILE G 62 9.03 -24.54 19.68
CA ILE G 62 8.03 -23.50 19.48
C ILE G 62 6.67 -24.12 19.23
N LEU G 63 6.62 -25.13 18.37
CA LEU G 63 5.36 -25.78 18.06
C LEU G 63 4.68 -26.26 19.32
N GLU G 64 5.36 -27.10 20.08
CA GLU G 64 4.75 -27.66 21.27
C GLU G 64 4.16 -26.56 22.13
N LEU G 65 4.96 -25.54 22.40
CA LEU G 65 4.51 -24.48 23.29
C LEU G 65 3.24 -23.83 22.75
N ALA G 66 3.29 -23.38 21.50
CA ALA G 66 2.13 -22.74 20.91
C ALA G 66 0.92 -23.65 21.00
N GLY G 67 1.02 -24.83 20.39
CA GLY G 67 -0.12 -25.74 20.34
C GLY G 67 -0.76 -25.93 21.70
N ASN G 68 0.07 -26.04 22.74
CA ASN G 68 -0.47 -25.96 24.08
C ASN G 68 -1.33 -24.72 24.24
N ALA G 69 -0.75 -23.56 23.88
CA ALA G 69 -1.51 -22.33 24.03
C ALA G 69 -2.82 -22.37 23.24
N ALA G 70 -2.86 -23.11 22.14
CA ALA G 70 -4.12 -23.27 21.43
C ALA G 70 -5.08 -24.07 22.29
N ARG G 71 -4.61 -25.17 22.84
CA ARG G 71 -5.43 -25.96 23.75
C ARG G 71 -5.96 -25.10 24.88
N ASP G 72 -5.28 -24.01 25.21
CA ASP G 72 -5.80 -23.12 26.24
C ASP G 72 -7.20 -22.66 25.91
N ASN G 73 -7.44 -22.31 24.66
CA ASN G 73 -8.79 -22.12 24.17
C ASN G 73 -9.35 -23.36 23.52
N LYS G 74 -8.56 -24.43 23.49
CA LYS G 74 -8.97 -25.67 22.86
C LYS G 74 -9.36 -25.43 21.40
N LYS G 75 -8.42 -24.86 20.67
CA LYS G 75 -8.59 -24.58 19.25
C LYS G 75 -7.72 -25.55 18.47
N THR G 76 -8.36 -26.50 17.79
CA THR G 76 -7.62 -27.57 17.14
C THR G 76 -6.57 -27.01 16.20
N ARG G 77 -6.78 -25.82 15.69
CA ARG G 77 -5.86 -25.19 14.77
C ARG G 77 -5.12 -24.10 15.50
N ILE G 78 -3.89 -23.85 15.08
CA ILE G 78 -3.03 -22.86 15.72
C ILE G 78 -3.10 -21.57 14.93
N ILE G 79 -3.19 -20.45 15.64
CA ILE G 79 -3.23 -19.14 15.00
C ILE G 79 -2.05 -18.31 15.46
N PRO G 80 -1.62 -17.35 14.66
CA PRO G 80 -0.50 -16.51 15.06
C PRO G 80 -0.62 -15.94 16.44
N ARG G 81 -1.83 -15.54 16.85
CA ARG G 81 -2.02 -15.08 18.21
C ARG G 81 -1.37 -16.02 19.19
N HIS G 82 -1.68 -17.31 19.06
CA HIS G 82 -1.04 -18.31 19.89
C HIS G 82 0.47 -18.13 19.85
N LEU G 83 1.03 -18.01 18.65
CA LEU G 83 2.47 -17.93 18.51
C LEU G 83 3.01 -16.78 19.35
N GLN G 84 2.49 -15.58 19.11
CA GLN G 84 2.89 -14.42 19.89
C GLN G 84 2.85 -14.76 21.37
N LEU G 85 1.77 -15.36 21.81
CA LEU G 85 1.60 -15.62 23.22
C LEU G 85 2.69 -16.56 23.74
N ALA G 86 2.77 -17.76 23.17
CA ALA G 86 3.75 -18.73 23.65
C ALA G 86 5.15 -18.14 23.63
N VAL G 87 5.54 -17.56 22.50
CA VAL G 87 6.90 -17.08 22.36
C VAL G 87 7.20 -16.00 23.38
N ARG G 88 6.34 -14.99 23.46
CA ARG G 88 6.56 -13.93 24.44
C ARG G 88 6.54 -14.46 25.86
N ASN G 89 5.87 -15.59 26.11
CA ASN G 89 5.82 -16.11 27.47
C ASN G 89 7.17 -16.66 27.90
N ASP G 90 7.75 -17.55 27.10
CA ASP G 90 9.04 -18.13 27.45
C ASP G 90 10.09 -17.05 27.63
N GLU G 91 11.00 -17.28 28.58
CA GLU G 91 12.12 -16.37 28.74
C GLU G 91 13.12 -16.51 27.60
N GLU G 92 13.63 -17.72 27.38
CA GLU G 92 14.67 -17.91 26.39
C GLU G 92 14.24 -17.41 25.02
N LEU G 93 13.15 -17.96 24.50
CA LEU G 93 12.72 -17.60 23.16
C LEU G 93 12.47 -16.11 23.05
N ASN G 94 11.60 -15.60 23.89
CA ASN G 94 11.28 -14.19 23.79
C ASN G 94 12.53 -13.36 23.85
N LYS G 95 13.53 -13.82 24.59
CA LYS G 95 14.84 -13.23 24.48
C LYS G 95 15.34 -13.33 23.05
N LEU G 96 15.19 -14.48 22.43
CA LEU G 96 15.68 -14.65 21.08
C LEU G 96 14.96 -13.73 20.11
N LEU G 97 13.64 -13.73 20.16
CA LEU G 97 12.85 -13.08 19.12
C LEU G 97 12.45 -11.66 19.46
N GLY G 98 12.89 -11.13 20.60
CA GLY G 98 12.44 -9.81 21.01
C GLY G 98 12.66 -8.74 19.96
N ARG G 99 13.62 -8.96 19.07
CA ARG G 99 13.93 -8.03 18.02
C ARG G 99 13.05 -8.21 16.80
N VAL G 100 12.12 -9.15 16.83
CA VAL G 100 11.29 -9.45 15.69
C VAL G 100 9.84 -9.48 16.12
N THR G 101 8.97 -9.01 15.25
CA THR G 101 7.55 -9.02 15.46
C THR G 101 6.93 -10.26 14.86
N ILE G 102 5.91 -10.77 15.50
CA ILE G 102 5.08 -11.77 14.86
C ILE G 102 3.90 -11.07 14.21
N ALA G 103 3.54 -11.53 13.01
CA ALA G 103 2.35 -11.02 12.34
C ALA G 103 1.11 -11.39 13.12
N GLN G 104 0.11 -10.50 13.06
CA GLN G 104 -1.13 -10.69 13.80
C GLN G 104 -0.84 -10.91 15.27
N GLY G 105 0.11 -10.13 15.78
CA GLY G 105 0.67 -10.44 17.06
C GLY G 105 -0.27 -10.32 18.22
N GLY G 106 -0.84 -9.14 18.41
CA GLY G 106 -1.44 -8.82 19.69
C GLY G 106 -0.32 -8.72 20.72
N VAL G 107 -0.71 -8.46 21.96
CA VAL G 107 0.27 -8.38 23.03
C VAL G 107 -0.25 -9.17 24.22
N LEU G 108 0.67 -9.70 25.01
CA LEU G 108 0.37 -10.47 26.19
C LEU G 108 -0.57 -9.65 27.07
N PRO G 109 -1.45 -10.28 27.83
CA PRO G 109 -2.22 -9.51 28.80
C PRO G 109 -1.26 -8.83 29.76
N ASN G 110 -1.41 -7.52 29.86
CA ASN G 110 -0.42 -6.77 30.61
C ASN G 110 -1.12 -5.61 31.28
N ILE G 111 -0.82 -5.39 32.56
CA ILE G 111 -1.37 -4.28 33.32
C ILE G 111 -0.31 -3.78 34.29
N GLN G 112 -0.19 -2.46 34.38
CA GLN G 112 0.64 -1.85 35.41
C GLN G 112 -0.14 -1.77 36.71
N SER G 113 0.49 -2.18 37.81
CA SER G 113 -0.21 -2.29 39.07
C SER G 113 -0.89 -0.99 39.44
N VAL G 114 -0.16 0.12 39.36
CA VAL G 114 -0.63 1.40 39.85
C VAL G 114 -1.99 1.76 39.27
N LEU G 115 -2.31 1.28 38.08
CA LEU G 115 -3.57 1.65 37.47
C LEU G 115 -4.73 0.77 37.91
N LEU G 116 -4.48 -0.26 38.70
CA LEU G 116 -5.63 -1.05 39.13
C LEU G 116 -6.35 -0.36 40.29
N PRO G 117 -7.68 -0.32 40.25
CA PRO G 117 -8.44 0.29 41.35
C PRO G 117 -8.35 -0.54 42.62
N LYS G 118 -8.75 0.08 43.72
CA LYS G 118 -8.83 -0.61 45.01
C LYS G 118 -9.83 -1.76 44.96
N THR H 29 4.78 -22.05 -11.51
CA THR H 29 6.13 -22.26 -11.01
C THR H 29 6.13 -22.46 -9.50
N ARG H 30 6.87 -23.46 -9.04
CA ARG H 30 6.92 -23.73 -7.61
C ARG H 30 7.82 -22.74 -6.90
N LYS H 31 7.56 -22.58 -5.60
CA LYS H 31 8.42 -21.82 -4.72
C LYS H 31 8.59 -22.67 -3.46
N GLU H 32 9.79 -23.14 -3.17
CA GLU H 32 9.90 -24.18 -2.16
C GLU H 32 9.87 -23.57 -0.76
N SER H 33 9.44 -24.39 0.19
CA SER H 33 9.38 -24.01 1.58
C SER H 33 9.61 -25.23 2.45
N TYR H 34 9.51 -25.04 3.75
CA TYR H 34 9.68 -26.10 4.71
C TYR H 34 8.35 -26.65 5.19
N ALA H 35 7.25 -26.12 4.66
CA ALA H 35 5.96 -26.24 5.30
C ALA H 35 5.66 -27.69 5.66
N ILE H 36 5.68 -28.57 4.67
CA ILE H 36 5.30 -29.96 4.90
C ILE H 36 6.10 -30.54 6.05
N TYR H 37 7.39 -30.18 6.12
CA TYR H 37 8.21 -30.68 7.20
C TYR H 37 7.68 -30.20 8.53
N VAL H 38 7.46 -28.89 8.63
CA VAL H 38 6.87 -28.32 9.83
C VAL H 38 5.66 -29.13 10.22
N TYR H 39 4.78 -29.35 9.26
CA TYR H 39 3.54 -30.06 9.49
C TYR H 39 3.80 -31.40 10.12
N LYS H 40 4.70 -32.17 9.50
CA LYS H 40 5.01 -33.50 10.02
C LYS H 40 5.56 -33.42 11.43
N VAL H 41 6.35 -32.39 11.71
CA VAL H 41 6.87 -32.21 13.06
C VAL H 41 5.73 -32.05 14.04
N LEU H 42 4.76 -31.21 13.69
CA LEU H 42 3.57 -31.12 14.51
C LEU H 42 2.97 -32.50 14.71
N LYS H 43 2.89 -33.29 13.64
CA LYS H 43 2.45 -34.67 13.79
C LYS H 43 3.35 -35.47 14.71
N GLN H 44 4.57 -35.01 14.96
CA GLN H 44 5.40 -35.62 15.97
C GLN H 44 5.31 -34.89 17.30
N VAL H 45 4.45 -33.89 17.42
CA VAL H 45 4.36 -33.16 18.68
C VAL H 45 2.93 -33.16 19.20
N HIS H 46 2.07 -32.41 18.56
CA HIS H 46 0.65 -32.38 18.89
C HIS H 46 -0.07 -32.91 17.65
N PRO H 47 0.03 -34.21 17.39
CA PRO H 47 -0.37 -34.74 16.08
C PRO H 47 -1.80 -34.46 15.73
N ASP H 48 -2.63 -34.05 16.68
CA ASP H 48 -4.05 -33.86 16.47
C ASP H 48 -4.40 -32.41 16.15
N THR H 49 -3.41 -31.56 16.00
CA THR H 49 -3.61 -30.12 15.95
C THR H 49 -3.58 -29.62 14.52
N GLY H 50 -4.42 -28.64 14.22
CA GLY H 50 -4.40 -27.99 12.93
C GLY H 50 -3.53 -26.76 12.94
N ILE H 51 -3.28 -26.25 11.73
CA ILE H 51 -2.46 -25.06 11.57
C ILE H 51 -3.06 -24.19 10.48
N SER H 52 -3.20 -22.91 10.76
CA SER H 52 -3.61 -21.99 9.72
C SER H 52 -2.45 -21.76 8.76
N SER H 53 -2.79 -21.47 7.52
CA SER H 53 -1.78 -21.09 6.55
C SER H 53 -0.87 -20.03 7.14
N LYS H 54 -1.43 -18.88 7.47
CA LYS H 54 -0.64 -17.75 7.93
C LYS H 54 0.38 -18.19 8.95
N ALA H 55 -0.07 -18.97 9.93
CA ALA H 55 0.86 -19.54 10.89
C ALA H 55 2.02 -20.22 10.17
N MET H 56 1.68 -21.14 9.27
CA MET H 56 2.72 -21.84 8.53
C MET H 56 3.71 -20.87 7.93
N SER H 57 3.21 -19.85 7.26
CA SER H 57 4.09 -18.83 6.70
C SER H 57 5.04 -18.30 7.75
N ILE H 58 4.49 -17.87 8.87
CA ILE H 58 5.32 -17.36 9.95
C ILE H 58 6.44 -18.33 10.25
N MET H 59 6.08 -19.60 10.44
CA MET H 59 7.08 -20.61 10.71
C MET H 59 8.18 -20.57 9.67
N ASN H 60 7.80 -20.49 8.41
CA ASN H 60 8.81 -20.48 7.36
C ASN H 60 9.77 -19.32 7.56
N SER H 61 9.22 -18.11 7.62
CA SER H 61 10.08 -16.94 7.80
C SER H 61 10.98 -17.12 9.01
N PHE H 62 10.40 -17.56 10.12
CA PHE H 62 11.18 -17.86 11.31
C PHE H 62 12.38 -18.71 10.98
N VAL H 63 12.13 -19.86 10.36
CA VAL H 63 13.20 -20.80 10.10
C VAL H 63 14.29 -20.13 9.30
N ASN H 64 13.93 -19.62 8.12
CA ASN H 64 14.98 -19.10 7.26
C ASN H 64 15.73 -17.97 7.94
N ASP H 65 15.05 -17.24 8.81
CA ASP H 65 15.74 -16.30 9.68
C ASP H 65 16.86 -17.00 10.43
N VAL H 66 16.47 -17.87 11.35
CA VAL H 66 17.44 -18.55 12.19
C VAL H 66 18.58 -19.05 11.35
N PHE H 67 18.24 -19.73 10.27
CA PHE H 67 19.23 -20.20 9.33
C PHE H 67 20.17 -19.09 8.94
N GLU H 68 19.64 -17.92 8.59
CA GLU H 68 20.50 -16.81 8.24
C GLU H 68 21.51 -16.58 9.35
N ARG H 69 21.02 -16.35 10.55
CA ARG H 69 21.93 -16.02 11.63
C ARG H 69 23.04 -17.05 11.72
N ILE H 70 22.66 -18.31 11.80
CA ILE H 70 23.64 -19.38 11.95
C ILE H 70 24.68 -19.29 10.86
N ALA H 71 24.26 -19.44 9.61
CA ALA H 71 25.20 -19.44 8.52
C ALA H 71 26.14 -18.26 8.61
N GLY H 72 25.60 -17.10 8.93
CA GLY H 72 26.44 -15.92 9.09
C GLY H 72 27.54 -16.21 10.08
N GLU H 73 27.16 -16.63 11.28
CA GLU H 73 28.14 -16.80 12.34
C GLU H 73 29.20 -17.80 11.93
N ALA H 74 28.78 -19.00 11.55
CA ALA H 74 29.74 -20.00 11.13
C ALA H 74 30.69 -19.41 10.12
N SER H 75 30.14 -18.79 9.09
CA SER H 75 30.96 -18.16 8.07
C SER H 75 32.01 -17.28 8.73
N ARG H 76 31.56 -16.46 9.66
CA ARG H 76 32.47 -15.58 10.38
C ARG H 76 33.64 -16.37 10.95
N LEU H 77 33.35 -17.42 11.70
CA LEU H 77 34.41 -18.22 12.29
C LEU H 77 35.37 -18.70 11.22
N ALA H 78 34.83 -19.34 10.19
CA ALA H 78 35.67 -19.82 9.10
C ALA H 78 36.62 -18.74 8.66
N HIS H 79 36.12 -17.51 8.58
CA HIS H 79 36.99 -16.42 8.18
C HIS H 79 38.08 -16.19 9.21
N TYR H 80 37.73 -16.20 10.49
CA TYR H 80 38.67 -15.71 11.49
C TYR H 80 39.79 -16.72 11.69
N ASN H 81 39.41 -17.98 11.88
CA ASN H 81 40.38 -19.03 11.97
C ASN H 81 40.87 -19.46 10.61
N LYS H 82 40.35 -18.82 9.56
CA LYS H 82 40.97 -18.85 8.25
C LYS H 82 41.01 -20.27 7.70
N ARG H 83 39.87 -20.93 7.72
CA ARG H 83 39.68 -22.20 7.06
C ARG H 83 38.79 -22.01 5.84
N SER H 84 39.03 -22.83 4.83
CA SER H 84 38.29 -22.72 3.58
C SER H 84 37.01 -23.53 3.58
N THR H 85 36.64 -24.14 4.70
CA THR H 85 35.54 -25.07 4.71
C THR H 85 34.79 -24.94 6.02
N ILE H 86 33.52 -25.34 6.00
CA ILE H 86 32.67 -25.34 7.19
C ILE H 86 32.29 -26.77 7.50
N THR H 87 32.50 -27.19 8.75
CA THR H 87 32.10 -28.51 9.20
C THR H 87 31.00 -28.37 10.23
N SER H 88 30.60 -29.49 10.81
CA SER H 88 29.70 -29.41 11.93
C SER H 88 30.29 -28.60 13.06
N ARG H 89 31.61 -28.66 13.24
CA ARG H 89 32.22 -28.09 14.44
C ARG H 89 31.91 -26.61 14.56
N GLU H 90 32.28 -25.85 13.54
CA GLU H 90 31.98 -24.43 13.53
C GLU H 90 30.53 -24.19 13.87
N ILE H 91 29.66 -24.96 13.20
CA ILE H 91 28.22 -24.82 13.45
C ILE H 91 27.96 -24.85 14.93
N GLN H 92 28.41 -25.94 15.55
CA GLN H 92 28.23 -26.10 16.98
C GLN H 92 28.69 -24.86 17.73
N THR H 93 29.89 -24.39 17.43
CA THR H 93 30.37 -23.19 18.09
C THR H 93 29.34 -22.09 18.02
N ALA H 94 28.89 -21.78 16.80
CA ALA H 94 27.93 -20.70 16.64
C ALA H 94 26.68 -20.97 17.45
N VAL H 95 26.23 -22.21 17.47
CA VAL H 95 25.05 -22.55 18.25
C VAL H 95 25.27 -22.16 19.69
N ARG H 96 26.42 -22.53 20.25
CA ARG H 96 26.74 -22.15 21.61
C ARG H 96 26.67 -20.65 21.76
N LEU H 97 27.06 -19.91 20.74
CA LEU H 97 26.82 -18.48 20.81
C LEU H 97 25.35 -18.15 20.97
N LEU H 98 24.56 -18.40 19.93
CA LEU H 98 23.23 -17.81 19.88
C LEU H 98 22.34 -18.27 21.02
N LEU H 99 22.11 -19.57 21.13
CA LEU H 99 20.94 -20.07 21.82
C LEU H 99 21.26 -20.33 23.28
N PRO H 100 20.80 -19.50 24.21
CA PRO H 100 21.27 -19.59 25.58
C PRO H 100 20.64 -20.74 26.34
N GLY H 101 21.33 -21.15 27.39
CA GLY H 101 20.76 -22.06 28.36
C GLY H 101 20.29 -23.37 27.76
N GLU H 102 19.10 -23.79 28.18
CA GLU H 102 18.54 -25.05 27.74
C GLU H 102 18.62 -25.21 26.25
N LEU H 103 18.47 -24.10 25.53
CA LEU H 103 18.61 -24.14 24.09
C LEU H 103 19.96 -24.71 23.71
N ALA H 104 21.02 -24.08 24.19
CA ALA H 104 22.35 -24.63 23.96
C ALA H 104 22.39 -26.09 24.37
N LYS H 105 22.02 -26.37 25.61
CA LYS H 105 22.21 -27.69 26.17
C LYS H 105 21.50 -28.75 25.36
N HIS H 106 20.18 -28.79 25.46
CA HIS H 106 19.41 -29.78 24.73
C HIS H 106 19.77 -29.74 23.25
N ALA H 107 19.78 -28.54 22.68
CA ALA H 107 19.99 -28.38 21.25
C ALA H 107 21.28 -29.05 20.82
N VAL H 108 22.41 -28.46 21.19
CA VAL H 108 23.70 -28.99 20.80
C VAL H 108 23.76 -30.47 21.07
N SER H 109 23.20 -30.89 22.20
CA SER H 109 23.06 -32.32 22.45
C SER H 109 22.47 -33.01 21.25
N GLU H 110 21.35 -32.46 20.74
CA GLU H 110 20.64 -33.14 19.69
C GLU H 110 21.44 -33.12 18.40
N GLY H 111 22.01 -31.97 18.06
CA GLY H 111 22.82 -31.92 16.87
C GLY H 111 23.91 -32.96 16.91
N THR H 112 24.69 -32.96 17.98
CA THR H 112 25.76 -33.92 18.12
C THR H 112 25.24 -35.34 17.95
N LYS H 113 24.24 -35.68 18.74
CA LYS H 113 23.73 -37.04 18.76
C LYS H 113 23.26 -37.47 17.39
N ALA H 114 22.56 -36.60 16.69
CA ALA H 114 22.15 -36.90 15.33
C ALA H 114 23.37 -37.17 14.44
N VAL H 115 24.35 -36.27 14.49
CA VAL H 115 25.57 -36.47 13.74
C VAL H 115 26.11 -37.87 13.98
N THR H 116 26.22 -38.23 15.24
CA THR H 116 26.65 -39.56 15.60
C THR H 116 25.84 -40.61 14.86
N LYS H 117 24.56 -40.74 15.23
CA LYS H 117 23.76 -41.85 14.74
C LYS H 117 23.83 -41.95 13.23
N TYR H 118 23.59 -40.84 12.54
CA TYR H 118 23.70 -40.86 11.09
C TYR H 118 25.07 -41.32 10.65
N THR H 119 26.11 -40.64 11.12
CA THR H 119 27.47 -40.94 10.70
C THR H 119 27.89 -42.35 11.02
N SER H 120 27.12 -43.08 11.83
CA SER H 120 27.32 -44.52 11.89
C SER H 120 27.18 -45.14 10.52
N ALA H 121 26.44 -44.48 9.63
CA ALA H 121 26.24 -44.96 8.28
C ALA H 121 26.17 -43.80 7.30
N LEU K 5 -26.59 -23.46 -44.64
CA LEU K 5 -25.32 -23.63 -43.93
C LEU K 5 -25.53 -23.54 -42.42
N LEU K 6 -24.76 -22.63 -41.82
CA LEU K 6 -24.72 -22.46 -40.37
C LEU K 6 -26.10 -22.26 -39.75
N ASP K 7 -27.07 -21.79 -40.54
CA ASP K 7 -28.45 -21.73 -40.09
C ASP K 7 -28.94 -23.10 -39.64
N GLN K 8 -28.39 -24.16 -40.22
CA GLN K 8 -28.82 -25.50 -39.86
C GLN K 8 -28.24 -25.93 -38.52
N THR K 9 -26.98 -25.58 -38.25
CA THR K 9 -26.46 -25.68 -36.90
C THR K 9 -27.39 -25.00 -35.91
N LYS K 10 -27.75 -23.76 -36.25
CA LYS K 10 -28.75 -23.03 -35.47
C LYS K 10 -29.98 -23.90 -35.23
N ASP K 11 -30.51 -24.51 -36.29
CA ASP K 11 -31.74 -25.30 -36.20
C ASP K 11 -31.59 -26.45 -35.23
N THR K 12 -30.50 -27.21 -35.38
CA THR K 12 -30.24 -28.32 -34.46
C THR K 12 -30.32 -27.84 -33.02
N ARG K 13 -29.56 -26.78 -32.72
CA ARG K 13 -29.62 -26.19 -31.39
C ARG K 13 -31.06 -25.88 -31.00
N ILE K 14 -31.82 -25.34 -31.95
CA ILE K 14 -33.21 -24.95 -31.73
C ILE K 14 -33.95 -26.14 -31.16
N THR K 15 -34.19 -27.14 -32.02
CA THR K 15 -35.08 -28.23 -31.62
C THR K 15 -34.53 -28.95 -30.40
N HIS K 16 -33.32 -29.52 -30.50
CA HIS K 16 -32.86 -30.41 -29.43
C HIS K 16 -32.61 -29.64 -28.15
N LEU K 17 -31.83 -28.56 -28.24
CA LEU K 17 -31.41 -27.90 -27.02
C LEU K 17 -32.57 -27.17 -26.37
N LEU K 18 -33.59 -26.78 -27.15
CA LEU K 18 -34.85 -26.38 -26.57
C LEU K 18 -35.48 -27.50 -25.76
N ARG K 19 -35.50 -28.71 -26.33
CA ARG K 19 -36.03 -29.83 -25.58
C ARG K 19 -35.33 -29.94 -24.23
N GLN K 20 -34.01 -29.72 -24.22
CA GLN K 20 -33.28 -29.74 -22.94
C GLN K 20 -33.68 -28.58 -22.05
N THR K 21 -33.89 -27.40 -22.62
CA THR K 21 -34.33 -26.26 -21.83
C THR K 21 -35.63 -26.58 -21.10
N ASN K 22 -36.66 -26.97 -21.86
CA ASN K 22 -37.92 -27.33 -21.23
C ASN K 22 -37.76 -28.52 -20.31
N ALA K 23 -36.72 -29.33 -20.52
CA ALA K 23 -36.38 -30.32 -19.52
C ALA K 23 -35.97 -29.66 -18.20
N PHE K 24 -35.30 -28.50 -18.28
CA PHE K 24 -34.85 -27.86 -17.05
C PHE K 24 -35.98 -27.39 -16.14
N LEU K 25 -37.22 -27.48 -16.57
CA LEU K 25 -38.34 -27.20 -15.68
C LEU K 25 -38.29 -28.07 -14.44
N ASP K 78 -37.09 -22.39 -37.17
CA ASP K 78 -36.73 -21.41 -36.14
C ASP K 78 -37.28 -21.85 -34.79
N TYR K 79 -36.73 -21.26 -33.74
CA TYR K 79 -37.43 -21.26 -32.47
C TYR K 79 -38.85 -20.77 -32.65
N TYR K 80 -39.02 -19.70 -33.41
CA TYR K 80 -40.29 -18.98 -33.45
C TYR K 80 -41.46 -19.93 -33.59
N ASN K 81 -41.36 -20.91 -34.49
CA ASN K 81 -42.32 -21.99 -34.47
C ASN K 81 -42.28 -22.70 -33.12
N VAL K 82 -41.17 -23.38 -32.86
CA VAL K 82 -41.10 -24.29 -31.73
C VAL K 82 -41.10 -23.53 -30.40
N ALA K 83 -40.55 -22.31 -30.38
CA ALA K 83 -40.56 -21.53 -29.15
C ALA K 83 -41.97 -21.05 -28.80
N HIS K 84 -42.79 -20.78 -29.80
CA HIS K 84 -44.13 -20.27 -29.57
C HIS K 84 -45.19 -21.35 -29.55
N ARG K 85 -44.80 -22.63 -29.56
CA ARG K 85 -45.74 -23.73 -29.70
C ARG K 85 -46.88 -23.67 -28.70
N ILE K 86 -46.56 -23.66 -27.40
CA ILE K 86 -47.62 -23.69 -26.40
C ILE K 86 -48.47 -22.45 -26.57
N LYS K 87 -49.77 -22.66 -26.72
CA LYS K 87 -50.68 -21.59 -27.11
C LYS K 87 -51.46 -21.12 -25.90
N GLU K 88 -51.09 -19.94 -25.40
CA GLU K 88 -52.03 -19.09 -24.67
C GLU K 88 -51.79 -17.67 -25.16
N ASP K 89 -52.80 -17.09 -25.78
CA ASP K 89 -52.71 -15.74 -26.35
C ASP K 89 -53.96 -14.98 -25.93
N ILE K 90 -53.78 -13.96 -25.12
CA ILE K 90 -54.89 -13.22 -24.53
C ILE K 90 -54.64 -11.74 -24.72
N LYS K 91 -55.54 -11.08 -25.44
CA LYS K 91 -55.49 -9.63 -25.63
C LYS K 91 -56.28 -8.86 -24.59
N LYS K 92 -56.84 -9.54 -23.59
CA LYS K 92 -57.59 -8.84 -22.57
C LYS K 92 -56.66 -8.09 -21.63
N GLN K 93 -57.15 -7.06 -21.11
CA GLN K 93 -56.50 -6.73 -19.85
C GLN K 93 -57.22 -7.44 -18.71
N PRO K 94 -56.52 -7.90 -17.67
CA PRO K 94 -57.18 -8.76 -16.69
C PRO K 94 -58.20 -7.98 -15.87
N SER K 95 -58.80 -8.63 -14.89
CA SER K 95 -59.91 -8.02 -14.17
C SER K 95 -59.43 -6.92 -13.24
N ILE K 96 -58.62 -7.27 -12.25
CA ILE K 96 -58.27 -6.41 -11.13
C ILE K 96 -57.47 -5.19 -11.58
N LEU K 97 -57.14 -5.13 -12.86
CA LEU K 97 -56.43 -3.96 -13.37
C LEU K 97 -57.22 -2.69 -13.04
N VAL K 98 -56.55 -1.75 -12.38
CA VAL K 98 -57.23 -0.60 -11.80
C VAL K 98 -56.35 0.63 -11.95
N GLY K 99 -56.99 1.78 -12.13
CA GLY K 99 -56.23 3.01 -12.10
C GLY K 99 -55.33 3.19 -13.30
N GLY K 100 -55.94 3.23 -14.47
CA GLY K 100 -55.23 3.42 -15.72
C GLY K 100 -55.30 2.19 -16.61
N THR K 101 -54.88 2.40 -17.86
CA THR K 101 -55.09 1.41 -18.90
C THR K 101 -53.87 1.38 -19.81
N LEU K 102 -53.63 0.24 -20.41
CA LEU K 102 -52.45 0.07 -21.21
C LEU K 102 -52.48 0.94 -22.46
N LYS K 103 -51.30 1.17 -23.00
CA LYS K 103 -51.16 1.49 -24.40
C LYS K 103 -50.98 0.14 -25.09
N ASP K 104 -52.03 -0.29 -25.78
CA ASP K 104 -52.35 -1.72 -25.79
C ASP K 104 -51.40 -2.58 -26.60
N TYR K 105 -50.42 -1.98 -27.28
CA TYR K 105 -49.22 -2.76 -27.55
C TYR K 105 -48.72 -3.41 -26.28
N GLN K 106 -48.86 -2.70 -25.16
CA GLN K 106 -48.57 -3.29 -23.86
C GLN K 106 -49.35 -4.59 -23.68
N ILE K 107 -50.59 -4.61 -24.13
CA ILE K 107 -51.32 -5.88 -24.19
C ILE K 107 -50.58 -6.87 -25.06
N LYS K 108 -50.06 -6.40 -26.20
CA LYS K 108 -49.50 -7.33 -27.16
C LYS K 108 -48.24 -8.01 -26.61
N GLY K 109 -47.23 -7.24 -26.22
CA GLY K 109 -46.01 -7.84 -25.69
C GLY K 109 -46.23 -8.48 -24.34
N LEU K 110 -47.13 -7.93 -23.55
CA LEU K 110 -47.66 -8.58 -22.38
C LEU K 110 -47.99 -10.02 -22.71
N GLN K 111 -49.04 -10.19 -23.50
CA GLN K 111 -49.48 -11.48 -23.99
C GLN K 111 -48.33 -12.33 -24.50
N TRP K 112 -47.39 -11.69 -25.19
CA TRP K 112 -46.23 -12.43 -25.68
C TRP K 112 -45.50 -13.11 -24.53
N MET K 113 -45.11 -12.35 -23.53
CA MET K 113 -44.46 -12.96 -22.38
C MET K 113 -45.38 -13.97 -21.71
N VAL K 114 -46.68 -13.67 -21.68
CA VAL K 114 -47.64 -14.63 -21.17
C VAL K 114 -47.41 -15.98 -21.80
N SER K 115 -47.38 -16.00 -23.13
CA SER K 115 -47.13 -17.26 -23.83
C SER K 115 -45.75 -17.80 -23.48
N LEU K 116 -44.76 -16.92 -23.35
CA LEU K 116 -43.42 -17.35 -22.96
C LEU K 116 -43.49 -18.29 -21.78
N PHE K 117 -43.95 -17.76 -20.66
CA PHE K 117 -43.93 -18.55 -19.45
C PHE K 117 -44.97 -19.65 -19.48
N ASN K 118 -45.98 -19.51 -20.34
CA ASN K 118 -46.87 -20.63 -20.57
C ASN K 118 -46.21 -21.65 -21.49
N ASN K 119 -45.47 -21.16 -22.48
CA ASN K 119 -44.49 -21.99 -23.16
C ASN K 119 -43.40 -22.46 -22.24
N HIS K 120 -43.44 -22.02 -20.98
CA HIS K 120 -42.36 -22.21 -20.02
C HIS K 120 -41.10 -21.52 -20.53
N LEU K 121 -41.19 -20.20 -20.66
CA LEU K 121 -40.07 -19.44 -21.18
C LEU K 121 -39.86 -18.21 -20.33
N ASN K 122 -38.63 -18.04 -19.84
CA ASN K 122 -38.24 -16.75 -19.30
C ASN K 122 -38.04 -15.77 -20.44
N GLY K 123 -37.70 -14.54 -20.09
CA GLY K 123 -37.64 -13.52 -21.12
C GLY K 123 -36.71 -12.40 -20.75
N ILE K 124 -36.42 -11.58 -21.74
CA ILE K 124 -35.57 -10.41 -21.60
C ILE K 124 -36.20 -9.30 -22.41
N LEU K 125 -36.33 -8.12 -21.82
CA LEU K 125 -37.10 -7.06 -22.44
C LEU K 125 -36.22 -5.84 -22.69
N ALA K 126 -36.28 -5.32 -23.90
CA ALA K 126 -35.45 -4.21 -24.34
C ALA K 126 -36.16 -2.87 -24.26
N ASP K 127 -37.39 -2.84 -23.75
CA ASP K 127 -38.28 -1.73 -24.06
C ASP K 127 -37.71 -0.37 -23.68
N GLU K 128 -38.05 0.61 -24.52
CA GLU K 128 -37.79 2.01 -24.26
C GLU K 128 -38.51 2.46 -23.00
N MET K 129 -37.92 3.42 -22.30
CA MET K 129 -38.57 3.99 -21.13
C MET K 129 -39.77 4.84 -21.53
N GLY K 130 -40.61 5.12 -20.54
CA GLY K 130 -41.82 5.87 -20.75
C GLY K 130 -42.99 5.05 -21.24
N LEU K 131 -42.76 3.77 -21.54
CA LEU K 131 -43.83 2.87 -21.95
C LEU K 131 -44.48 2.20 -20.76
N GLY K 132 -44.11 2.58 -19.54
CA GLY K 132 -44.70 1.98 -18.37
C GLY K 132 -44.41 0.50 -18.28
N LYS K 133 -43.17 0.10 -18.55
CA LYS K 133 -42.76 -1.27 -18.34
C LYS K 133 -43.15 -1.74 -16.96
N THR K 134 -43.13 -0.82 -16.01
CA THR K 134 -43.61 -1.04 -14.66
C THR K 134 -44.96 -1.74 -14.68
N ILE K 135 -45.96 -1.04 -15.18
CA ILE K 135 -47.32 -1.59 -15.25
C ILE K 135 -47.28 -2.96 -15.89
N GLN K 136 -46.70 -3.02 -17.09
CA GLN K 136 -46.70 -4.22 -17.88
C GLN K 136 -46.29 -5.40 -17.02
N THR K 137 -45.16 -5.25 -16.35
CA THR K 137 -44.73 -6.20 -15.35
C THR K 137 -45.83 -6.49 -14.35
N ILE K 138 -46.35 -5.43 -13.75
CA ILE K 138 -47.28 -5.55 -12.65
C ILE K 138 -48.45 -6.40 -13.08
N SER K 139 -49.24 -5.84 -13.98
CA SER K 139 -50.41 -6.48 -14.56
C SER K 139 -50.10 -7.93 -14.90
N LEU K 140 -48.89 -8.17 -15.40
CA LEU K 140 -48.47 -9.54 -15.63
C LEU K 140 -48.55 -10.34 -14.35
N LEU K 141 -47.87 -9.88 -13.31
CA LEU K 141 -47.88 -10.60 -12.05
C LEU K 141 -49.30 -10.77 -11.54
N THR K 142 -50.06 -9.67 -11.52
CA THR K 142 -51.46 -9.72 -11.15
C THR K 142 -52.15 -10.86 -11.86
N TYR K 143 -51.88 -10.98 -13.15
CA TYR K 143 -52.45 -12.06 -13.93
C TYR K 143 -52.05 -13.41 -13.36
N LEU K 144 -50.78 -13.55 -12.99
CA LEU K 144 -50.31 -14.83 -12.45
C LEU K 144 -51.08 -15.21 -11.21
N TYR K 145 -51.14 -14.30 -10.25
CA TYR K 145 -52.02 -14.52 -9.11
C TYR K 145 -53.46 -14.69 -9.54
N GLU K 146 -53.79 -14.26 -10.75
CA GLU K 146 -55.14 -13.79 -11.06
C GLU K 146 -55.88 -14.79 -11.92
N MET K 147 -55.58 -14.81 -13.21
CA MET K 147 -56.17 -15.87 -14.02
C MET K 147 -55.38 -17.15 -13.84
N LYS K 148 -54.05 -17.02 -13.83
CA LYS K 148 -53.23 -18.17 -13.49
C LYS K 148 -53.50 -18.64 -12.07
N ASN K 149 -54.05 -17.77 -11.22
CA ASN K 149 -54.45 -18.16 -9.88
C ASN K 149 -53.29 -18.74 -9.10
N ILE K 150 -52.06 -18.47 -9.52
CA ILE K 150 -50.93 -19.24 -9.04
C ILE K 150 -50.55 -18.77 -7.65
N ARG K 151 -50.64 -17.46 -7.43
CA ARG K 151 -50.38 -16.88 -6.13
C ARG K 151 -48.96 -17.13 -5.66
N GLY K 152 -48.07 -17.41 -6.60
CA GLY K 152 -46.71 -17.74 -6.26
C GLY K 152 -46.00 -16.59 -5.59
N PRO K 153 -45.19 -16.91 -4.58
CA PRO K 153 -44.29 -15.89 -4.03
C PRO K 153 -43.28 -15.47 -5.10
N TYR K 154 -43.22 -14.17 -5.36
CA TYR K 154 -42.46 -13.65 -6.47
C TYR K 154 -41.52 -12.55 -6.00
N LEU K 155 -40.26 -12.69 -6.34
CA LEU K 155 -39.23 -11.72 -5.99
C LEU K 155 -39.15 -10.64 -7.05
N VAL K 156 -39.16 -9.39 -6.63
CA VAL K 156 -38.93 -8.27 -7.52
C VAL K 156 -37.87 -7.38 -6.89
N ILE K 157 -36.95 -6.90 -7.71
CA ILE K 157 -35.74 -6.25 -7.24
C ILE K 157 -35.43 -5.08 -8.16
N VAL K 158 -35.16 -3.91 -7.59
CA VAL K 158 -34.95 -2.73 -8.42
C VAL K 158 -33.78 -1.94 -7.85
N PRO K 159 -33.34 -0.86 -8.50
CA PRO K 159 -32.41 0.05 -7.85
C PRO K 159 -33.12 0.85 -6.78
N LEU K 160 -32.36 1.18 -5.74
CA LEU K 160 -32.94 1.91 -4.62
C LEU K 160 -33.59 3.19 -5.07
N SER K 161 -33.02 3.83 -6.08
CA SER K 161 -33.54 5.10 -6.57
C SER K 161 -35.05 5.08 -6.78
N THR K 162 -35.53 4.20 -7.65
CA THR K 162 -36.92 4.25 -8.10
C THR K 162 -37.88 3.43 -7.25
N LEU K 163 -37.37 2.64 -6.31
CA LEU K 163 -38.23 1.71 -5.60
C LEU K 163 -39.41 2.41 -4.95
N SER K 164 -39.23 3.67 -4.57
CA SER K 164 -40.34 4.46 -4.09
C SER K 164 -41.48 4.43 -5.09
N ASN K 165 -41.21 4.86 -6.31
CA ASN K 165 -42.27 4.92 -7.32
C ASN K 165 -42.82 3.54 -7.64
N TRP K 166 -41.98 2.52 -7.63
CA TRP K 166 -42.49 1.18 -7.89
C TRP K 166 -43.51 0.78 -6.83
N SER K 167 -43.18 1.02 -5.57
CA SER K 167 -44.16 0.88 -4.51
C SER K 167 -45.41 1.66 -4.85
N SER K 168 -45.23 2.94 -5.22
CA SER K 168 -46.35 3.78 -5.62
C SER K 168 -47.22 3.11 -6.65
N GLU K 169 -46.63 2.31 -7.53
CA GLU K 169 -47.44 1.65 -8.52
C GLU K 169 -48.17 0.46 -7.93
N PHE K 170 -47.58 -0.23 -6.96
CA PHE K 170 -48.42 -1.16 -6.23
C PHE K 170 -49.64 -0.46 -5.70
N ALA K 171 -49.43 0.74 -5.16
CA ALA K 171 -50.55 1.51 -4.65
C ALA K 171 -51.58 1.77 -5.75
N LYS K 172 -51.15 2.35 -6.87
CA LYS K 172 -52.14 2.72 -7.87
C LYS K 172 -52.82 1.51 -8.49
N TRP K 173 -52.36 0.31 -8.21
CA TRP K 173 -52.81 -0.80 -9.05
C TRP K 173 -53.27 -1.97 -8.20
N ALA K 174 -52.33 -2.65 -7.55
CA ALA K 174 -52.63 -3.85 -6.79
C ALA K 174 -52.23 -3.66 -5.33
N PRO K 175 -52.89 -2.77 -4.60
CA PRO K 175 -53.06 -3.02 -3.17
C PRO K 175 -53.94 -4.21 -2.97
N THR K 176 -54.72 -4.53 -4.00
CA THR K 176 -55.56 -5.72 -4.01
C THR K 176 -54.78 -6.94 -3.59
N LEU K 177 -53.48 -6.95 -3.85
CA LEU K 177 -52.62 -8.03 -3.41
C LEU K 177 -51.34 -7.45 -2.83
N ARG K 178 -50.77 -8.18 -1.87
CA ARG K 178 -49.73 -7.68 -1.02
C ARG K 178 -48.46 -7.42 -1.77
N THR K 179 -47.59 -6.65 -1.13
CA THR K 179 -46.18 -6.58 -1.46
C THR K 179 -45.41 -6.71 -0.17
N ILE K 180 -44.10 -6.89 -0.31
CA ILE K 180 -43.19 -6.78 0.82
C ILE K 180 -41.96 -6.03 0.36
N SER K 181 -41.61 -4.95 1.03
CA SER K 181 -40.45 -4.16 0.66
C SER K 181 -39.37 -4.26 1.74
N PHE K 182 -38.19 -3.71 1.42
CA PHE K 182 -37.10 -3.67 2.39
C PHE K 182 -36.21 -2.46 2.14
N LYS K 183 -35.81 -1.83 3.24
CA LYS K 183 -35.00 -0.64 3.27
C LYS K 183 -34.96 -0.17 4.72
N GLY K 184 -34.25 0.92 4.99
CA GLY K 184 -34.53 1.59 6.23
C GLY K 184 -34.15 0.87 7.50
N SER K 185 -32.86 0.59 7.65
CA SER K 185 -32.26 0.24 8.94
C SER K 185 -32.65 -1.18 9.34
N PRO K 186 -31.95 -1.75 10.32
CA PRO K 186 -32.23 -3.15 10.69
C PRO K 186 -33.66 -3.39 11.11
N ASN K 187 -34.27 -2.47 11.83
CA ASN K 187 -35.52 -2.79 12.52
C ASN K 187 -36.62 -3.16 11.54
N GLU K 188 -36.95 -2.25 10.63
CA GLU K 188 -37.94 -2.54 9.59
C GLU K 188 -37.65 -3.87 8.93
N ARG K 189 -36.38 -4.08 8.61
CA ARG K 189 -35.94 -5.33 8.03
C ARG K 189 -36.40 -6.45 8.92
N LYS K 190 -35.80 -6.63 10.10
CA LYS K 190 -36.10 -7.81 10.90
C LYS K 190 -37.58 -8.00 11.15
N ALA K 191 -38.33 -6.91 11.25
CA ALA K 191 -39.78 -7.02 11.30
C ALA K 191 -40.31 -7.79 10.10
N LYS K 192 -40.22 -7.16 8.93
CA LYS K 192 -40.79 -7.77 7.76
C LYS K 192 -40.07 -9.06 7.38
N GLN K 193 -38.86 -9.24 7.88
CA GLN K 193 -38.18 -10.53 7.82
C GLN K 193 -38.99 -11.57 8.56
N ALA K 194 -39.49 -11.21 9.74
CA ALA K 194 -40.42 -12.12 10.40
C ALA K 194 -41.64 -12.33 9.52
N LYS K 195 -42.13 -11.26 8.88
CA LYS K 195 -43.29 -11.40 8.01
C LYS K 195 -43.10 -12.46 6.96
N ILE K 196 -41.94 -12.47 6.30
CA ILE K 196 -41.73 -13.45 5.25
C ILE K 196 -41.35 -14.79 5.84
N ARG K 197 -40.57 -14.77 6.91
CA ARG K 197 -40.45 -15.97 7.73
C ARG K 197 -41.80 -16.42 8.24
N ALA K 198 -42.76 -15.50 8.37
CA ALA K 198 -44.12 -15.95 8.56
C ALA K 198 -44.71 -16.56 7.29
N GLY K 199 -44.08 -16.32 6.14
CA GLY K 199 -44.51 -16.93 4.89
C GLY K 199 -45.66 -16.25 4.21
N GLU K 200 -46.44 -15.46 4.94
CA GLU K 200 -47.60 -14.80 4.38
C GLU K 200 -47.15 -13.56 3.63
N PHE K 201 -47.59 -13.45 2.38
CA PHE K 201 -47.44 -12.25 1.59
C PHE K 201 -47.93 -12.55 0.19
N ASP K 202 -47.90 -11.55 -0.67
CA ASP K 202 -48.10 -11.77 -2.09
C ASP K 202 -46.82 -11.47 -2.85
N VAL K 203 -46.36 -10.22 -2.80
CA VAL K 203 -45.16 -9.78 -3.48
C VAL K 203 -44.09 -9.49 -2.44
N VAL K 204 -42.84 -9.69 -2.83
CA VAL K 204 -41.69 -9.26 -2.06
C VAL K 204 -40.83 -8.40 -2.95
N LEU K 205 -40.72 -7.12 -2.62
CA LEU K 205 -39.93 -6.15 -3.34
C LEU K 205 -38.67 -5.81 -2.55
N THR K 206 -37.60 -5.53 -3.26
CA THR K 206 -36.34 -5.17 -2.60
C THR K 206 -35.38 -4.57 -3.60
N THR K 207 -34.24 -4.14 -3.09
CA THR K 207 -33.10 -3.74 -3.89
C THR K 207 -31.96 -4.71 -3.63
N PHE K 208 -30.81 -4.40 -4.23
CA PHE K 208 -29.75 -5.37 -4.34
C PHE K 208 -28.95 -5.50 -3.05
N GLU K 209 -28.93 -4.42 -2.26
CA GLU K 209 -28.27 -4.38 -0.96
C GLU K 209 -28.66 -5.60 -0.15
N TYR K 210 -29.92 -5.62 0.25
CA TYR K 210 -30.36 -6.66 1.14
C TYR K 210 -30.48 -7.99 0.42
N ILE K 211 -30.51 -8.00 -0.91
CA ILE K 211 -30.27 -9.25 -1.61
C ILE K 211 -28.96 -9.82 -1.14
N ILE K 212 -27.90 -9.03 -1.28
CA ILE K 212 -26.60 -9.43 -0.76
C ILE K 212 -26.75 -9.91 0.67
N LYS K 213 -27.40 -9.11 1.51
CA LYS K 213 -27.33 -9.39 2.94
C LYS K 213 -28.23 -10.55 3.35
N GLU K 214 -29.54 -10.33 3.38
CA GLU K 214 -30.46 -11.36 3.80
C GLU K 214 -30.47 -12.55 2.86
N ARG K 215 -29.71 -12.48 1.76
CA ARG K 215 -29.85 -13.44 0.67
C ARG K 215 -29.89 -14.87 1.15
N ALA K 216 -29.16 -15.20 2.22
CA ALA K 216 -29.30 -16.51 2.82
C ALA K 216 -30.76 -16.77 3.18
N LEU K 217 -31.29 -15.97 4.08
CA LEU K 217 -32.69 -16.05 4.46
C LEU K 217 -33.60 -16.11 3.24
N LEU K 218 -33.34 -15.25 2.26
CA LEU K 218 -34.16 -15.23 1.06
C LEU K 218 -34.15 -16.61 0.39
N SER K 219 -32.95 -17.09 0.08
CA SER K 219 -32.72 -18.36 -0.56
C SER K 219 -33.33 -19.54 0.20
N LYS K 220 -33.54 -19.39 1.51
CA LYS K 220 -34.13 -20.49 2.28
C LYS K 220 -35.38 -21.01 1.61
N VAL K 221 -36.23 -20.11 1.17
CA VAL K 221 -37.53 -20.49 0.63
C VAL K 221 -37.40 -20.83 -0.85
N LYS K 222 -38.23 -21.77 -1.29
CA LYS K 222 -38.37 -22.09 -2.70
C LYS K 222 -39.03 -20.92 -3.43
N TRP K 223 -38.90 -20.93 -4.76
CA TRP K 223 -39.38 -19.81 -5.56
C TRP K 223 -39.98 -20.29 -6.86
N VAL K 224 -40.98 -19.55 -7.33
CA VAL K 224 -41.77 -19.90 -8.50
C VAL K 224 -41.34 -19.04 -9.67
N HIS K 225 -41.60 -17.74 -9.59
CA HIS K 225 -41.08 -16.80 -10.57
C HIS K 225 -40.16 -15.80 -9.89
N MET K 226 -39.22 -15.28 -10.68
CA MET K 226 -38.15 -14.44 -10.20
C MET K 226 -37.94 -13.34 -11.21
N ILE K 227 -38.04 -12.09 -10.76
CA ILE K 227 -37.95 -10.93 -11.63
C ILE K 227 -36.63 -10.25 -11.38
N ILE K 228 -36.04 -9.70 -12.45
CA ILE K 228 -34.80 -8.95 -12.33
C ILE K 228 -34.93 -7.70 -13.16
N ASP K 229 -34.55 -6.57 -12.58
CA ASP K 229 -34.84 -5.29 -13.19
C ASP K 229 -33.56 -4.51 -13.36
N GLU K 230 -33.62 -3.53 -14.25
CA GLU K 230 -32.44 -2.85 -14.76
C GLU K 230 -31.41 -3.89 -15.16
N GLY K 231 -31.89 -5.00 -15.69
CA GLY K 231 -31.12 -6.22 -15.77
C GLY K 231 -29.85 -6.10 -16.56
N HIS K 232 -29.63 -4.98 -17.24
CA HIS K 232 -28.36 -4.79 -17.90
C HIS K 232 -27.22 -4.57 -16.91
N ARG K 233 -27.53 -4.42 -15.62
CA ARG K 233 -26.48 -4.47 -14.62
C ARG K 233 -25.96 -5.87 -14.42
N MET K 234 -26.70 -6.87 -14.89
CA MET K 234 -26.20 -8.22 -15.11
C MET K 234 -25.14 -8.22 -16.20
N LYS K 235 -24.91 -7.04 -16.78
CA LYS K 235 -23.99 -6.81 -17.88
C LYS K 235 -22.68 -7.54 -17.65
N ASN K 236 -22.21 -7.50 -16.42
CA ASN K 236 -20.89 -7.99 -16.06
C ASN K 236 -21.02 -9.41 -15.52
N ALA K 237 -20.15 -10.29 -15.98
CA ALA K 237 -20.25 -11.69 -15.62
C ALA K 237 -20.27 -11.87 -14.12
N GLN K 238 -19.23 -11.39 -13.45
CA GLN K 238 -19.05 -11.67 -12.04
C GLN K 238 -19.72 -10.66 -11.13
N SER K 239 -20.48 -9.71 -11.66
CA SER K 239 -21.33 -8.94 -10.79
C SER K 239 -22.20 -9.92 -10.02
N LYS K 240 -22.11 -9.85 -8.70
CA LYS K 240 -22.37 -11.02 -7.88
C LYS K 240 -23.75 -11.57 -8.04
N LEU K 241 -24.65 -10.82 -8.67
CA LEU K 241 -26.05 -11.21 -8.70
C LEU K 241 -26.22 -12.67 -9.12
N SER K 242 -25.78 -13.01 -10.32
CA SER K 242 -25.90 -14.35 -10.85
C SER K 242 -25.47 -15.42 -9.85
N LEU K 243 -24.19 -15.42 -9.54
CA LEU K 243 -23.62 -16.47 -8.71
C LEU K 243 -24.27 -16.51 -7.33
N THR K 244 -24.59 -15.35 -6.80
CA THR K 244 -25.37 -15.28 -5.58
C THR K 244 -26.77 -15.82 -5.78
N LEU K 245 -27.22 -15.96 -7.02
CA LEU K 245 -28.43 -16.72 -7.26
C LEU K 245 -28.13 -18.21 -7.26
N ASN K 246 -26.99 -18.60 -7.81
CA ASN K 246 -26.61 -20.00 -7.74
C ASN K 246 -26.66 -20.49 -6.31
N THR K 247 -25.98 -19.78 -5.41
CA THR K 247 -26.18 -20.08 -4.00
C THR K 247 -27.62 -19.85 -3.60
N HIS K 248 -28.20 -18.74 -4.04
CA HIS K 248 -29.55 -18.40 -3.64
C HIS K 248 -30.59 -19.37 -4.18
N TYR K 249 -30.16 -20.30 -5.02
CA TYR K 249 -31.08 -21.13 -5.79
C TYR K 249 -31.98 -20.17 -6.59
N HIS K 250 -33.21 -20.55 -6.87
CA HIS K 250 -33.84 -20.00 -8.06
C HIS K 250 -35.35 -20.18 -7.99
N ALA K 251 -36.03 -19.46 -8.86
CA ALA K 251 -37.44 -19.64 -9.12
C ALA K 251 -37.62 -20.36 -10.45
N ASP K 252 -38.70 -21.13 -10.55
CA ASP K 252 -38.95 -21.89 -11.77
C ASP K 252 -38.96 -20.99 -13.01
N TYR K 253 -39.41 -19.75 -12.86
CA TYR K 253 -39.37 -18.79 -13.96
C TYR K 253 -38.58 -17.55 -13.54
N ARG K 254 -38.23 -16.74 -14.52
CA ARG K 254 -37.42 -15.55 -14.31
C ARG K 254 -37.68 -14.56 -15.45
N LEU K 255 -37.21 -13.33 -15.23
CA LEU K 255 -37.31 -12.29 -16.24
C LEU K 255 -36.17 -11.30 -16.05
N ILE K 256 -35.72 -10.73 -17.17
CA ILE K 256 -34.71 -9.68 -17.14
C ILE K 256 -35.23 -8.50 -17.95
N LEU K 257 -34.89 -7.29 -17.50
CA LEU K 257 -35.31 -6.08 -18.16
C LEU K 257 -34.10 -5.26 -18.52
N THR K 258 -34.28 -4.37 -19.49
CA THR K 258 -33.33 -3.28 -19.67
C THR K 258 -34.06 -2.09 -20.26
N GLY K 259 -33.68 -0.90 -19.81
CA GLY K 259 -34.14 0.27 -20.50
C GLY K 259 -33.47 0.28 -21.85
N THR K 260 -32.14 0.32 -21.83
CA THR K 260 -31.33 0.21 -23.03
C THR K 260 -30.44 -1.01 -22.92
N PRO K 261 -30.54 -1.99 -23.81
CA PRO K 261 -29.51 -3.01 -23.90
C PRO K 261 -28.18 -2.37 -24.26
N LEU K 262 -27.11 -3.13 -24.09
CA LEU K 262 -25.78 -2.55 -23.95
C LEU K 262 -24.84 -3.07 -25.04
N GLN K 263 -23.55 -2.81 -24.82
CA GLN K 263 -22.54 -2.78 -25.88
C GLN K 263 -22.65 -3.96 -26.82
N ASN K 264 -22.46 -3.67 -28.10
CA ASN K 264 -22.39 -4.72 -29.10
C ASN K 264 -21.23 -5.67 -28.84
N ASN K 265 -20.40 -5.36 -27.83
CA ASN K 265 -19.45 -6.31 -27.31
C ASN K 265 -20.09 -7.68 -27.12
N LEU K 266 -21.29 -7.69 -26.57
CA LEU K 266 -22.14 -8.88 -26.46
C LEU K 266 -21.55 -10.12 -25.78
N PRO K 267 -20.84 -9.94 -24.67
CA PRO K 267 -21.17 -10.84 -23.57
C PRO K 267 -22.49 -10.33 -23.01
N GLU K 268 -22.79 -9.09 -23.41
CA GLU K 268 -24.05 -8.46 -23.07
C GLU K 268 -25.21 -9.40 -23.32
N LEU K 269 -25.33 -9.89 -24.55
CA LEU K 269 -26.34 -10.91 -24.79
C LEU K 269 -26.06 -12.16 -23.98
N TRP K 270 -24.80 -12.42 -23.67
CA TRP K 270 -24.47 -13.73 -23.14
C TRP K 270 -24.89 -13.84 -21.68
N ALA K 271 -24.25 -13.08 -20.79
CA ALA K 271 -24.49 -13.27 -19.37
C ALA K 271 -25.98 -13.39 -19.09
N LEU K 272 -26.74 -12.43 -19.59
CA LEU K 272 -28.19 -12.49 -19.57
C LEU K 272 -28.67 -13.82 -20.10
N LEU K 273 -28.43 -14.04 -21.38
CA LEU K 273 -29.13 -15.08 -22.11
C LEU K 273 -28.73 -16.45 -21.61
N ASN K 274 -27.43 -16.71 -21.54
CA ASN K 274 -26.91 -17.88 -20.86
C ASN K 274 -27.60 -18.06 -19.53
N PHE K 275 -27.74 -16.98 -18.77
CA PHE K 275 -28.46 -17.09 -17.52
C PHE K 275 -29.91 -17.44 -17.73
N VAL K 276 -30.45 -17.24 -18.93
CA VAL K 276 -31.83 -17.65 -19.13
C VAL K 276 -31.89 -19.16 -19.31
N LEU K 277 -31.00 -19.73 -20.10
CA LEU K 277 -31.01 -21.18 -20.30
C LEU K 277 -29.61 -21.77 -20.35
N PRO K 278 -29.45 -22.98 -19.82
CA PRO K 278 -28.14 -23.66 -19.93
C PRO K 278 -27.71 -23.89 -21.36
N LYS K 279 -28.70 -24.24 -22.19
CA LYS K 279 -28.57 -24.22 -23.63
C LYS K 279 -27.85 -22.98 -24.08
N ILE K 280 -28.17 -21.86 -23.45
CA ILE K 280 -27.63 -20.63 -23.97
C ILE K 280 -26.17 -20.46 -23.59
N PHE K 281 -25.71 -20.96 -22.44
CA PHE K 281 -24.29 -20.74 -22.21
C PHE K 281 -23.44 -21.72 -23.00
N ASN K 282 -23.84 -22.98 -23.08
CA ASN K 282 -23.03 -23.90 -23.88
C ASN K 282 -23.09 -23.52 -25.36
N SER K 283 -24.31 -23.48 -25.91
CA SER K 283 -24.50 -23.13 -27.31
C SER K 283 -23.83 -21.80 -27.63
N VAL K 284 -24.03 -20.80 -26.76
CA VAL K 284 -23.40 -19.49 -26.94
C VAL K 284 -21.91 -19.49 -26.64
N LYS K 285 -21.34 -20.62 -26.21
CA LYS K 285 -19.90 -20.77 -26.38
C LYS K 285 -19.55 -21.26 -27.79
N SER K 286 -20.33 -22.18 -28.35
CA SER K 286 -20.16 -22.41 -29.78
C SER K 286 -20.29 -21.09 -30.53
N PHE K 287 -21.18 -20.24 -30.04
CA PHE K 287 -21.32 -18.86 -30.45
C PHE K 287 -20.33 -17.97 -29.72
N ASP K 288 -19.43 -18.54 -28.93
CA ASP K 288 -18.19 -17.84 -28.67
C ASP K 288 -17.29 -17.94 -29.88
N GLU K 289 -17.32 -19.08 -30.58
CA GLU K 289 -16.76 -19.06 -31.93
C GLU K 289 -17.52 -18.05 -32.79
N TRP K 290 -18.80 -18.32 -33.02
CA TRP K 290 -19.63 -17.46 -33.87
C TRP K 290 -19.42 -15.99 -33.55
N PHE K 291 -19.77 -15.59 -32.34
CA PHE K 291 -19.80 -14.18 -32.01
C PHE K 291 -18.42 -13.64 -31.66
N ASN K 292 -17.47 -14.51 -31.31
CA ASN K 292 -16.09 -14.07 -31.33
C ASN K 292 -15.74 -13.52 -32.70
N THR K 293 -16.27 -14.15 -33.75
CA THR K 293 -16.08 -13.67 -35.12
C THR K 293 -17.23 -12.81 -35.62
N PRO K 294 -18.20 -12.47 -34.76
CA PRO K 294 -19.41 -11.80 -35.23
C PRO K 294 -19.14 -10.53 -36.02
N PHE K 295 -17.95 -9.95 -35.87
CA PHE K 295 -17.59 -8.78 -36.66
C PHE K 295 -16.09 -8.52 -36.56
N ASP K 302 -13.17 -7.53 -43.74
CA ASP K 302 -13.97 -8.57 -44.36
C ASP K 302 -15.38 -8.61 -43.79
N LYS K 303 -15.79 -7.50 -43.16
CA LYS K 303 -17.16 -7.40 -42.68
C LYS K 303 -18.14 -7.56 -43.83
N ILE K 304 -17.93 -6.81 -44.92
CA ILE K 304 -18.71 -6.99 -46.13
C ILE K 304 -18.58 -8.42 -46.62
N GLU K 305 -17.43 -9.03 -46.37
CA GLU K 305 -17.26 -10.46 -46.65
C GLU K 305 -17.78 -11.34 -45.53
N LEU K 306 -17.95 -10.81 -44.32
CA LEU K 306 -18.43 -11.62 -43.20
C LEU K 306 -19.56 -10.95 -42.44
N SER K 307 -19.26 -9.88 -41.70
CA SER K 307 -20.20 -9.35 -40.74
C SER K 307 -21.09 -8.24 -41.30
N GLU K 308 -20.99 -7.93 -42.59
CA GLU K 308 -21.87 -6.93 -43.19
C GLU K 308 -22.83 -7.58 -44.18
N GLU K 309 -22.36 -7.98 -45.37
CA GLU K 309 -23.27 -8.64 -46.30
C GLU K 309 -23.82 -9.92 -45.70
N GLU K 310 -22.97 -10.70 -45.07
CA GLU K 310 -23.37 -12.05 -44.69
C GLU K 310 -24.17 -12.06 -43.40
N THR K 311 -23.74 -11.34 -42.38
CA THR K 311 -24.47 -11.45 -41.12
C THR K 311 -25.75 -10.65 -41.13
N LEU K 312 -26.06 -10.01 -42.26
CA LEU K 312 -27.46 -9.85 -42.58
C LEU K 312 -28.10 -11.19 -42.30
N LEU K 313 -27.75 -12.15 -43.14
CA LEU K 313 -28.23 -13.51 -43.03
C LEU K 313 -27.85 -14.08 -41.66
N VAL K 314 -26.55 -14.29 -41.43
CA VAL K 314 -26.06 -14.93 -40.22
C VAL K 314 -26.66 -14.27 -39.00
N ILE K 315 -26.19 -13.05 -38.68
CA ILE K 315 -26.50 -12.46 -37.39
C ILE K 315 -27.86 -11.77 -37.38
N ARG K 316 -28.22 -11.06 -38.45
CA ARG K 316 -29.57 -10.51 -38.47
C ARG K 316 -30.59 -11.64 -38.44
N ARG K 317 -30.24 -12.80 -38.95
CA ARG K 317 -31.05 -13.97 -38.69
C ARG K 317 -30.71 -14.66 -37.38
N LEU K 318 -29.69 -14.22 -36.66
CA LEU K 318 -29.55 -14.63 -35.27
C LEU K 318 -30.48 -13.84 -34.37
N HIS K 319 -30.85 -12.65 -34.79
CA HIS K 319 -31.92 -11.93 -34.13
C HIS K 319 -33.27 -12.44 -34.58
N LYS K 320 -33.39 -12.73 -35.87
CA LYS K 320 -34.49 -13.55 -36.33
C LYS K 320 -34.56 -14.83 -35.50
N VAL K 321 -33.41 -15.34 -35.09
CA VAL K 321 -33.39 -16.39 -34.06
C VAL K 321 -33.96 -15.87 -32.77
N LEU K 322 -33.57 -14.66 -32.38
CA LEU K 322 -33.97 -14.12 -31.09
C LEU K 322 -35.30 -13.39 -31.13
N ARG K 323 -35.99 -13.38 -32.27
CA ARG K 323 -37.32 -12.80 -32.31
C ARG K 323 -38.28 -13.48 -31.35
N PRO K 324 -38.33 -14.81 -31.23
CA PRO K 324 -39.13 -15.40 -30.15
C PRO K 324 -38.61 -15.07 -28.76
N PHE K 325 -37.38 -14.57 -28.65
CA PHE K 325 -36.73 -14.36 -27.37
C PHE K 325 -36.76 -12.93 -26.86
N LEU K 326 -37.27 -11.98 -27.64
CA LEU K 326 -37.13 -10.58 -27.30
C LEU K 326 -38.40 -9.82 -27.67
N LEU K 327 -38.70 -8.80 -26.88
CA LEU K 327 -39.62 -7.75 -27.26
C LEU K 327 -38.92 -6.41 -27.14
N ARG K 328 -39.14 -5.56 -28.13
CA ARG K 328 -38.77 -4.16 -28.01
C ARG K 328 -39.83 -3.34 -28.71
N ARG K 329 -39.95 -2.08 -28.30
CA ARG K 329 -40.97 -1.21 -28.85
C ARG K 329 -40.40 0.19 -28.97
N LEU K 330 -41.12 1.03 -29.71
CA LEU K 330 -40.68 2.38 -30.01
C LEU K 330 -41.77 3.36 -29.64
N LYS K 331 -41.52 4.18 -28.62
CA LYS K 331 -42.49 5.18 -28.20
C LYS K 331 -42.88 6.09 -29.36
N LYS K 332 -41.89 6.73 -29.98
CA LYS K 332 -42.17 7.67 -31.05
C LYS K 332 -42.79 7.00 -32.25
N ASP K 333 -42.83 5.67 -32.29
CA ASP K 333 -43.73 5.01 -33.22
C ASP K 333 -45.13 4.88 -32.65
N VAL K 334 -45.25 4.54 -31.37
CA VAL K 334 -46.58 4.34 -30.81
C VAL K 334 -47.11 5.65 -30.23
N GLU K 335 -46.49 6.14 -29.17
CA GLU K 335 -46.97 7.37 -28.55
C GLU K 335 -46.51 8.59 -29.33
N LYS K 336 -45.41 8.47 -30.07
CA LYS K 336 -45.05 9.36 -31.17
C LYS K 336 -45.21 10.83 -30.83
N GLU K 337 -44.84 11.20 -29.61
CA GLU K 337 -44.93 12.58 -29.18
C GLU K 337 -43.63 13.33 -29.28
N LEU K 338 -42.56 12.69 -29.74
CA LEU K 338 -41.32 13.43 -29.90
C LEU K 338 -41.47 14.51 -30.96
N PRO K 339 -41.39 15.78 -30.59
CA PRO K 339 -41.45 16.81 -31.63
C PRO K 339 -40.29 16.74 -32.60
N ASP K 340 -39.07 16.68 -32.07
CA ASP K 340 -37.85 16.74 -32.85
C ASP K 340 -36.62 16.80 -31.96
N LYS K 341 -35.46 16.46 -32.53
CA LYS K 341 -34.19 16.88 -31.98
C LYS K 341 -33.24 17.15 -33.13
N VAL K 342 -32.62 18.33 -33.11
CA VAL K 342 -31.70 18.77 -34.17
C VAL K 342 -30.29 18.69 -33.64
N GLU K 343 -29.41 18.02 -34.38
CA GLU K 343 -28.23 17.36 -33.83
C GLU K 343 -26.97 17.91 -34.49
N LYS K 344 -25.96 18.22 -33.68
CA LYS K 344 -24.78 18.94 -34.13
C LYS K 344 -23.57 18.48 -33.34
N VAL K 345 -22.40 18.63 -33.95
CA VAL K 345 -21.11 18.53 -33.26
C VAL K 345 -20.20 19.56 -33.90
N VAL K 346 -19.25 20.08 -33.12
CA VAL K 346 -18.38 21.11 -33.67
C VAL K 346 -16.95 20.94 -33.19
N LYS K 347 -16.11 21.92 -33.51
CA LYS K 347 -14.68 21.85 -33.28
C LYS K 347 -14.22 23.07 -32.49
N CYS K 348 -13.05 22.93 -31.87
CA CYS K 348 -12.44 24.03 -31.14
C CYS K 348 -10.93 23.88 -31.16
N LYS K 349 -10.25 24.99 -30.90
CA LYS K 349 -8.82 25.04 -30.67
C LYS K 349 -8.49 24.76 -29.21
N MET K 350 -7.28 24.28 -28.97
CA MET K 350 -6.76 24.11 -27.62
C MET K 350 -5.47 24.89 -27.47
N SER K 351 -5.27 25.53 -26.32
CA SER K 351 -4.19 26.48 -26.18
C SER K 351 -2.85 25.80 -26.43
N ALA K 352 -1.85 26.62 -26.74
CA ALA K 352 -0.50 26.08 -26.90
C ALA K 352 -0.14 25.18 -25.73
N LEU K 353 -0.47 25.59 -24.52
CA LEU K 353 -0.46 24.63 -23.42
C LEU K 353 -1.24 23.39 -23.79
N GLN K 354 -2.53 23.57 -24.00
CA GLN K 354 -3.43 22.48 -24.29
C GLN K 354 -3.14 21.83 -25.62
N GLN K 355 -2.22 22.39 -26.40
CA GLN K 355 -1.73 21.67 -27.56
C GLN K 355 -0.21 21.65 -27.59
N ILE K 356 0.40 22.80 -27.88
CA ILE K 356 1.85 22.84 -28.09
C ILE K 356 2.58 22.29 -26.87
N MET K 357 2.23 22.81 -25.68
CA MET K 357 2.72 22.16 -24.48
C MET K 357 2.11 20.78 -24.31
N TYR K 358 0.82 20.65 -24.60
CA TYR K 358 0.22 19.33 -24.56
C TYR K 358 0.92 18.37 -25.50
N GLN K 359 1.40 18.86 -26.64
CA GLN K 359 2.35 18.08 -27.42
C GLN K 359 3.55 17.71 -26.57
N GLN K 360 4.21 18.72 -26.01
CA GLN K 360 5.27 18.45 -25.05
C GLN K 360 4.74 17.68 -23.87
N MET K 361 3.45 17.82 -23.58
CA MET K 361 2.81 17.00 -22.57
C MET K 361 2.22 15.73 -23.14
N LEU K 362 2.39 15.48 -24.45
CA LEU K 362 2.34 14.11 -24.93
C LEU K 362 3.60 13.39 -24.49
N LYS K 363 4.73 14.00 -24.80
CA LYS K 363 5.97 13.59 -24.17
C LYS K 363 5.74 13.43 -22.68
N TYR K 364 5.14 14.43 -22.03
CA TYR K 364 4.92 14.34 -20.60
C TYR K 364 3.87 13.30 -20.25
N ARG K 365 2.99 12.95 -21.19
CA ARG K 365 2.21 11.74 -21.00
C ARG K 365 3.15 10.56 -20.79
N ARG K 366 4.26 10.55 -21.52
CA ARG K 366 5.34 9.60 -21.25
C ARG K 366 6.51 10.24 -20.50
N LEU K 367 6.41 11.52 -20.15
CA LEU K 367 7.43 12.17 -19.33
C LEU K 367 6.77 12.85 -18.14
N ARG K 381 1.79 13.44 -11.76
CA ARG K 381 2.27 12.48 -12.75
C ARG K 381 2.51 13.13 -14.10
N GLY K 382 1.41 13.44 -14.77
CA GLY K 382 1.38 13.45 -16.22
C GLY K 382 1.03 12.09 -16.78
N PHE K 383 0.38 11.23 -16.00
CA PHE K 383 0.32 9.81 -16.28
C PHE K 383 -1.04 9.22 -15.93
N ASN K 384 -1.23 7.97 -16.35
CA ASN K 384 -2.53 7.36 -16.62
C ASN K 384 -3.28 8.19 -17.67
N ASN K 385 -2.67 8.24 -18.85
CA ASN K 385 -2.86 9.28 -19.86
C ASN K 385 -4.32 9.58 -20.13
N GLN K 386 -5.03 8.59 -20.67
CA GLN K 386 -6.32 8.81 -21.31
C GLN K 386 -7.21 9.70 -20.48
N ILE K 387 -7.63 9.21 -19.32
CA ILE K 387 -8.49 10.02 -18.50
C ILE K 387 -7.71 11.19 -17.92
N MET K 388 -6.42 10.99 -17.64
CA MET K 388 -5.68 12.07 -17.02
C MET K 388 -5.27 13.10 -18.06
N GLN K 389 -4.27 12.78 -18.84
CA GLN K 389 -3.72 13.71 -19.81
C GLN K 389 -4.77 14.12 -20.82
N LEU K 390 -5.14 13.15 -21.67
CA LEU K 390 -5.99 13.42 -22.81
C LEU K 390 -7.22 14.21 -22.39
N LYS K 391 -7.97 13.68 -21.45
CA LYS K 391 -9.28 14.25 -21.23
C LYS K 391 -9.20 15.51 -20.39
N LYS K 392 -8.38 15.54 -19.35
CA LYS K 392 -8.26 16.78 -18.59
C LYS K 392 -7.75 17.91 -19.46
N ILE K 393 -6.49 17.80 -19.90
CA ILE K 393 -5.89 18.89 -20.65
C ILE K 393 -6.70 19.19 -21.89
N CYS K 394 -6.94 18.17 -22.71
CA CYS K 394 -7.73 18.35 -23.92
C CYS K 394 -9.13 18.82 -23.62
N ASN K 395 -9.57 18.76 -22.36
CA ASN K 395 -10.75 19.50 -21.99
C ASN K 395 -10.36 20.88 -21.49
N HIS K 396 -9.82 20.97 -20.28
CA HIS K 396 -9.81 22.26 -19.61
C HIS K 396 -8.60 22.35 -18.70
N PRO K 397 -8.16 23.57 -18.36
CA PRO K 397 -6.80 23.75 -17.85
C PRO K 397 -6.68 23.74 -16.35
N PHE K 398 -5.43 23.88 -15.90
CA PHE K 398 -5.05 23.93 -14.49
C PHE K 398 -5.80 22.90 -13.68
N VAL K 399 -6.00 21.72 -14.25
CA VAL K 399 -6.54 20.61 -13.48
C VAL K 399 -5.70 20.39 -12.24
N PHE K 400 -4.40 20.65 -12.33
CA PHE K 400 -3.57 20.64 -11.14
C PHE K 400 -3.30 22.04 -10.61
N GLU K 401 -3.77 23.07 -11.30
CA GLU K 401 -3.88 24.44 -10.82
C GLU K 401 -2.57 25.20 -10.78
N GLU K 402 -1.42 24.51 -10.84
CA GLU K 402 -0.18 25.25 -11.03
C GLU K 402 -0.18 25.98 -12.34
N VAL K 403 -0.97 25.51 -13.30
CA VAL K 403 -1.14 26.20 -14.56
C VAL K 403 -1.60 27.62 -14.25
N GLU K 404 -2.83 27.75 -13.76
CA GLU K 404 -3.37 29.06 -13.43
C GLU K 404 -2.46 29.80 -12.47
N ASP K 405 -2.20 29.20 -11.30
CA ASP K 405 -1.50 29.90 -10.23
C ASP K 405 -0.16 30.44 -10.71
N GLN K 406 0.68 29.57 -11.27
CA GLN K 406 1.90 30.03 -11.91
C GLN K 406 1.61 31.18 -12.88
N ILE K 407 0.57 31.02 -13.70
CA ILE K 407 0.22 32.09 -14.61
C ILE K 407 -0.40 33.21 -13.81
N ASN K 408 -1.61 32.98 -13.31
CA ASN K 408 -2.30 33.93 -12.47
C ASN K 408 -2.25 33.48 -11.03
N PRO K 409 -1.42 34.09 -10.19
CA PRO K 409 -1.51 33.81 -8.76
C PRO K 409 -2.80 34.31 -8.14
N THR K 410 -3.39 35.39 -8.68
CA THR K 410 -4.61 35.92 -8.09
C THR K 410 -5.71 34.89 -8.11
N ARG K 411 -5.64 33.96 -9.07
CA ARG K 411 -6.49 32.78 -9.20
C ARG K 411 -7.95 33.13 -9.42
N GLU K 412 -8.29 34.41 -9.35
CA GLU K 412 -9.66 34.82 -9.56
C GLU K 412 -10.01 34.76 -11.04
N THR K 413 -11.31 34.67 -11.33
CA THR K 413 -11.73 34.65 -12.72
C THR K 413 -11.25 35.91 -13.42
N ASN K 414 -11.00 35.77 -14.70
CA ASN K 414 -10.28 36.78 -15.45
C ASN K 414 -10.43 36.46 -16.92
N ASP K 415 -9.82 37.29 -17.75
CA ASP K 415 -9.57 36.87 -19.11
C ASP K 415 -8.52 35.75 -19.10
N ASP K 416 -8.48 34.99 -20.18
CA ASP K 416 -7.67 33.80 -20.42
C ASP K 416 -8.32 32.53 -19.90
N ILE K 417 -9.33 32.62 -19.06
CA ILE K 417 -10.09 31.41 -18.75
C ILE K 417 -10.98 31.07 -19.92
N TRP K 418 -11.63 32.07 -20.50
CA TRP K 418 -12.26 31.87 -21.79
C TRP K 418 -11.25 31.53 -22.87
N ARG K 419 -10.04 32.11 -22.78
CA ARG K 419 -9.08 31.95 -23.85
C ARG K 419 -8.46 30.56 -23.87
N VAL K 420 -8.26 29.95 -22.70
CA VAL K 420 -7.36 28.82 -22.62
C VAL K 420 -7.86 27.64 -23.45
N ALA K 421 -9.04 27.10 -23.12
CA ALA K 421 -9.62 26.01 -23.90
C ALA K 421 -10.77 26.55 -24.74
N GLY K 422 -10.72 26.24 -26.04
CA GLY K 422 -11.67 26.83 -26.97
C GLY K 422 -13.12 26.64 -26.56
N LYS K 423 -13.40 25.59 -25.80
CA LYS K 423 -14.74 25.41 -25.26
C LYS K 423 -15.17 26.64 -24.47
N PHE K 424 -14.23 27.27 -23.76
CA PHE K 424 -14.59 28.40 -22.92
C PHE K 424 -14.98 29.60 -23.77
N GLU K 425 -14.03 30.14 -24.52
CA GLU K 425 -14.33 31.27 -25.40
C GLU K 425 -15.54 30.96 -26.27
N LEU K 426 -15.70 29.71 -26.66
CA LEU K 426 -16.93 29.31 -27.32
C LEU K 426 -18.13 29.69 -26.46
N LEU K 427 -18.13 29.19 -25.23
CA LEU K 427 -19.20 29.52 -24.30
C LEU K 427 -19.43 31.02 -24.27
N ASP K 428 -18.33 31.77 -24.27
CA ASP K 428 -18.40 33.20 -24.50
C ASP K 428 -19.15 33.56 -25.77
N ARG K 429 -19.10 32.72 -26.79
CA ARG K 429 -19.73 33.09 -28.05
C ARG K 429 -21.13 32.53 -28.20
N ILE K 430 -21.60 31.74 -27.25
CA ILE K 430 -22.83 30.99 -27.41
C ILE K 430 -23.78 31.26 -26.25
N LEU K 431 -23.32 30.94 -25.04
CA LEU K 431 -24.10 31.21 -23.84
C LEU K 431 -24.72 32.60 -23.82
N PRO K 432 -23.99 33.68 -24.12
CA PRO K 432 -24.66 34.97 -24.24
C PRO K 432 -25.86 34.93 -25.16
N LYS K 433 -25.71 34.30 -26.31
CA LYS K 433 -26.83 34.23 -27.24
C LYS K 433 -27.93 33.34 -26.70
N LEU K 434 -27.57 32.29 -25.97
CA LEU K 434 -28.57 31.51 -25.27
C LEU K 434 -29.45 32.40 -24.41
N LYS K 435 -28.83 33.23 -23.57
CA LYS K 435 -29.59 34.19 -22.80
C LYS K 435 -30.41 35.07 -23.73
N ALA K 436 -29.74 35.67 -24.71
CA ALA K 436 -30.43 36.50 -25.68
C ALA K 436 -31.56 35.74 -26.35
N THR K 437 -31.43 34.43 -26.49
CA THR K 437 -32.54 33.61 -26.94
C THR K 437 -33.27 32.94 -25.78
N GLY K 438 -32.77 33.08 -24.56
CA GLY K 438 -33.48 32.59 -23.39
C GLY K 438 -33.85 31.13 -23.49
N HIS K 439 -32.88 30.26 -23.68
CA HIS K 439 -33.18 28.84 -23.80
C HIS K 439 -32.34 28.03 -22.83
N ARG K 440 -33.01 27.15 -22.09
CA ARG K 440 -32.46 26.57 -20.88
C ARG K 440 -31.68 25.31 -21.16
N VAL K 441 -30.54 25.18 -20.50
CA VAL K 441 -29.48 24.27 -20.89
C VAL K 441 -29.17 23.29 -19.78
N LEU K 442 -29.03 22.02 -20.15
CA LEU K 442 -28.58 20.97 -19.25
C LEU K 442 -27.37 20.30 -19.89
N ILE K 443 -26.33 20.05 -19.09
CA ILE K 443 -25.06 19.56 -19.62
C ILE K 443 -24.52 18.49 -18.68
N PHE K 444 -23.55 17.72 -19.16
CA PHE K 444 -23.14 16.49 -18.52
C PHE K 444 -21.65 16.34 -18.59
N PHE K 445 -21.05 15.75 -17.56
CA PHE K 445 -19.61 15.86 -17.37
C PHE K 445 -19.05 14.62 -16.68
N GLN K 446 -17.72 14.62 -16.52
CA GLN K 446 -16.94 13.57 -15.88
C GLN K 446 -15.93 14.23 -14.98
N MET K 447 -15.64 13.63 -13.82
CA MET K 447 -14.74 14.23 -12.83
C MET K 447 -15.16 15.67 -12.57
N THR K 448 -16.24 15.80 -11.82
CA THR K 448 -17.09 16.99 -11.87
C THR K 448 -16.29 18.26 -11.65
N GLN K 449 -15.03 18.09 -11.24
CA GLN K 449 -14.10 19.18 -11.01
C GLN K 449 -14.09 20.19 -12.15
N ILE K 450 -14.26 19.73 -13.38
CA ILE K 450 -14.26 20.66 -14.51
C ILE K 450 -15.39 21.65 -14.36
N MET K 451 -16.60 21.15 -14.08
CA MET K 451 -17.74 22.00 -13.82
C MET K 451 -17.45 23.05 -12.77
N ASP K 452 -16.44 22.82 -11.92
CA ASP K 452 -16.03 23.81 -10.96
C ASP K 452 -15.73 25.14 -11.65
N ILE K 453 -14.78 25.10 -12.59
CA ILE K 453 -14.49 26.27 -13.39
C ILE K 453 -15.80 26.87 -13.85
N MET K 454 -16.69 26.00 -14.33
CA MET K 454 -17.95 26.40 -14.92
C MET K 454 -18.64 27.42 -14.05
N GLU K 455 -18.86 27.05 -12.79
CA GLU K 455 -19.54 27.93 -11.85
C GLU K 455 -19.03 29.33 -12.01
N ASP K 456 -17.75 29.46 -11.69
CA ASP K 456 -17.15 30.77 -11.60
C ASP K 456 -16.94 31.35 -12.98
N PHE K 457 -16.65 30.49 -13.95
CA PHE K 457 -16.66 30.91 -15.33
C PHE K 457 -17.97 31.61 -15.64
N LEU K 458 -19.07 30.98 -15.25
CA LEU K 458 -20.38 31.62 -15.34
C LEU K 458 -20.42 32.87 -14.50
N ARG K 459 -19.98 32.75 -13.25
CA ARG K 459 -19.84 33.92 -12.40
C ARG K 459 -19.04 35.00 -13.11
N TYR K 460 -18.07 34.60 -13.92
CA TYR K 460 -17.21 35.60 -14.55
C TYR K 460 -18.01 36.55 -15.40
N ILE K 461 -19.14 36.08 -15.94
CA ILE K 461 -20.17 37.00 -16.40
C ILE K 461 -21.24 37.21 -15.35
N ASN K 462 -21.26 36.40 -14.30
CA ASN K 462 -22.38 36.38 -13.37
C ASN K 462 -23.67 36.02 -14.10
N ILE K 463 -23.74 34.74 -14.44
CA ILE K 463 -24.85 34.21 -15.21
C ILE K 463 -25.72 33.36 -14.29
N LYS K 464 -27.03 33.37 -14.55
CA LYS K 464 -27.96 32.60 -13.75
C LYS K 464 -27.77 31.11 -14.02
N TYR K 465 -27.47 30.34 -12.99
CA TYR K 465 -27.27 28.92 -13.23
C TYR K 465 -27.46 28.13 -11.95
N LEU K 466 -27.57 26.83 -12.14
CA LEU K 466 -27.51 25.86 -11.06
C LEU K 466 -26.47 24.81 -11.43
N ARG K 467 -26.07 24.04 -10.43
CA ARG K 467 -25.13 22.95 -10.64
C ARG K 467 -25.58 21.74 -9.85
N LEU K 468 -25.26 20.57 -10.36
CA LEU K 468 -25.42 19.34 -9.60
C LEU K 468 -24.39 18.35 -10.10
N ASP K 469 -24.01 17.42 -9.22
CA ASP K 469 -23.07 16.38 -9.55
C ASP K 469 -23.50 15.08 -8.89
N GLY K 470 -22.75 14.02 -9.16
CA GLY K 470 -23.03 12.75 -8.52
C GLY K 470 -22.97 12.82 -7.02
N HIS K 471 -22.36 13.86 -6.48
CA HIS K 471 -22.18 14.00 -5.05
C HIS K 471 -23.26 14.86 -4.39
N THR K 472 -24.19 15.40 -5.15
CA THR K 472 -25.27 16.15 -4.53
C THR K 472 -26.27 15.17 -3.94
N LYS K 473 -26.71 15.45 -2.72
CA LYS K 473 -27.46 14.46 -1.94
C LYS K 473 -28.87 14.27 -2.47
N SER K 474 -29.47 13.15 -2.05
CA SER K 474 -30.71 12.65 -2.64
C SER K 474 -31.80 13.71 -2.62
N ASP K 475 -32.13 14.22 -1.46
CA ASP K 475 -33.24 15.15 -1.41
C ASP K 475 -32.81 16.54 -1.84
N GLU K 476 -31.53 16.88 -1.67
CA GLU K 476 -30.98 17.98 -2.46
C GLU K 476 -31.30 17.77 -3.92
N ARG K 477 -31.14 16.54 -4.41
CA ARG K 477 -31.40 16.29 -5.82
C ARG K 477 -32.86 16.53 -6.16
N SER K 478 -33.78 15.85 -5.46
CA SER K 478 -35.20 16.01 -5.73
C SER K 478 -35.61 17.47 -5.69
N GLU K 479 -35.24 18.13 -4.60
CA GLU K 479 -35.44 19.57 -4.44
C GLU K 479 -34.98 20.33 -5.67
N LEU K 480 -33.68 20.32 -5.92
CA LEU K 480 -33.10 21.08 -7.02
C LEU K 480 -33.81 20.81 -8.33
N LEU K 481 -34.15 19.55 -8.57
CA LEU K 481 -35.02 19.21 -9.69
C LEU K 481 -36.23 20.12 -9.72
N ARG K 482 -37.05 20.05 -8.67
CA ARG K 482 -38.19 20.95 -8.59
C ARG K 482 -37.80 22.39 -8.84
N LEU K 483 -36.66 22.82 -8.29
CA LEU K 483 -36.30 24.23 -8.29
C LEU K 483 -36.04 24.74 -9.69
N PHE K 484 -35.09 24.12 -10.40
CA PHE K 484 -34.88 24.48 -11.78
C PHE K 484 -36.13 24.25 -12.60
N ASN K 485 -36.90 23.23 -12.26
CA ASN K 485 -38.15 22.95 -12.93
C ASN K 485 -39.18 24.05 -12.74
N ALA K 486 -38.88 25.05 -11.93
CA ALA K 486 -39.76 26.20 -11.83
C ALA K 486 -40.04 26.73 -13.23
N PRO K 487 -41.31 26.80 -13.64
CA PRO K 487 -41.61 27.32 -14.98
C PRO K 487 -41.00 28.67 -15.25
N ASP K 488 -40.85 29.49 -14.23
CA ASP K 488 -40.23 30.79 -14.38
C ASP K 488 -38.76 30.79 -14.04
N SER K 489 -38.18 29.61 -13.75
CA SER K 489 -36.85 29.58 -13.14
C SER K 489 -35.87 30.38 -13.97
N GLU K 490 -35.23 31.34 -13.30
CA GLU K 490 -34.28 32.21 -13.98
C GLU K 490 -33.09 31.44 -14.49
N TYR K 491 -33.02 30.15 -14.19
CA TYR K 491 -31.89 29.34 -14.55
C TYR K 491 -32.12 28.77 -15.95
N LEU K 492 -31.29 29.21 -16.89
CA LEU K 492 -31.13 28.44 -18.12
C LEU K 492 -30.21 27.26 -17.87
N CYS K 493 -29.22 27.44 -17.00
CA CYS K 493 -28.10 26.53 -16.86
C CYS K 493 -28.28 25.71 -15.60
N PHE K 494 -28.56 24.43 -15.78
CA PHE K 494 -28.56 23.47 -14.69
C PHE K 494 -27.67 22.33 -15.14
N ILE K 495 -26.54 22.16 -14.48
CA ILE K 495 -25.39 21.51 -15.09
C ILE K 495 -25.06 20.26 -14.29
N LEU K 496 -24.68 19.19 -15.00
CA LEU K 496 -24.77 17.87 -14.40
C LEU K 496 -23.54 17.03 -14.67
N SER K 497 -23.44 15.94 -13.91
CA SER K 497 -22.57 14.82 -14.18
C SER K 497 -23.39 13.74 -14.88
N THR K 498 -22.81 13.18 -15.95
CA THR K 498 -23.56 12.39 -16.91
C THR K 498 -24.38 11.27 -16.29
N ARG K 499 -23.69 10.22 -15.86
CA ARG K 499 -24.40 9.04 -15.37
C ARG K 499 -24.86 9.24 -13.93
N ALA K 500 -24.04 9.90 -13.13
CA ALA K 500 -24.27 9.99 -11.70
C ALA K 500 -25.46 10.89 -11.43
N GLY K 501 -25.30 12.18 -11.74
CA GLY K 501 -26.42 13.10 -11.59
C GLY K 501 -27.61 12.69 -12.42
N GLY K 502 -27.37 12.18 -13.63
CA GLY K 502 -28.45 11.92 -14.55
C GLY K 502 -29.41 10.84 -14.10
N LEU K 503 -28.90 9.63 -13.86
CA LEU K 503 -29.70 8.48 -13.48
C LEU K 503 -30.87 8.40 -14.46
N GLY K 504 -32.09 8.09 -13.98
CA GLY K 504 -33.27 8.41 -14.74
C GLY K 504 -33.78 9.80 -14.38
N LEU K 505 -34.17 10.55 -15.41
CA LEU K 505 -34.82 11.85 -15.22
C LEU K 505 -35.57 12.24 -16.48
N ASN K 506 -36.54 13.12 -16.30
CA ASN K 506 -37.09 13.94 -17.38
C ASN K 506 -37.17 15.38 -16.86
N LEU K 507 -36.39 16.26 -17.45
CA LEU K 507 -36.48 17.69 -17.15
C LEU K 507 -36.77 18.41 -18.46
N GLN K 508 -38.01 18.85 -18.61
CA GLN K 508 -38.40 19.54 -19.83
C GLN K 508 -38.52 21.03 -19.64
N THR K 509 -38.41 21.51 -18.41
CA THR K 509 -38.35 22.94 -18.19
C THR K 509 -37.13 23.54 -18.86
N ALA K 510 -36.17 22.70 -19.23
CA ALA K 510 -35.06 23.09 -20.08
C ALA K 510 -35.35 22.70 -21.52
N ASP K 511 -35.15 23.64 -22.43
CA ASP K 511 -35.36 23.45 -23.84
C ASP K 511 -34.08 23.15 -24.62
N THR K 512 -32.92 23.17 -23.97
CA THR K 512 -31.65 23.10 -24.69
C THR K 512 -30.72 22.14 -23.98
N VAL K 513 -29.90 21.43 -24.76
CA VAL K 513 -28.96 20.45 -24.24
C VAL K 513 -27.59 20.69 -24.87
N ILE K 514 -26.53 20.54 -24.07
CA ILE K 514 -25.18 20.77 -24.52
C ILE K 514 -24.28 19.69 -23.91
N ILE K 515 -23.20 19.37 -24.60
CA ILE K 515 -22.33 18.25 -24.24
C ILE K 515 -20.88 18.66 -24.41
N PHE K 516 -20.08 18.48 -23.36
CA PHE K 516 -18.65 18.71 -23.41
C PHE K 516 -17.81 17.47 -23.62
N ASP K 517 -18.43 16.29 -23.67
CA ASP K 517 -17.66 15.07 -23.48
C ASP K 517 -18.11 13.98 -24.43
N THR K 518 -17.33 12.92 -24.47
CA THR K 518 -17.63 11.78 -25.30
C THR K 518 -18.87 11.05 -24.78
N ASP K 519 -19.45 10.24 -25.65
CA ASP K 519 -20.34 9.19 -25.16
C ASP K 519 -19.61 8.32 -24.16
N TRP K 520 -18.48 7.76 -24.57
CA TRP K 520 -17.76 6.77 -23.80
C TRP K 520 -18.74 5.69 -23.34
N ASN K 521 -19.14 4.92 -24.34
CA ASN K 521 -20.31 4.06 -24.56
C ASN K 521 -21.49 4.98 -24.86
N PRO K 522 -22.42 4.57 -25.71
CA PRO K 522 -23.46 5.51 -26.15
C PRO K 522 -24.45 5.85 -25.07
N HIS K 523 -24.88 4.84 -24.34
CA HIS K 523 -26.07 4.95 -23.53
C HIS K 523 -25.94 6.09 -22.55
N GLN K 524 -24.71 6.47 -22.23
CA GLN K 524 -24.47 7.63 -21.42
C GLN K 524 -25.12 8.85 -22.04
N ASP K 525 -24.55 9.32 -23.14
CA ASP K 525 -25.11 10.53 -23.71
C ASP K 525 -26.46 10.25 -24.33
N LEU K 526 -26.88 9.00 -24.41
CA LEU K 526 -28.28 8.71 -24.70
C LEU K 526 -29.17 9.17 -23.56
N GLN K 527 -28.76 8.92 -22.32
CA GLN K 527 -29.39 9.57 -21.19
C GLN K 527 -29.35 11.08 -21.38
N ALA K 528 -28.17 11.58 -21.77
CA ALA K 528 -28.01 13.01 -21.99
C ALA K 528 -28.96 13.53 -23.06
N GLN K 529 -29.45 12.64 -23.90
CA GLN K 529 -30.52 13.01 -24.81
C GLN K 529 -31.87 12.93 -24.12
N ASP K 530 -32.08 11.90 -23.32
CA ASP K 530 -33.40 11.54 -22.84
C ASP K 530 -33.83 12.31 -21.61
N ARG K 531 -32.98 13.20 -21.10
CA ARG K 531 -33.43 14.08 -20.04
C ARG K 531 -34.50 15.05 -20.54
N ALA K 532 -34.26 15.68 -21.70
CA ALA K 532 -35.12 16.77 -22.14
C ALA K 532 -36.33 16.29 -22.94
N HIS K 533 -36.10 15.77 -24.14
CA HIS K 533 -37.18 15.57 -25.09
C HIS K 533 -37.98 14.30 -24.82
N ARG K 534 -37.73 13.66 -23.68
CA ARG K 534 -38.66 12.66 -23.18
C ARG K 534 -40.01 13.32 -22.97
N ILE K 535 -41.07 12.49 -22.88
CA ILE K 535 -42.44 12.95 -23.16
C ILE K 535 -42.76 14.25 -22.44
N GLY K 536 -43.22 15.24 -23.20
CA GLY K 536 -43.59 16.53 -22.67
C GLY K 536 -42.68 17.69 -23.03
N GLN K 537 -41.55 17.45 -23.67
CA GLN K 537 -40.71 18.53 -24.18
C GLN K 537 -40.96 18.61 -25.68
N LYS K 538 -41.74 19.61 -26.08
CA LYS K 538 -42.08 19.78 -27.48
C LYS K 538 -41.25 20.84 -28.19
N ASN K 539 -40.42 21.56 -27.46
CA ASN K 539 -39.52 22.50 -28.08
C ASN K 539 -38.42 21.73 -28.81
N GLU K 540 -37.68 22.45 -29.66
CA GLU K 540 -36.66 21.75 -30.43
C GLU K 540 -35.56 21.28 -29.49
N VAL K 541 -34.63 20.50 -30.05
CA VAL K 541 -33.50 20.03 -29.25
C VAL K 541 -32.25 20.20 -30.08
N ARG K 542 -31.36 21.08 -29.65
CA ARG K 542 -30.03 21.16 -30.24
C ARG K 542 -29.13 20.26 -29.43
N ILE K 543 -28.62 19.22 -30.07
CA ILE K 543 -27.65 18.34 -29.43
C ILE K 543 -26.28 18.88 -29.78
N LEU K 544 -25.54 19.29 -28.75
CA LEU K 544 -24.43 20.23 -28.94
C LEU K 544 -23.16 19.63 -28.34
N ARG K 545 -22.18 19.32 -29.19
CA ARG K 545 -20.98 18.63 -28.75
C ARG K 545 -19.73 19.41 -29.07
N LEU K 546 -18.77 19.37 -28.16
CA LEU K 546 -17.49 20.04 -28.31
C LEU K 546 -16.40 18.99 -28.48
N ILE K 547 -15.87 18.90 -29.70
CA ILE K 547 -14.74 18.05 -30.03
C ILE K 547 -13.71 18.96 -30.67
N THR K 548 -12.60 19.19 -29.99
CA THR K 548 -11.66 20.18 -30.48
C THR K 548 -10.82 19.62 -31.61
N THR K 549 -10.37 20.53 -32.48
CA THR K 549 -9.56 20.15 -33.63
C THR K 549 -8.29 19.45 -33.17
N ASN K 550 -8.03 18.30 -33.76
CA ASN K 550 -6.80 17.54 -33.49
C ASN K 550 -6.72 17.19 -32.00
N SER K 551 -7.59 16.27 -31.63
CA SER K 551 -7.79 15.92 -30.23
C SER K 551 -8.14 14.45 -30.14
N VAL K 552 -7.99 13.90 -28.95
CA VAL K 552 -8.36 12.50 -28.76
C VAL K 552 -9.85 12.35 -28.67
N GLU K 553 -10.54 13.36 -28.15
CA GLU K 553 -12.00 13.32 -28.17
C GLU K 553 -12.51 13.09 -29.58
N GLU K 554 -11.74 13.51 -30.59
CA GLU K 554 -11.95 13.00 -31.93
C GLU K 554 -11.89 11.48 -31.94
N VAL K 555 -10.79 10.95 -31.41
CA VAL K 555 -10.50 9.53 -31.44
C VAL K 555 -11.66 8.77 -30.85
N ILE K 556 -11.80 8.85 -29.54
CA ILE K 556 -12.84 8.12 -28.84
C ILE K 556 -14.19 8.47 -29.43
N LEU K 557 -14.38 9.75 -29.76
CA LEU K 557 -15.61 10.20 -30.38
C LEU K 557 -16.02 9.28 -31.50
N GLU K 558 -15.11 9.03 -32.42
CA GLU K 558 -15.45 8.08 -33.45
C GLU K 558 -15.17 6.66 -33.03
N ARG K 559 -14.71 6.42 -31.81
CA ARG K 559 -14.70 5.04 -31.32
C ARG K 559 -16.08 4.62 -30.88
N ALA K 560 -16.53 5.14 -29.75
CA ALA K 560 -17.90 4.88 -29.34
C ALA K 560 -18.87 5.42 -30.37
N TYR K 561 -18.41 6.28 -31.25
CA TYR K 561 -19.26 6.73 -32.35
C TYR K 561 -19.26 5.73 -33.48
N LYS K 562 -18.18 4.99 -33.67
CA LYS K 562 -18.31 3.71 -34.36
C LYS K 562 -19.44 2.95 -33.71
N LYS K 563 -19.35 2.78 -32.39
CA LYS K 563 -20.43 2.13 -31.67
C LYS K 563 -21.76 2.81 -31.97
N LEU K 564 -21.74 4.10 -32.32
CA LEU K 564 -22.96 4.78 -32.73
C LEU K 564 -23.43 4.31 -34.08
N ASP K 565 -22.53 3.82 -34.91
CA ASP K 565 -22.98 3.00 -36.02
C ASP K 565 -22.98 1.52 -35.67
N ILE K 566 -22.35 1.12 -34.58
CA ILE K 566 -22.40 -0.27 -34.17
C ILE K 566 -23.67 -0.57 -33.39
N ASP K 567 -24.05 0.33 -32.48
CA ASP K 567 -25.28 0.13 -31.73
C ASP K 567 -26.46 0.09 -32.68
N GLY K 568 -26.55 1.07 -33.55
CA GLY K 568 -27.65 1.10 -34.48
C GLY K 568 -27.58 -0.06 -35.45
N LYS K 569 -26.52 -0.87 -35.38
CA LYS K 569 -26.33 -1.93 -36.36
C LYS K 569 -26.86 -3.27 -35.85
N VAL K 570 -26.17 -3.89 -34.90
CA VAL K 570 -26.72 -5.09 -34.31
C VAL K 570 -27.97 -4.74 -33.52
N ILE K 571 -27.96 -3.58 -32.89
CA ILE K 571 -29.15 -3.07 -32.27
C ILE K 571 -30.14 -2.61 -33.33
N GLN K 572 -29.68 -2.32 -34.54
CA GLN K 572 -30.61 -2.19 -35.66
C GLN K 572 -31.35 -3.49 -35.88
N ALA K 573 -30.62 -4.61 -35.81
CA ALA K 573 -31.32 -5.88 -35.77
C ALA K 573 -32.32 -5.92 -34.64
N GLY K 574 -31.93 -5.42 -33.47
CA GLY K 574 -32.90 -5.17 -32.44
C GLY K 574 -34.03 -4.27 -32.91
N LYS K 575 -33.79 -3.47 -33.94
CA LYS K 575 -34.77 -2.50 -34.40
C LYS K 575 -35.70 -3.06 -35.45
N PHE K 576 -35.39 -4.21 -36.06
CA PHE K 576 -36.51 -4.93 -36.66
C PHE K 576 -37.19 -5.84 -35.65
N ASP K 577 -36.42 -6.53 -34.82
CA ASP K 577 -37.01 -7.52 -33.94
C ASP K 577 -37.97 -6.87 -32.96
N ASN K 578 -37.75 -5.59 -32.68
CA ASN K 578 -38.65 -4.81 -31.85
C ASN K 578 -40.08 -5.04 -32.33
N LYS K 579 -40.39 -4.52 -33.51
CA LYS K 579 -41.73 -4.69 -34.03
C LYS K 579 -42.05 -6.14 -34.31
N SER K 580 -41.02 -6.99 -34.40
CA SER K 580 -41.09 -8.42 -34.71
C SER K 580 -41.27 -8.71 -36.19
N THR K 581 -41.37 -7.69 -37.05
CA THR K 581 -41.66 -7.84 -38.47
C THR K 581 -40.44 -7.53 -39.34
N SER K 582 -40.37 -8.15 -40.52
CA SER K 582 -39.18 -8.08 -41.36
C SER K 582 -39.11 -6.81 -42.20
N GLU K 583 -40.24 -6.28 -42.63
CA GLU K 583 -40.24 -5.01 -43.36
C GLU K 583 -39.41 -3.97 -42.64
N GLU K 584 -39.44 -4.02 -41.30
CA GLU K 584 -38.56 -3.25 -40.45
C GLU K 584 -37.12 -3.42 -40.93
N GLN K 585 -36.58 -4.63 -40.82
CA GLN K 585 -35.19 -4.85 -41.21
C GLN K 585 -34.97 -4.45 -42.65
N GLU K 586 -36.04 -4.36 -43.41
CA GLU K 586 -35.93 -3.99 -44.80
C GLU K 586 -35.75 -2.49 -44.97
N ALA K 587 -36.35 -1.68 -44.11
CA ALA K 587 -35.92 -0.29 -43.98
C ALA K 587 -34.51 -0.23 -43.42
N LEU K 588 -34.22 -1.14 -42.50
CA LEU K 588 -32.93 -1.24 -41.86
C LEU K 588 -31.85 -1.66 -42.81
N LEU K 589 -32.21 -2.06 -44.02
CA LEU K 589 -31.21 -2.39 -45.02
C LEU K 589 -30.36 -1.18 -45.34
N ARG K 590 -31.00 -0.13 -45.85
CA ARG K 590 -30.29 1.09 -46.18
C ARG K 590 -30.21 2.05 -45.01
N SER K 591 -31.02 1.83 -43.98
CA SER K 591 -30.65 2.40 -42.69
C SER K 591 -29.22 2.00 -42.38
N LEU K 592 -28.96 0.69 -42.43
CA LEU K 592 -27.66 0.09 -42.24
C LEU K 592 -26.63 0.65 -43.21
N LEU K 593 -26.74 0.22 -44.46
CA LEU K 593 -25.67 0.46 -45.41
C LEU K 593 -25.50 1.94 -45.65
N ASP K 594 -26.59 2.70 -45.66
CA ASP K 594 -26.47 4.14 -45.72
C ASP K 594 -25.74 4.68 -44.50
N ALA K 595 -26.05 4.14 -43.33
CA ALA K 595 -25.32 4.54 -42.13
C ALA K 595 -23.82 4.38 -42.34
N GLU K 596 -23.38 3.20 -42.80
CA GLU K 596 -21.96 3.03 -43.05
C GLU K 596 -21.45 3.97 -44.11
N GLU K 597 -22.25 4.20 -45.15
CA GLU K 597 -21.88 5.20 -46.14
C GLU K 597 -21.45 6.46 -45.43
N GLU K 598 -22.29 6.92 -44.53
CA GLU K 598 -21.95 8.08 -43.71
C GLU K 598 -20.67 7.82 -42.95
N ARG K 599 -20.54 6.62 -42.40
CA ARG K 599 -19.41 6.29 -41.54
C ARG K 599 -18.09 6.48 -42.26
N ARG K 600 -18.07 6.19 -43.56
CA ARG K 600 -16.88 6.42 -44.34
C ARG K 600 -16.90 7.74 -45.08
N LYS K 601 -17.99 8.50 -44.98
CA LYS K 601 -17.87 9.90 -45.32
C LYS K 601 -16.95 10.59 -44.33
N LYS K 602 -16.80 10.00 -43.15
CA LYS K 602 -15.87 10.48 -42.14
C LYS K 602 -14.42 10.35 -42.58
N ARG K 603 -14.16 9.71 -43.73
CA ARG K 603 -12.79 9.72 -44.25
C ARG K 603 -12.24 11.13 -44.31
N GLU K 604 -13.12 12.12 -44.45
CA GLU K 604 -12.77 13.49 -44.13
C GLU K 604 -12.61 13.62 -42.63
N GLU K 612 -11.59 24.38 -36.99
CA GLU K 612 -11.59 25.22 -38.19
C GLU K 612 -12.97 25.80 -38.42
N LEU K 613 -13.45 26.58 -37.44
CA LEU K 613 -14.81 27.09 -37.48
C LEU K 613 -14.79 28.53 -36.99
N LYS K 614 -15.36 29.44 -37.79
CA LYS K 614 -15.60 30.81 -37.35
C LYS K 614 -17.07 30.95 -36.98
N ASP K 615 -17.32 31.50 -35.80
CA ASP K 615 -18.63 31.43 -35.18
C ASP K 615 -19.70 32.16 -35.99
N SER K 616 -19.31 32.84 -37.06
CA SER K 616 -20.30 33.31 -38.02
C SER K 616 -21.24 32.17 -38.38
N GLU K 617 -20.69 31.11 -38.95
CA GLU K 617 -21.48 29.97 -39.37
C GLU K 617 -22.38 29.46 -38.25
N ILE K 618 -21.81 29.29 -37.05
CA ILE K 618 -22.62 28.91 -35.90
C ILE K 618 -23.79 29.86 -35.74
N ASN K 619 -23.51 31.16 -35.76
CA ASN K 619 -24.57 32.16 -35.68
C ASN K 619 -25.65 31.83 -36.66
N GLU K 620 -25.27 31.28 -37.81
CA GLU K 620 -26.27 30.93 -38.79
C GLU K 620 -26.88 29.55 -38.55
N ILE K 621 -26.28 28.71 -37.70
CA ILE K 621 -26.88 27.42 -37.40
C ILE K 621 -27.75 27.47 -36.16
N LEU K 622 -27.73 28.56 -35.41
CA LEU K 622 -28.41 28.59 -34.13
C LEU K 622 -29.84 29.07 -34.25
N ALA K 623 -30.35 29.25 -35.46
CA ALA K 623 -31.71 29.73 -35.59
C ALA K 623 -32.66 28.59 -35.28
N ARG K 624 -33.42 28.74 -34.22
CA ARG K 624 -34.69 28.03 -34.12
C ARG K 624 -35.84 28.89 -34.62
N ASN K 625 -35.59 30.18 -34.79
CA ASN K 625 -36.38 31.08 -35.62
C ASN K 625 -35.41 32.02 -36.30
N ASP K 626 -35.94 32.80 -37.23
CA ASP K 626 -35.09 33.79 -37.88
C ASP K 626 -34.85 35.01 -37.00
N GLU K 627 -35.75 35.28 -36.05
CA GLU K 627 -35.49 36.30 -35.04
C GLU K 627 -34.15 36.06 -34.37
N GLU K 628 -33.92 34.83 -33.90
CA GLU K 628 -32.64 34.47 -33.31
C GLU K 628 -31.50 34.94 -34.21
N MET K 629 -31.60 34.64 -35.50
CA MET K 629 -30.60 35.12 -36.44
C MET K 629 -30.38 36.61 -36.29
N ALA K 630 -31.45 37.40 -36.40
CA ALA K 630 -31.29 38.85 -36.39
C ALA K 630 -30.65 39.31 -35.09
N VAL K 631 -31.31 39.01 -33.96
CA VAL K 631 -30.89 39.62 -32.71
C VAL K 631 -29.52 39.13 -32.29
N LEU K 632 -29.16 37.90 -32.67
CA LEU K 632 -27.84 37.40 -32.27
C LEU K 632 -26.76 37.96 -33.18
N THR K 633 -27.03 38.05 -34.47
CA THR K 633 -26.17 38.83 -35.33
C THR K 633 -25.96 40.22 -34.76
N ARG K 634 -26.93 40.70 -34.00
CA ARG K 634 -26.73 41.96 -33.31
C ARG K 634 -26.05 41.83 -31.96
N MET K 635 -26.09 40.66 -31.34
CA MET K 635 -25.08 40.34 -30.33
C MET K 635 -23.72 40.54 -30.95
N ASP K 636 -23.65 40.34 -32.25
CA ASP K 636 -22.45 40.56 -33.00
C ASP K 636 -22.38 41.96 -33.58
N GLU K 637 -23.45 42.75 -33.50
CA GLU K 637 -23.26 44.20 -33.53
C GLU K 637 -22.44 44.61 -32.33
N ASP K 638 -22.80 44.08 -31.17
CA ASP K 638 -22.13 44.38 -29.93
C ASP K 638 -20.67 43.97 -29.97
N ARG K 639 -20.41 42.66 -29.94
CA ARG K 639 -19.03 42.21 -29.99
C ARG K 639 -18.38 42.55 -31.31
N SER K 640 -19.15 42.96 -32.30
CA SER K 640 -18.60 43.62 -33.48
C SER K 640 -17.90 44.90 -33.09
N LYS K 641 -18.66 45.91 -32.69
CA LYS K 641 -18.11 47.25 -32.63
C LYS K 641 -17.17 47.44 -31.44
N LYS K 642 -17.47 46.80 -30.30
CA LYS K 642 -16.44 46.50 -29.33
C LYS K 642 -15.97 45.08 -29.65
N GLU K 643 -14.75 44.97 -30.16
CA GLU K 643 -14.38 43.85 -30.99
C GLU K 643 -14.34 42.52 -30.24
N GLU K 644 -13.99 42.50 -28.96
CA GLU K 644 -13.93 41.25 -28.21
C GLU K 644 -15.32 40.84 -27.73
N LYS K 649 -7.87 40.45 -27.53
CA LYS K 649 -6.89 39.49 -27.06
C LYS K 649 -6.91 38.24 -27.92
N SER K 650 -5.84 37.47 -27.83
CA SER K 650 -5.74 36.27 -28.64
C SER K 650 -6.80 35.26 -28.19
N ARG K 651 -7.28 34.47 -29.14
CA ARG K 651 -8.27 33.43 -28.87
C ARG K 651 -7.76 32.44 -27.83
N LEU K 652 -6.80 31.60 -28.21
CA LEU K 652 -6.18 30.68 -27.27
C LEU K 652 -5.19 31.40 -26.38
N LEU K 653 -4.85 30.76 -25.26
CA LEU K 653 -3.56 31.07 -24.68
C LEU K 653 -2.49 30.68 -25.68
N GLU K 654 -1.72 31.67 -26.14
CA GLU K 654 -0.64 31.42 -27.07
C GLU K 654 0.48 32.36 -26.68
N LYS K 655 1.66 31.80 -26.43
CA LYS K 655 2.69 32.56 -25.73
C LYS K 655 3.46 33.47 -26.68
N LYS K 671 4.23 33.28 -19.41
CA LYS K 671 4.33 32.62 -20.70
C LYS K 671 5.59 31.78 -20.87
N ARG K 672 6.46 32.28 -21.77
CA ARG K 672 7.48 31.43 -22.39
C ARG K 672 8.56 31.01 -21.42
N GLU K 673 8.65 31.62 -20.25
CA GLU K 673 9.52 31.04 -19.22
C GLU K 673 8.87 29.80 -18.63
N GLU K 674 7.57 29.87 -18.33
CA GLU K 674 6.84 28.70 -17.88
C GLU K 674 6.72 27.65 -18.98
N SER K 675 7.13 27.97 -20.20
CA SER K 675 7.25 26.94 -21.22
C SER K 675 8.27 25.89 -20.78
N GLU K 676 9.52 26.31 -20.55
CA GLU K 676 10.55 25.36 -20.11
C GLU K 676 10.35 24.98 -18.65
N SER K 677 10.22 25.97 -17.76
CA SER K 677 10.08 25.66 -16.34
C SER K 677 8.81 24.87 -16.08
N ALA K 678 7.65 25.47 -16.39
CA ALA K 678 6.39 24.75 -16.20
C ALA K 678 6.32 23.51 -17.07
N ALA K 679 7.11 23.45 -18.13
CA ALA K 679 7.23 22.21 -18.89
C ALA K 679 7.84 21.11 -18.04
N VAL K 680 8.96 21.40 -17.39
CA VAL K 680 9.64 20.39 -16.59
C VAL K 680 8.82 20.04 -15.36
N TYR K 681 8.21 21.05 -14.72
CA TYR K 681 7.25 20.75 -13.65
C TYR K 681 6.08 19.95 -14.16
N ASN K 682 5.78 20.03 -15.46
CA ASN K 682 4.87 19.09 -16.09
C ASN K 682 5.61 17.90 -16.68
N GLY K 683 6.94 17.95 -16.73
CA GLY K 683 7.77 16.84 -17.12
C GLY K 683 8.00 15.80 -16.05
N ARG K 684 7.28 15.90 -14.93
CA ARG K 684 7.42 14.96 -13.84
C ARG K 684 6.91 13.58 -14.22
#